data_6SSI
#
_entry.id   6SSI
#
_cell.length_a   105.604
_cell.length_b   146.563
_cell.length_c   140.242
_cell.angle_alpha   90.000
_cell.angle_beta   111.390
_cell.angle_gamma   90.000
#
_symmetry.space_group_name_H-M   'P 1 21 1'
#
loop_
_entity.id
_entity.type
_entity.pdbx_description
1 polymer 'Cys-loop ligand-gated ion channel'
2 polymer 'NANOBODY 22'
3 non-polymer 'GAMMA-AMINO-BUTANOIC ACID'
4 non-polymer '2-(N-MORPHOLINO)-ETHANESULFONIC ACID'
5 non-polymer GLYCEROL
6 non-polymer 'CALCIUM ION'
7 non-polymer 'TETRAETHYLENE GLYCOL'
8 non-polymer UNDECYL-MALTOSIDE
9 non-polymer 'ACETATE ION'
10 water water
#
loop_
_entity_poly.entity_id
_entity_poly.type
_entity_poly.pdbx_seq_one_letter_code
_entity_poly.pdbx_strand_id
1 'polypeptide(L)'
;GPVDARPVDVSVSIFINKIYGVNTLEQTYKVDGYIVAQWTGKPRKTPGDKPLIVENTQIERWINNGLWVPALEFINVVGS
PDTGNKRLMLFPDGRVIYNARFLGSFSNDMDFRLFPFDRQQFVLELEPFSYNNQQLRFSDIQVYTENIDNEEIDEWWIRG
KASTHISDIRYDHLSSVQPNQNEFSRITVRIDAVRNPSYYLWSFILPLGLIIAASWSVFWLESFSERLQTSFTLMLTVVA
YAFYTSNILPRLPYTTVIDQMIIAGYGSIFAAILLIIFAHHRQANGVEDDLLIQRCRLAFPLGFLAIGCVLVIRGITG
;
A,B,C,D,E
2 'polypeptide(L)'
;QVQLQESGGGLAQAGGSMRLSCIASGRNFFINIMNWYRQAPGKQRELVAQITRAGTTTYADSVKGRFTISRDNAKNTVYL
QMSTLQSEDTAVYYCNVGASWGQGTQVTVSSHHHHHHEPEA
;
F,G,H,I,J
#
loop_
_chem_comp.id
_chem_comp.type
_chem_comp.name
_chem_comp.formula
ABU non-polymer 'GAMMA-AMINO-BUTANOIC ACID' 'C4 H9 N O2'
ACT non-polymer 'ACETATE ION' 'C2 H3 O2 -1'
CA non-polymer 'CALCIUM ION' 'Ca 2'
GOL non-polymer GLYCEROL 'C3 H8 O3'
MES non-polymer '2-(N-MORPHOLINO)-ETHANESULFONIC ACID' 'C6 H13 N O4 S'
PG4 non-polymer 'TETRAETHYLENE GLYCOL' 'C8 H18 O5'
UMQ non-polymer UNDECYL-MALTOSIDE 'C23 H44 O11'
#
# COMPACT_ATOMS: atom_id res chain seq x y z
N ALA A 5 34.23 30.59 -7.70
CA ALA A 5 34.69 29.21 -7.67
C ALA A 5 34.16 28.44 -8.88
N ARG A 6 35.00 27.54 -9.42
CA ARG A 6 34.64 26.69 -10.56
C ARG A 6 33.57 25.67 -10.19
N PRO A 7 32.84 25.09 -11.18
CA PRO A 7 31.82 24.08 -10.84
C PRO A 7 32.44 22.74 -10.51
N VAL A 8 31.68 21.92 -9.78
CA VAL A 8 32.11 20.57 -9.44
C VAL A 8 31.59 19.70 -10.56
N ASP A 9 32.51 19.09 -11.31
CA ASP A 9 32.14 18.20 -12.40
C ASP A 9 31.78 16.84 -11.82
N VAL A 10 30.57 16.38 -12.14
CA VAL A 10 30.03 15.12 -11.64
C VAL A 10 29.84 14.14 -12.81
N SER A 11 30.49 12.98 -12.73
CA SER A 11 30.33 11.94 -13.73
C SER A 11 29.24 11.00 -13.20
N VAL A 12 28.26 10.64 -14.04
CA VAL A 12 27.15 9.79 -13.61
C VAL A 12 27.04 8.54 -14.47
N SER A 13 26.64 7.42 -13.85
CA SER A 13 26.33 6.16 -14.52
C SER A 13 24.99 5.66 -14.00
N ILE A 14 24.11 5.23 -14.92
CA ILE A 14 22.79 4.72 -14.56
C ILE A 14 22.63 3.30 -15.10
N PHE A 15 22.34 2.33 -14.23
CA PHE A 15 22.13 0.94 -14.62
C PHE A 15 20.66 0.66 -14.51
N ILE A 16 20.07 0.07 -15.56
CA ILE A 16 18.65 -0.25 -15.63
C ILE A 16 18.48 -1.77 -15.62
N ASN A 17 17.95 -2.29 -14.51
CA ASN A 17 17.76 -3.72 -14.34
C ASN A 17 16.44 -4.20 -14.88
N LYS A 18 15.37 -3.42 -14.64
CA LYS A 18 14.02 -3.82 -14.97
C LYS A 18 13.14 -2.61 -15.26
N ILE A 19 12.25 -2.76 -16.24
CA ILE A 19 11.23 -1.77 -16.59
C ILE A 19 9.93 -2.54 -16.68
N TYR A 20 9.00 -2.20 -15.81
CA TYR A 20 7.72 -2.91 -15.70
C TYR A 20 6.67 -1.99 -15.05
N GLY A 21 5.50 -2.57 -14.72
CA GLY A 21 4.42 -1.91 -14.02
C GLY A 21 3.90 -0.66 -14.69
N VAL A 22 3.77 -0.72 -16.04
CA VAL A 22 3.27 0.41 -16.83
C VAL A 22 1.83 0.66 -16.44
N ASN A 23 1.53 1.88 -16.00
CA ASN A 23 0.17 2.30 -15.68
C ASN A 23 -0.25 3.26 -16.78
N THR A 24 -1.20 2.84 -17.60
CA THR A 24 -1.65 3.59 -18.77
C THR A 24 -2.36 4.91 -18.44
N LEU A 25 -3.29 4.89 -17.47
CA LEU A 25 -4.00 6.10 -17.05
C LEU A 25 -3.09 7.14 -16.38
N GLU A 26 -2.22 6.68 -15.45
CA GLU A 26 -1.28 7.55 -14.76
C GLU A 26 -0.12 7.95 -15.65
N GLN A 27 0.11 7.24 -16.78
CA GLN A 27 1.22 7.49 -17.70
C GLN A 27 2.54 7.37 -16.90
N THR A 28 2.65 6.26 -16.17
CA THR A 28 3.81 5.97 -15.33
C THR A 28 4.32 4.57 -15.60
N TYR A 29 5.53 4.30 -15.12
CA TYR A 29 6.21 3.03 -15.23
C TYR A 29 7.25 2.94 -14.13
N LYS A 30 7.59 1.71 -13.77
CA LYS A 30 8.54 1.43 -12.71
C LYS A 30 9.89 1.05 -13.28
N VAL A 31 10.95 1.55 -12.64
CA VAL A 31 12.31 1.31 -13.05
C VAL A 31 13.13 0.89 -11.82
N ASP A 32 13.81 -0.26 -11.92
CA ASP A 32 14.73 -0.75 -10.90
C ASP A 32 16.14 -0.63 -11.49
N GLY A 33 17.04 -0.05 -10.73
CA GLY A 33 18.42 0.07 -11.17
C GLY A 33 19.30 0.70 -10.13
N TYR A 34 20.47 1.13 -10.59
CA TYR A 34 21.47 1.79 -9.76
C TYR A 34 21.83 3.14 -10.36
N ILE A 35 22.33 4.02 -9.50
CA ILE A 35 22.83 5.35 -9.85
C ILE A 35 24.18 5.49 -9.21
N VAL A 36 25.18 5.81 -10.03
CA VAL A 36 26.54 6.01 -9.58
C VAL A 36 26.92 7.44 -9.93
N ALA A 37 27.36 8.21 -8.94
CA ALA A 37 27.79 9.60 -9.11
C ALA A 37 29.20 9.76 -8.55
N GLN A 38 30.11 10.26 -9.39
CA GLN A 38 31.50 10.48 -9.01
C GLN A 38 31.89 11.94 -9.18
N TRP A 39 32.67 12.45 -8.24
CA TRP A 39 33.21 13.81 -8.26
C TRP A 39 34.45 13.85 -7.39
N THR A 40 35.15 14.98 -7.40
CA THR A 40 36.38 15.15 -6.64
C THR A 40 36.23 16.29 -5.67
N GLY A 41 36.42 15.97 -4.41
CA GLY A 41 36.42 16.94 -3.32
C GLY A 41 37.83 17.16 -2.82
N LYS A 42 37.96 17.75 -1.63
CA LYS A 42 39.28 17.97 -1.04
C LYS A 42 39.89 16.64 -0.60
N PRO A 43 41.23 16.48 -0.72
CA PRO A 43 41.86 15.23 -0.26
C PRO A 43 41.58 14.96 1.21
N ARG A 44 41.74 13.71 1.62
CA ARG A 44 41.52 13.29 3.00
C ARG A 44 42.40 12.09 3.33
N LYS A 45 42.55 11.81 4.62
CA LYS A 45 43.32 10.67 5.09
C LYS A 45 42.37 9.54 5.39
N THR A 46 42.67 8.35 4.85
CA THR A 46 41.82 7.19 5.05
C THR A 46 42.64 6.03 5.64
N PRO A 47 41.99 5.08 6.34
CA PRO A 47 42.72 3.91 6.89
C PRO A 47 43.60 3.22 5.86
N GLY A 48 44.91 3.21 6.14
CA GLY A 48 45.94 2.63 5.30
C GLY A 48 46.10 3.26 3.93
N ASP A 49 45.63 4.54 3.79
CA ASP A 49 45.67 5.32 2.53
C ASP A 49 45.01 4.54 1.38
N LYS A 50 43.90 3.85 1.69
CA LYS A 50 43.17 3.03 0.74
C LYS A 50 41.76 3.59 0.55
N PRO A 51 41.04 3.26 -0.55
CA PRO A 51 39.64 3.72 -0.66
C PRO A 51 38.83 3.24 0.55
N LEU A 52 38.06 4.14 1.14
CA LEU A 52 37.20 3.85 2.29
C LEU A 52 35.75 3.67 1.86
N ILE A 53 35.12 2.61 2.39
CA ILE A 53 33.73 2.25 2.14
C ILE A 53 32.89 2.73 3.31
N VAL A 54 31.82 3.46 2.99
CA VAL A 54 30.86 3.97 3.97
C VAL A 54 29.50 3.54 3.46
N GLU A 55 28.82 2.65 4.19
CA GLU A 55 27.52 2.13 3.76
C GLU A 55 26.37 2.63 4.59
N ASN A 56 25.26 2.87 3.91
CA ASN A 56 23.94 3.19 4.44
C ASN A 56 23.93 4.24 5.56
N THR A 57 23.59 3.82 6.79
CA THR A 57 23.43 4.68 7.97
C THR A 57 24.65 5.52 8.27
N GLN A 58 25.84 5.03 7.91
CA GLN A 58 27.09 5.75 8.15
C GLN A 58 27.25 6.97 7.28
N ILE A 59 26.60 6.99 6.11
CA ILE A 59 26.63 8.14 5.21
C ILE A 59 26.17 9.41 5.94
N GLU A 60 25.02 9.34 6.66
CA GLU A 60 24.44 10.46 7.42
C GLU A 60 25.43 11.02 8.43
N ARG A 61 26.17 10.13 9.16
CA ARG A 61 27.19 10.53 10.13
C ARG A 61 28.29 11.37 9.48
N TRP A 62 28.72 11.02 8.26
CA TRP A 62 29.74 11.76 7.51
C TRP A 62 29.23 13.12 7.07
N ILE A 63 27.97 13.20 6.60
CA ILE A 63 27.33 14.45 6.16
C ILE A 63 27.23 15.43 7.34
N ASN A 64 26.88 14.92 8.53
CA ASN A 64 26.80 15.73 9.76
C ASN A 64 28.14 16.34 10.11
N ASN A 65 29.25 15.64 9.83
CA ASN A 65 30.60 16.10 10.12
C ASN A 65 31.17 17.05 9.06
N GLY A 66 30.46 17.24 7.95
CA GLY A 66 30.89 18.18 6.93
C GLY A 66 31.04 17.67 5.52
N LEU A 67 30.87 16.35 5.31
CA LEU A 67 30.99 15.78 3.96
C LEU A 67 29.87 16.30 3.05
N TRP A 68 30.25 16.77 1.86
CA TRP A 68 29.36 17.31 0.86
C TRP A 68 28.87 16.20 -0.07
N VAL A 69 27.57 15.87 0.02
CA VAL A 69 26.92 14.84 -0.79
C VAL A 69 25.68 15.52 -1.37
N PRO A 70 25.78 16.14 -2.56
CA PRO A 70 24.61 16.86 -3.11
C PRO A 70 23.46 15.94 -3.49
N ALA A 71 22.23 16.38 -3.23
CA ALA A 71 21.04 15.62 -3.57
C ALA A 71 20.78 15.73 -5.05
N LEU A 72 20.76 14.58 -5.72
CA LEU A 72 20.48 14.51 -7.15
C LEU A 72 19.05 14.05 -7.25
N GLU A 73 18.21 14.89 -7.82
CA GLU A 73 16.79 14.62 -7.92
C GLU A 73 16.36 13.98 -9.25
N PHE A 74 15.42 13.02 -9.18
CA PHE A 74 14.80 12.46 -10.37
C PHE A 74 13.64 13.40 -10.67
N ILE A 75 13.81 14.26 -11.68
CA ILE A 75 12.81 15.26 -12.08
C ILE A 75 11.44 14.63 -12.35
N ASN A 76 11.40 13.51 -13.07
CA ASN A 76 10.15 12.86 -13.49
C ASN A 76 9.71 11.66 -12.61
N VAL A 77 10.15 11.64 -11.34
CA VAL A 77 9.76 10.59 -10.43
C VAL A 77 8.40 10.94 -9.85
N VAL A 78 7.58 9.92 -9.57
CA VAL A 78 6.26 10.10 -8.98
C VAL A 78 6.35 9.54 -7.56
N GLY A 79 6.49 10.41 -6.58
CA GLY A 79 6.65 10.00 -5.20
C GLY A 79 8.11 9.73 -4.92
N SER A 80 8.45 9.54 -3.64
CA SER A 80 9.84 9.29 -3.27
C SER A 80 10.29 7.92 -3.76
N PRO A 81 11.43 7.84 -4.50
CA PRO A 81 11.92 6.53 -4.94
C PRO A 81 12.34 5.68 -3.75
N ASP A 82 12.23 4.37 -3.91
CA ASP A 82 12.63 3.42 -2.89
C ASP A 82 14.12 3.18 -3.02
N THR A 83 14.90 3.81 -2.14
CA THR A 83 16.35 3.64 -2.12
C THR A 83 16.69 2.36 -1.34
N GLY A 84 17.46 1.50 -1.97
CA GLY A 84 17.94 0.27 -1.32
C GLY A 84 19.26 0.56 -0.65
N ASN A 85 20.24 -0.31 -0.84
CA ASN A 85 21.57 -0.12 -0.29
C ASN A 85 22.24 1.06 -0.98
N LYS A 86 23.08 1.76 -0.23
CA LYS A 86 23.80 2.91 -0.73
C LYS A 86 25.14 2.98 -0.06
N ARG A 87 26.12 3.52 -0.78
CA ARG A 87 27.47 3.67 -0.26
C ARG A 87 28.21 4.85 -0.83
N LEU A 88 29.26 5.23 -0.10
CA LEU A 88 30.25 6.22 -0.50
C LEU A 88 31.58 5.53 -0.49
N MET A 89 32.34 5.76 -1.55
CA MET A 89 33.71 5.28 -1.66
C MET A 89 34.54 6.53 -1.62
N LEU A 90 35.30 6.69 -0.53
CA LEU A 90 36.14 7.86 -0.31
C LEU A 90 37.60 7.54 -0.58
N PHE A 91 38.21 8.30 -1.49
CA PHE A 91 39.60 8.09 -1.86
C PHE A 91 40.47 9.14 -1.23
N PRO A 92 41.75 8.82 -0.92
CA PRO A 92 42.65 9.84 -0.33
C PRO A 92 42.89 11.07 -1.21
N ASP A 93 42.93 10.92 -2.55
CA ASP A 93 43.11 12.04 -3.48
C ASP A 93 41.93 13.05 -3.51
N GLY A 94 40.81 12.67 -2.90
CA GLY A 94 39.62 13.53 -2.83
C GLY A 94 38.40 13.05 -3.59
N ARG A 95 38.57 12.00 -4.41
CA ARG A 95 37.49 11.39 -5.18
C ARG A 95 36.41 10.84 -4.26
N VAL A 96 35.16 10.93 -4.73
CA VAL A 96 33.98 10.43 -4.02
C VAL A 96 33.09 9.73 -5.05
N ILE A 97 32.78 8.45 -4.80
CA ILE A 97 31.88 7.66 -5.64
C ILE A 97 30.66 7.31 -4.79
N TYR A 98 29.50 7.82 -5.20
CA TYR A 98 28.23 7.56 -4.55
C TYR A 98 27.52 6.48 -5.35
N ASN A 99 27.15 5.39 -4.69
CA ASN A 99 26.48 4.25 -5.30
C ASN A 99 25.19 3.99 -4.54
N ALA A 100 24.08 3.80 -5.26
CA ALA A 100 22.78 3.54 -4.64
C ALA A 100 21.83 2.78 -5.54
N ARG A 101 21.12 1.81 -4.97
CA ARG A 101 20.09 1.05 -5.67
C ARG A 101 18.80 1.85 -5.53
N PHE A 102 17.95 1.83 -6.56
CA PHE A 102 16.68 2.55 -6.53
C PHE A 102 15.59 1.80 -7.25
N LEU A 103 14.38 2.00 -6.79
CA LEU A 103 13.17 1.53 -7.44
C LEU A 103 12.20 2.69 -7.36
N GLY A 104 11.88 3.25 -8.51
CA GLY A 104 10.96 4.37 -8.57
C GLY A 104 9.90 4.26 -9.66
N SER A 105 8.83 5.03 -9.48
CA SER A 105 7.75 5.16 -10.45
C SER A 105 8.05 6.46 -11.16
N PHE A 106 8.20 6.39 -12.48
CA PHE A 106 8.54 7.53 -13.31
C PHE A 106 7.40 7.83 -14.25
N SER A 107 7.22 9.11 -14.54
CA SER A 107 6.19 9.63 -15.40
C SER A 107 6.76 10.09 -16.73
N ASN A 108 5.94 9.99 -17.78
CA ASN A 108 6.23 10.47 -19.13
C ASN A 108 4.95 10.49 -19.92
N ASP A 109 4.89 11.36 -20.95
CA ASP A 109 3.76 11.46 -21.88
C ASP A 109 3.78 10.20 -22.72
N MET A 110 2.73 9.40 -22.53
CA MET A 110 2.59 8.11 -23.21
C MET A 110 1.31 8.10 -23.99
N ASP A 111 1.44 7.79 -25.29
CA ASP A 111 0.32 7.73 -26.22
C ASP A 111 0.05 6.28 -26.62
N PHE A 112 -1.04 5.72 -26.11
CA PHE A 112 -1.44 4.34 -26.35
C PHE A 112 -2.54 4.24 -27.42
N ARG A 113 -2.74 5.28 -28.26
CA ARG A 113 -3.78 5.27 -29.29
C ARG A 113 -3.65 4.12 -30.27
N LEU A 114 -2.38 3.78 -30.60
CA LEU A 114 -2.06 2.69 -31.52
C LEU A 114 -2.04 1.33 -30.85
N PHE A 115 -2.50 1.22 -29.58
CA PHE A 115 -2.54 -0.05 -28.86
C PHE A 115 -3.27 -1.11 -29.69
N PRO A 116 -2.77 -2.36 -29.79
CA PRO A 116 -1.60 -2.93 -29.12
C PRO A 116 -0.27 -2.82 -29.89
N PHE A 117 -0.15 -1.84 -30.79
CA PHE A 117 1.03 -1.64 -31.63
C PHE A 117 1.74 -0.33 -31.32
N ASP A 118 1.60 0.13 -30.08
CA ASP A 118 2.20 1.37 -29.60
C ASP A 118 3.68 1.22 -29.27
N ARG A 119 4.42 2.31 -29.47
CA ARG A 119 5.82 2.41 -29.11
C ARG A 119 5.88 3.47 -28.04
N GLN A 120 6.68 3.21 -26.99
CA GLN A 120 6.81 4.11 -25.85
C GLN A 120 8.26 4.43 -25.55
N GLN A 121 8.48 5.54 -24.85
CA GLN A 121 9.80 5.96 -24.42
C GLN A 121 9.83 5.96 -22.90
N PHE A 122 10.68 5.12 -22.31
CA PHE A 122 10.86 5.10 -20.86
C PHE A 122 12.01 6.05 -20.58
N VAL A 123 11.67 7.17 -19.93
CA VAL A 123 12.59 8.27 -19.66
C VAL A 123 12.98 8.36 -18.18
N LEU A 124 14.21 8.82 -17.95
CA LEU A 124 14.75 9.16 -16.64
C LEU A 124 15.38 10.53 -16.78
N GLU A 125 14.96 11.45 -15.92
CA GLU A 125 15.52 12.81 -15.89
C GLU A 125 16.14 13.05 -14.54
N LEU A 126 17.45 13.31 -14.52
CA LEU A 126 18.22 13.54 -13.30
C LEU A 126 18.79 14.95 -13.31
N GLU A 127 18.70 15.64 -12.17
CA GLU A 127 19.16 17.01 -12.04
C GLU A 127 19.54 17.32 -10.59
N PRO A 128 20.59 18.15 -10.33
CA PRO A 128 20.91 18.53 -8.94
C PRO A 128 19.75 19.33 -8.37
N PHE A 129 19.36 19.04 -7.13
CA PHE A 129 18.24 19.67 -6.47
C PHE A 129 18.47 21.13 -6.07
N SER A 130 19.72 21.50 -5.74
CA SER A 130 20.01 22.84 -5.22
C SER A 130 21.18 23.56 -5.85
N TYR A 131 21.90 22.94 -6.78
CA TYR A 131 23.11 23.50 -7.36
C TYR A 131 23.01 23.71 -8.86
N ASN A 132 23.31 24.93 -9.34
CA ASN A 132 23.26 25.28 -10.78
C ASN A 132 24.55 24.86 -11.50
N ASN A 133 24.68 25.20 -12.82
CA ASN A 133 25.85 24.92 -13.67
C ASN A 133 27.14 25.43 -13.09
N GLN A 134 27.13 26.64 -12.50
CA GLN A 134 28.30 27.28 -11.91
C GLN A 134 28.82 26.61 -10.66
N GLN A 135 27.97 25.78 -10.02
CA GLN A 135 28.30 25.07 -8.77
C GLN A 135 28.45 23.59 -8.97
N LEU A 136 27.53 22.97 -9.73
CA LEU A 136 27.51 21.54 -10.01
C LEU A 136 27.01 21.33 -11.42
N ARG A 137 27.81 20.64 -12.20
CA ARG A 137 27.43 20.28 -13.55
C ARG A 137 27.80 18.85 -13.87
N PHE A 138 27.01 18.21 -14.73
CA PHE A 138 27.27 16.84 -15.15
C PHE A 138 28.29 16.86 -16.27
N SER A 139 29.43 16.19 -16.07
CA SER A 139 30.51 16.14 -17.05
C SER A 139 30.26 15.10 -18.13
N ASP A 140 29.59 14.01 -17.78
CA ASP A 140 29.28 12.89 -18.68
C ASP A 140 28.27 11.95 -18.06
N ILE A 141 27.54 11.23 -18.91
CA ILE A 141 26.55 10.24 -18.53
C ILE A 141 26.77 8.96 -19.30
N GLN A 142 26.70 7.82 -18.59
CA GLN A 142 26.75 6.48 -19.17
C GLN A 142 25.56 5.68 -18.68
N VAL A 143 24.93 4.93 -19.58
CA VAL A 143 23.77 4.10 -19.30
C VAL A 143 24.05 2.66 -19.64
N TYR A 144 23.55 1.75 -18.80
CA TYR A 144 23.67 0.32 -18.99
C TYR A 144 22.28 -0.31 -18.94
N THR A 145 21.92 -1.07 -19.99
CA THR A 145 20.62 -1.76 -20.12
C THR A 145 20.82 -3.26 -20.45
N GLU A 146 21.94 -3.85 -19.96
CA GLU A 146 22.39 -5.21 -20.22
C GLU A 146 21.48 -6.24 -19.62
N ASN A 147 21.00 -5.97 -18.39
CA ASN A 147 20.07 -6.86 -17.68
C ASN A 147 18.77 -7.08 -18.43
N ILE A 148 18.37 -6.12 -19.28
CA ILE A 148 17.18 -6.24 -20.12
C ILE A 148 17.60 -6.85 -21.46
N ASP A 149 17.22 -8.12 -21.67
CA ASP A 149 17.51 -8.82 -22.92
C ASP A 149 16.21 -9.17 -23.56
N ASN A 150 16.07 -8.79 -24.85
CA ASN A 150 14.86 -9.02 -25.61
C ASN A 150 14.56 -10.48 -25.89
N GLU A 151 13.48 -10.97 -25.28
CA GLU A 151 13.01 -12.33 -25.47
C GLU A 151 11.63 -12.20 -26.08
N GLU A 152 11.18 -13.26 -26.74
CA GLU A 152 9.88 -13.31 -27.40
C GLU A 152 8.71 -13.38 -26.41
N ILE A 153 9.01 -13.53 -25.10
CA ILE A 153 7.99 -13.63 -24.05
C ILE A 153 7.99 -12.39 -23.15
N ASP A 154 8.75 -11.37 -23.56
CA ASP A 154 8.79 -10.13 -22.81
C ASP A 154 7.62 -9.29 -23.29
N GLU A 155 6.90 -8.65 -22.35
CA GLU A 155 5.77 -7.77 -22.67
C GLU A 155 6.23 -6.60 -23.54
N TRP A 156 7.45 -6.11 -23.30
CA TRP A 156 8.05 -5.02 -24.03
C TRP A 156 9.37 -5.43 -24.61
N TRP A 157 9.66 -4.91 -25.81
CA TRP A 157 10.92 -5.15 -26.50
C TRP A 157 11.71 -3.87 -26.50
N ILE A 158 12.78 -3.84 -25.71
CA ILE A 158 13.63 -2.68 -25.52
C ILE A 158 14.69 -2.60 -26.60
N ARG A 159 14.87 -1.44 -27.20
CA ARG A 159 15.92 -1.23 -28.18
C ARG A 159 17.20 -0.95 -27.38
N GLY A 160 18.18 -1.86 -27.47
CA GLY A 160 19.49 -1.80 -26.80
C GLY A 160 20.13 -0.43 -26.81
N LYS A 161 20.02 0.30 -27.94
CA LYS A 161 20.53 1.65 -28.12
C LYS A 161 19.70 2.66 -27.31
N ALA A 162 20.20 3.02 -26.12
CA ALA A 162 19.54 3.97 -25.25
C ALA A 162 20.07 5.35 -25.55
N SER A 163 19.17 6.33 -25.62
CA SER A 163 19.53 7.72 -25.86
C SER A 163 19.94 8.37 -24.54
N THR A 164 21.02 9.17 -24.57
CA THR A 164 21.56 9.88 -23.40
C THR A 164 21.90 11.28 -23.81
N HIS A 165 21.62 12.24 -22.92
CA HIS A 165 21.86 13.64 -23.19
C HIS A 165 22.08 14.41 -21.91
N ILE A 166 22.96 15.42 -21.99
CA ILE A 166 23.23 16.38 -20.93
C ILE A 166 22.86 17.73 -21.50
N SER A 167 21.97 18.44 -20.80
CA SER A 167 21.52 19.76 -21.21
C SER A 167 21.50 20.72 -20.03
N ASP A 168 21.20 21.98 -20.30
CA ASP A 168 21.08 23.02 -19.28
C ASP A 168 19.65 23.55 -19.29
N ILE A 169 18.99 23.46 -18.14
CA ILE A 169 17.61 23.88 -17.96
C ILE A 169 17.55 25.25 -17.35
N ARG A 170 17.03 26.19 -18.11
CA ARG A 170 16.87 27.56 -17.65
C ARG A 170 15.49 27.70 -17.05
N TYR A 171 15.43 28.08 -15.78
CA TYR A 171 14.17 28.28 -15.08
C TYR A 171 13.82 29.74 -15.15
N ASP A 172 12.72 30.07 -15.85
CA ASP A 172 12.23 31.44 -16.04
C ASP A 172 11.89 32.16 -14.74
N HIS A 173 11.47 31.41 -13.70
CA HIS A 173 11.11 31.97 -12.39
C HIS A 173 12.34 32.38 -11.53
N LEU A 174 13.56 32.31 -12.09
CA LEU A 174 14.79 32.67 -11.38
C LEU A 174 15.41 33.93 -11.99
N SER A 175 15.98 34.79 -11.14
CA SER A 175 16.57 36.06 -11.54
C SER A 175 18.06 36.14 -11.21
N PRO A 179 24.35 37.56 -13.94
CA PRO A 179 24.37 37.20 -15.35
C PRO A 179 23.43 36.04 -15.67
N ASN A 180 23.72 34.84 -15.11
CA ASN A 180 22.96 33.62 -15.32
C ASN A 180 23.29 32.52 -14.28
N GLN A 181 22.53 32.51 -13.19
CA GLN A 181 22.65 31.50 -12.15
C GLN A 181 21.30 30.77 -12.03
N ASN A 182 20.55 30.73 -13.15
CA ASN A 182 19.21 30.15 -13.27
C ASN A 182 19.16 28.89 -14.15
N GLU A 183 20.34 28.38 -14.54
CA GLU A 183 20.46 27.21 -15.38
C GLU A 183 21.02 26.04 -14.60
N PHE A 184 20.40 24.87 -14.77
CA PHE A 184 20.79 23.66 -14.06
C PHE A 184 21.18 22.59 -15.04
N SER A 185 22.21 21.83 -14.71
CA SER A 185 22.66 20.72 -15.53
C SER A 185 21.70 19.54 -15.34
N ARG A 186 21.20 18.99 -16.45
CA ARG A 186 20.26 17.87 -16.40
C ARG A 186 20.70 16.72 -17.25
N ILE A 187 20.54 15.50 -16.75
CA ILE A 187 20.78 14.25 -17.49
C ILE A 187 19.41 13.73 -17.93
N THR A 188 19.32 13.28 -19.19
CA THR A 188 18.10 12.69 -19.77
C THR A 188 18.44 11.35 -20.41
N VAL A 189 17.77 10.30 -19.97
CA VAL A 189 17.92 8.96 -20.50
C VAL A 189 16.60 8.56 -21.12
N ARG A 190 16.63 8.10 -22.38
CA ARG A 190 15.44 7.67 -23.11
C ARG A 190 15.65 6.26 -23.61
N ILE A 191 14.76 5.37 -23.23
CA ILE A 191 14.78 3.96 -23.64
C ILE A 191 13.54 3.70 -24.48
N ASP A 192 13.75 3.33 -25.75
CA ASP A 192 12.68 3.00 -26.68
C ASP A 192 12.22 1.58 -26.44
N ALA A 193 10.91 1.40 -26.40
CA ALA A 193 10.29 0.11 -26.19
C ALA A 193 9.11 -0.05 -27.11
N VAL A 194 8.95 -1.26 -27.63
CA VAL A 194 7.86 -1.62 -28.52
C VAL A 194 7.07 -2.70 -27.78
N ARG A 195 5.74 -2.54 -27.73
CA ARG A 195 4.87 -3.52 -27.11
C ARG A 195 4.86 -4.82 -27.93
N ASN A 196 4.78 -5.96 -27.23
CA ASN A 196 4.67 -7.26 -27.87
C ASN A 196 3.17 -7.47 -28.12
N PRO A 197 2.72 -7.39 -29.40
CA PRO A 197 1.28 -7.49 -29.70
C PRO A 197 0.70 -8.89 -29.93
N SER A 198 1.52 -9.95 -29.83
CA SER A 198 1.10 -11.33 -30.06
C SER A 198 -0.18 -11.73 -29.33
N TYR A 199 -0.20 -11.59 -27.98
CA TYR A 199 -1.36 -11.92 -27.16
C TYR A 199 -2.66 -11.27 -27.64
N TYR A 200 -2.60 -9.97 -27.94
CA TYR A 200 -3.75 -9.20 -28.38
C TYR A 200 -4.20 -9.56 -29.80
N LEU A 201 -3.28 -10.02 -30.66
CA LEU A 201 -3.63 -10.42 -32.02
C LEU A 201 -4.41 -11.72 -32.06
N TRP A 202 -3.95 -12.73 -31.33
CA TRP A 202 -4.57 -14.03 -31.31
C TRP A 202 -5.80 -14.14 -30.44
N SER A 203 -5.79 -13.45 -29.28
CA SER A 203 -6.87 -13.54 -28.29
C SER A 203 -7.94 -12.47 -28.39
N PHE A 204 -7.63 -11.35 -29.07
CA PHE A 204 -8.57 -10.23 -29.15
C PHE A 204 -8.95 -9.84 -30.59
N ILE A 205 -7.97 -9.57 -31.43
CA ILE A 205 -8.27 -9.11 -32.78
C ILE A 205 -8.87 -10.22 -33.65
N LEU A 206 -8.24 -11.41 -33.66
CA LEU A 206 -8.68 -12.55 -34.46
C LEU A 206 -10.13 -12.94 -34.14
N PRO A 207 -10.51 -13.30 -32.88
CA PRO A 207 -11.91 -13.65 -32.61
C PRO A 207 -12.91 -12.56 -32.94
N LEU A 208 -12.51 -11.28 -32.77
CA LEU A 208 -13.38 -10.16 -33.12
C LEU A 208 -13.64 -10.12 -34.62
N GLY A 209 -12.61 -10.43 -35.41
CA GLY A 209 -12.67 -10.51 -36.88
C GLY A 209 -13.67 -11.56 -37.31
N LEU A 210 -13.63 -12.74 -36.65
CA LEU A 210 -14.54 -13.86 -36.90
C LEU A 210 -15.97 -13.55 -36.54
N ILE A 211 -16.19 -12.86 -35.41
CA ILE A 211 -17.52 -12.43 -34.94
C ILE A 211 -18.14 -11.43 -35.92
N ILE A 212 -17.34 -10.47 -36.41
CA ILE A 212 -17.78 -9.46 -37.38
C ILE A 212 -18.08 -10.14 -38.71
N ALA A 213 -17.20 -11.06 -39.18
CA ALA A 213 -17.43 -11.78 -40.44
C ALA A 213 -18.69 -12.64 -40.36
N ALA A 214 -18.85 -13.41 -39.23
CA ALA A 214 -20.03 -14.25 -38.97
C ALA A 214 -21.30 -13.43 -38.90
N SER A 215 -21.20 -12.12 -38.58
CA SER A 215 -22.38 -11.26 -38.55
C SER A 215 -22.93 -11.01 -39.95
N TRP A 216 -22.05 -11.05 -40.97
CA TRP A 216 -22.42 -10.86 -42.39
C TRP A 216 -23.19 -12.02 -42.95
N SER A 217 -23.13 -13.19 -42.29
CA SER A 217 -23.83 -14.40 -42.68
C SER A 217 -25.36 -14.28 -42.49
N VAL A 218 -25.83 -13.21 -41.81
CA VAL A 218 -27.25 -12.93 -41.58
C VAL A 218 -28.01 -12.80 -42.91
N PHE A 219 -27.34 -12.23 -43.95
CA PHE A 219 -27.91 -12.03 -45.28
C PHE A 219 -28.15 -13.34 -46.02
N TRP A 220 -27.62 -14.45 -45.49
CA TRP A 220 -27.79 -15.78 -46.06
C TRP A 220 -29.00 -16.51 -45.50
N LEU A 221 -29.61 -15.95 -44.44
CA LEU A 221 -30.84 -16.50 -43.88
C LEU A 221 -31.97 -16.26 -44.85
N GLU A 222 -32.94 -17.18 -44.89
CA GLU A 222 -34.02 -17.20 -45.87
C GLU A 222 -35.10 -16.19 -45.67
N SER A 223 -35.74 -16.21 -44.49
CA SER A 223 -36.85 -15.34 -44.17
C SER A 223 -36.44 -14.07 -43.43
N PHE A 224 -37.28 -13.06 -43.55
CA PHE A 224 -37.11 -11.78 -42.89
C PHE A 224 -37.08 -11.97 -41.38
N SER A 225 -38.02 -12.79 -40.83
CA SER A 225 -38.12 -13.09 -39.41
C SER A 225 -36.79 -13.64 -38.89
N GLU A 226 -36.19 -14.61 -39.61
CA GLU A 226 -34.91 -15.21 -39.24
C GLU A 226 -33.79 -14.18 -39.25
N ARG A 227 -33.71 -13.35 -40.31
CA ARG A 227 -32.67 -12.34 -40.47
C ARG A 227 -32.67 -11.32 -39.35
N LEU A 228 -33.84 -10.80 -38.98
CA LEU A 228 -33.94 -9.78 -37.94
C LEU A 228 -33.66 -10.29 -36.54
N GLN A 229 -34.25 -11.43 -36.14
CA GLN A 229 -34.06 -12.04 -34.82
C GLN A 229 -32.59 -12.44 -34.56
N THR A 230 -31.89 -12.90 -35.60
CA THR A 230 -30.48 -13.27 -35.51
C THR A 230 -29.61 -12.04 -35.24
N SER A 231 -29.98 -10.88 -35.84
CA SER A 231 -29.25 -9.63 -35.67
C SER A 231 -29.16 -9.21 -34.22
N PHE A 232 -30.23 -9.48 -33.43
CA PHE A 232 -30.27 -9.17 -32.00
C PHE A 232 -29.31 -10.05 -31.21
N THR A 233 -29.14 -11.32 -31.65
CA THR A 233 -28.18 -12.23 -31.03
C THR A 233 -26.78 -11.73 -31.34
N LEU A 234 -26.59 -11.19 -32.56
CA LEU A 234 -25.31 -10.66 -33.02
C LEU A 234 -24.93 -9.41 -32.27
N MET A 235 -25.91 -8.51 -32.05
CA MET A 235 -25.74 -7.28 -31.27
C MET A 235 -25.36 -7.67 -29.85
N LEU A 236 -26.04 -8.68 -29.27
CA LEU A 236 -25.73 -9.19 -27.94
C LEU A 236 -24.30 -9.77 -27.85
N THR A 237 -23.80 -10.36 -28.95
CA THR A 237 -22.45 -10.94 -29.01
C THR A 237 -21.38 -9.85 -29.00
N VAL A 238 -21.66 -8.71 -29.67
CA VAL A 238 -20.72 -7.60 -29.74
C VAL A 238 -20.64 -6.92 -28.37
N VAL A 239 -21.77 -6.82 -27.65
CA VAL A 239 -21.85 -6.24 -26.32
C VAL A 239 -21.05 -7.13 -25.37
N ALA A 240 -21.21 -8.46 -25.51
CA ALA A 240 -20.50 -9.45 -24.72
C ALA A 240 -19.00 -9.34 -24.98
N TYR A 241 -18.60 -9.15 -26.24
CA TYR A 241 -17.20 -9.01 -26.60
C TYR A 241 -16.60 -7.68 -26.19
N ALA A 242 -17.38 -6.57 -26.33
CA ALA A 242 -16.97 -5.21 -26.00
C ALA A 242 -16.50 -5.16 -24.56
N PHE A 243 -17.15 -5.98 -23.73
CA PHE A 243 -16.84 -6.08 -22.33
C PHE A 243 -15.64 -6.98 -22.05
N TYR A 244 -15.60 -8.19 -22.64
CA TYR A 244 -14.51 -9.14 -22.46
C TYR A 244 -13.16 -8.46 -22.65
N THR A 245 -13.09 -7.56 -23.65
CA THR A 245 -11.89 -6.79 -23.96
C THR A 245 -11.62 -5.72 -22.93
N SER A 246 -12.65 -4.90 -22.59
CA SER A 246 -12.52 -3.81 -21.63
C SER A 246 -12.06 -4.26 -20.24
N ASN A 247 -12.43 -5.48 -19.84
CA ASN A 247 -12.05 -6.04 -18.54
C ASN A 247 -10.56 -6.42 -18.44
N ILE A 248 -9.89 -6.64 -19.58
CA ILE A 248 -8.48 -7.05 -19.62
C ILE A 248 -7.58 -5.94 -20.11
N LEU A 249 -7.97 -5.29 -21.22
CA LEU A 249 -7.22 -4.20 -21.85
C LEU A 249 -7.06 -3.01 -20.90
N PRO A 250 -6.00 -2.21 -21.06
CA PRO A 250 -5.78 -1.11 -20.11
C PRO A 250 -6.76 0.05 -20.29
N ARG A 251 -6.99 0.78 -19.18
CA ARG A 251 -7.87 1.94 -19.16
C ARG A 251 -7.17 3.09 -19.82
N LEU A 252 -7.87 3.75 -20.73
CA LEU A 252 -7.34 4.88 -21.47
C LEU A 252 -8.40 5.95 -21.61
N PRO A 253 -8.00 7.24 -21.73
CA PRO A 253 -8.99 8.32 -21.92
C PRO A 253 -9.44 8.47 -23.39
N TYR A 254 -9.03 7.54 -24.25
CA TYR A 254 -9.34 7.55 -25.67
C TYR A 254 -9.53 6.13 -26.20
N THR A 255 -10.00 6.03 -27.44
CA THR A 255 -10.24 4.74 -28.07
C THR A 255 -8.96 4.27 -28.72
N THR A 256 -8.74 2.96 -28.68
CA THR A 256 -7.59 2.31 -29.27
C THR A 256 -8.05 1.71 -30.61
N VAL A 257 -7.24 0.83 -31.20
CA VAL A 257 -7.57 0.15 -32.45
C VAL A 257 -8.71 -0.87 -32.19
N ILE A 258 -8.58 -1.65 -31.11
CA ILE A 258 -9.57 -2.65 -30.69
C ILE A 258 -10.91 -1.99 -30.40
N ASP A 259 -10.91 -0.82 -29.73
CA ASP A 259 -12.13 -0.08 -29.43
C ASP A 259 -12.85 0.36 -30.67
N GLN A 260 -12.10 0.66 -31.75
CA GLN A 260 -12.66 1.07 -33.04
C GLN A 260 -13.28 -0.07 -33.80
N MET A 261 -12.66 -1.28 -33.74
CA MET A 261 -13.18 -2.49 -34.35
C MET A 261 -14.52 -2.83 -33.74
N ILE A 262 -14.66 -2.66 -32.40
CA ILE A 262 -15.90 -2.91 -31.65
C ILE A 262 -17.02 -1.98 -32.15
N ILE A 263 -16.70 -0.68 -32.32
CA ILE A 263 -17.62 0.34 -32.83
C ILE A 263 -18.05 -0.01 -34.26
N ALA A 264 -17.09 -0.48 -35.09
CA ALA A 264 -17.35 -0.89 -36.47
C ALA A 264 -18.32 -2.09 -36.51
N GLY A 265 -18.18 -3.00 -35.55
CA GLY A 265 -19.05 -4.16 -35.35
C GLY A 265 -20.47 -3.73 -35.06
N TYR A 266 -20.64 -2.76 -34.14
CA TYR A 266 -21.96 -2.18 -33.81
C TYR A 266 -22.59 -1.55 -35.02
N GLY A 267 -21.78 -0.83 -35.81
CA GLY A 267 -22.18 -0.17 -37.04
C GLY A 267 -22.65 -1.14 -38.09
N SER A 268 -21.85 -2.20 -38.34
CA SER A 268 -22.16 -3.27 -39.29
C SER A 268 -23.50 -3.94 -38.96
N ILE A 269 -23.68 -4.37 -37.71
CA ILE A 269 -24.92 -5.02 -37.24
C ILE A 269 -26.11 -4.07 -37.33
N PHE A 270 -25.93 -2.82 -36.88
CA PHE A 270 -26.99 -1.82 -36.93
C PHE A 270 -27.38 -1.46 -38.35
N ALA A 271 -26.38 -1.37 -39.26
CA ALA A 271 -26.60 -1.08 -40.68
C ALA A 271 -27.34 -2.25 -41.33
N ALA A 272 -26.99 -3.52 -40.98
CA ALA A 272 -27.67 -4.71 -41.49
C ALA A 272 -29.12 -4.73 -41.03
N ILE A 273 -29.40 -4.31 -39.77
CA ILE A 273 -30.77 -4.23 -39.23
C ILE A 273 -31.63 -3.28 -40.07
N LEU A 274 -31.03 -2.17 -40.54
CA LEU A 274 -31.71 -1.20 -41.38
C LEU A 274 -32.05 -1.79 -42.73
N LEU A 275 -31.07 -2.45 -43.38
CA LEU A 275 -31.22 -3.08 -44.69
C LEU A 275 -32.21 -4.24 -44.66
N ILE A 276 -32.16 -5.06 -43.57
CA ILE A 276 -33.06 -6.19 -43.37
C ILE A 276 -34.51 -5.72 -43.35
N ILE A 277 -34.81 -4.64 -42.59
CA ILE A 277 -36.17 -4.09 -42.48
C ILE A 277 -36.56 -3.42 -43.79
N PHE A 278 -35.59 -2.77 -44.43
CA PHE A 278 -35.76 -2.08 -45.69
C PHE A 278 -36.25 -3.01 -46.77
N ALA A 279 -35.57 -4.16 -47.00
CA ALA A 279 -35.93 -5.16 -47.99
C ALA A 279 -37.33 -5.73 -47.83
N HIS A 280 -37.77 -5.91 -46.58
CA HIS A 280 -39.08 -6.47 -46.26
C HIS A 280 -40.27 -5.54 -46.50
N HIS A 281 -40.05 -4.23 -46.49
CA HIS A 281 -41.11 -3.24 -46.70
C HIS A 281 -40.83 -2.30 -47.87
N ARG A 282 -39.78 -2.58 -48.67
CA ARG A 282 -39.38 -1.77 -49.83
C ARG A 282 -40.44 -1.86 -50.92
N GLN A 283 -40.47 -2.98 -51.66
CA GLN A 283 -41.43 -3.24 -52.74
C GLN A 283 -42.86 -3.23 -52.22
N ALA A 284 -43.81 -2.95 -53.11
CA ALA A 284 -45.23 -2.90 -52.79
C ALA A 284 -45.82 -4.33 -52.68
N ASN A 285 -44.94 -5.35 -52.58
CA ASN A 285 -45.34 -6.76 -52.51
C ASN A 285 -44.79 -7.48 -51.28
N ASP A 289 -40.95 -9.29 -50.75
CA ASP A 289 -39.63 -9.24 -50.12
C ASP A 289 -38.55 -9.07 -51.17
N ASP A 290 -37.69 -8.06 -50.97
CA ASP A 290 -36.60 -7.80 -51.88
C ASP A 290 -35.39 -8.69 -51.56
N LEU A 291 -35.44 -9.96 -52.03
CA LEU A 291 -34.37 -10.93 -51.84
C LEU A 291 -33.16 -10.64 -52.74
N LEU A 292 -33.26 -9.63 -53.63
CA LEU A 292 -32.19 -9.18 -54.52
C LEU A 292 -31.25 -8.25 -53.75
N ILE A 293 -31.80 -7.32 -52.92
CA ILE A 293 -31.01 -6.41 -52.07
C ILE A 293 -30.18 -7.26 -51.11
N GLN A 294 -30.77 -8.40 -50.65
CA GLN A 294 -30.15 -9.38 -49.76
C GLN A 294 -28.90 -9.98 -50.39
N ARG A 295 -28.68 -9.77 -51.73
CA ARG A 295 -27.47 -10.19 -52.44
C ARG A 295 -26.28 -9.29 -52.06
N CYS A 296 -26.45 -8.40 -51.04
CA CYS A 296 -25.40 -7.55 -50.49
C CYS A 296 -24.50 -8.38 -49.55
N ARG A 297 -24.66 -9.73 -49.63
CA ARG A 297 -23.85 -10.73 -48.92
C ARG A 297 -22.40 -10.46 -49.30
N LEU A 298 -22.19 -9.87 -50.50
CA LEU A 298 -20.89 -9.46 -51.05
C LEU A 298 -20.61 -8.00 -50.73
N ALA A 299 -21.64 -7.12 -50.83
CA ALA A 299 -21.49 -5.68 -50.56
C ALA A 299 -21.05 -5.37 -49.17
N PHE A 300 -21.67 -5.97 -48.12
CA PHE A 300 -21.31 -5.78 -46.72
C PHE A 300 -19.85 -6.09 -46.41
N PRO A 301 -19.31 -7.29 -46.73
CA PRO A 301 -17.87 -7.55 -46.49
C PRO A 301 -16.97 -6.57 -47.23
N LEU A 302 -17.37 -6.13 -48.44
CA LEU A 302 -16.61 -5.18 -49.23
C LEU A 302 -16.73 -3.77 -48.72
N GLY A 303 -17.95 -3.31 -48.46
CA GLY A 303 -18.27 -1.99 -47.89
C GLY A 303 -17.62 -1.82 -46.54
N PHE A 304 -17.54 -2.91 -45.77
CA PHE A 304 -16.89 -2.92 -44.46
C PHE A 304 -15.39 -2.87 -44.64
N LEU A 305 -14.82 -3.75 -45.51
CA LEU A 305 -13.38 -3.78 -45.81
C LEU A 305 -12.93 -2.44 -46.40
N ALA A 306 -13.80 -1.77 -47.21
CA ALA A 306 -13.55 -0.47 -47.82
C ALA A 306 -13.43 0.59 -46.73
N ILE A 307 -14.44 0.70 -45.84
CA ILE A 307 -14.44 1.62 -44.70
C ILE A 307 -13.26 1.30 -43.76
N GLY A 308 -12.92 0.01 -43.67
CA GLY A 308 -11.80 -0.46 -42.87
C GLY A 308 -10.45 -0.02 -43.40
N CYS A 309 -10.34 0.12 -44.74
CA CYS A 309 -9.09 0.52 -45.39
C CYS A 309 -8.78 2.00 -45.23
N VAL A 310 -9.82 2.85 -45.31
CA VAL A 310 -9.69 4.30 -45.15
C VAL A 310 -9.42 4.69 -43.67
N LEU A 311 -9.86 3.84 -42.72
CA LEU A 311 -9.66 4.07 -41.29
C LEU A 311 -8.19 3.89 -40.92
N VAL A 312 -7.44 3.09 -41.72
CA VAL A 312 -6.01 2.84 -41.54
C VAL A 312 -5.20 4.06 -41.98
N ILE A 313 -5.67 4.75 -43.04
CA ILE A 313 -5.01 5.92 -43.60
C ILE A 313 -5.28 7.17 -42.74
N VAL B 3 1.44 40.23 19.48
CA VAL B 3 1.21 41.04 20.67
C VAL B 3 2.01 42.34 20.62
N ASP B 4 3.36 42.22 20.45
CA ASP B 4 4.29 43.36 20.39
C ASP B 4 5.17 43.33 19.14
N ALA B 5 5.40 42.14 18.56
CA ALA B 5 6.23 41.99 17.36
C ALA B 5 5.37 41.99 16.11
N ARG B 6 5.90 42.55 15.02
CA ARG B 6 5.22 42.57 13.74
C ARG B 6 5.18 41.16 13.16
N PRO B 7 4.13 40.78 12.39
CA PRO B 7 4.09 39.43 11.80
C PRO B 7 5.19 39.20 10.77
N VAL B 8 5.55 37.92 10.58
CA VAL B 8 6.53 37.50 9.59
C VAL B 8 5.78 37.26 8.28
N ASP B 9 6.09 38.05 7.25
CA ASP B 9 5.47 37.91 5.93
C ASP B 9 6.14 36.79 5.17
N VAL B 10 5.34 35.82 4.70
CA VAL B 10 5.82 34.64 3.97
C VAL B 10 5.34 34.68 2.52
N SER B 11 6.29 34.62 1.59
CA SER B 11 5.98 34.59 0.16
C SER B 11 5.95 33.13 -0.26
N VAL B 12 4.89 32.71 -0.95
CA VAL B 12 4.76 31.32 -1.38
C VAL B 12 4.64 31.17 -2.88
N SER B 13 5.30 30.13 -3.43
CA SER B 13 5.21 29.72 -4.82
C SER B 13 4.94 28.23 -4.87
N ILE B 14 3.86 27.84 -5.56
CA ILE B 14 3.47 26.44 -5.74
C ILE B 14 3.65 26.07 -7.22
N PHE B 15 4.38 25.00 -7.48
CA PHE B 15 4.62 24.48 -8.82
C PHE B 15 3.89 23.16 -8.95
N ILE B 16 2.97 23.08 -9.93
CA ILE B 16 2.17 21.89 -10.19
C ILE B 16 2.77 21.13 -11.36
N ASN B 17 3.24 19.90 -11.10
CA ASN B 17 3.83 19.08 -12.13
C ASN B 17 2.83 18.14 -12.76
N LYS B 18 1.97 17.52 -11.94
CA LYS B 18 1.04 16.49 -12.39
C LYS B 18 -0.18 16.44 -11.50
N ILE B 19 -1.37 16.30 -12.11
CA ILE B 19 -2.65 16.10 -11.43
C ILE B 19 -3.23 14.85 -12.06
N TYR B 20 -3.49 13.84 -11.24
CA TYR B 20 -3.97 12.53 -11.68
C TYR B 20 -4.62 11.77 -10.50
N GLY B 21 -4.91 10.48 -10.72
CA GLY B 21 -5.46 9.57 -9.73
C GLY B 21 -6.73 10.04 -9.06
N VAL B 22 -7.66 10.59 -9.86
CA VAL B 22 -8.94 11.07 -9.32
C VAL B 22 -9.71 9.83 -8.81
N ASN B 23 -10.15 9.89 -7.55
CA ASN B 23 -10.96 8.84 -6.94
C ASN B 23 -12.32 9.45 -6.71
N THR B 24 -13.30 9.01 -7.50
CA THR B 24 -14.65 9.53 -7.49
C THR B 24 -15.39 9.35 -6.16
N LEU B 25 -15.34 8.16 -5.55
CA LEU B 25 -16.03 7.93 -4.28
C LEU B 25 -15.44 8.71 -3.11
N GLU B 26 -14.11 8.79 -3.05
CA GLU B 26 -13.40 9.51 -2.00
C GLU B 26 -13.31 10.98 -2.26
N GLN B 27 -13.60 11.44 -3.51
CA GLN B 27 -13.52 12.84 -3.93
C GLN B 27 -12.11 13.40 -3.68
N THR B 28 -11.11 12.65 -4.13
CA THR B 28 -9.71 13.01 -3.99
C THR B 28 -8.98 12.98 -5.32
N TYR B 29 -7.77 13.53 -5.35
CA TYR B 29 -6.91 13.59 -6.52
C TYR B 29 -5.50 13.74 -6.02
N LYS B 30 -4.55 13.26 -6.82
CA LYS B 30 -3.14 13.32 -6.48
C LYS B 30 -2.49 14.49 -7.19
N VAL B 31 -1.64 15.20 -6.45
CA VAL B 31 -0.93 16.37 -6.96
C VAL B 31 0.55 16.20 -6.66
N ASP B 32 1.40 16.22 -7.69
CA ASP B 32 2.84 16.22 -7.57
C ASP B 32 3.31 17.63 -7.91
N GLY B 33 4.17 18.16 -7.08
CA GLY B 33 4.71 19.48 -7.30
C GLY B 33 5.71 19.91 -6.26
N TYR B 34 6.00 21.20 -6.25
CA TYR B 34 6.94 21.83 -5.32
C TYR B 34 6.24 22.94 -4.61
N ILE B 35 6.70 23.20 -3.39
CA ILE B 35 6.25 24.28 -2.53
C ILE B 35 7.50 25.08 -2.17
N VAL B 36 7.42 26.38 -2.36
CA VAL B 36 8.53 27.27 -2.04
C VAL B 36 7.98 28.35 -1.13
N ALA B 37 8.58 28.52 0.06
CA ALA B 37 8.20 29.55 1.03
C ALA B 37 9.42 30.38 1.36
N GLN B 38 9.25 31.71 1.41
CA GLN B 38 10.33 32.64 1.69
C GLN B 38 9.94 33.70 2.72
N TRP B 39 10.79 33.91 3.72
CA TRP B 39 10.61 34.93 4.75
C TRP B 39 11.98 35.45 5.15
N THR B 40 12.00 36.50 5.97
CA THR B 40 13.22 37.10 6.47
C THR B 40 13.27 36.92 7.97
N GLY B 41 14.37 36.36 8.42
CA GLY B 41 14.63 36.18 9.84
C GLY B 41 15.78 37.04 10.29
N LYS B 42 16.47 36.60 11.35
CA LYS B 42 17.63 37.30 11.88
C LYS B 42 18.83 37.09 10.95
N PRO B 43 19.59 38.18 10.65
CA PRO B 43 20.80 38.01 9.84
C PRO B 43 21.77 37.00 10.45
N ARG B 44 22.66 36.43 9.64
CA ARG B 44 23.62 35.46 10.11
C ARG B 44 24.86 35.50 9.26
N LYS B 45 25.91 34.83 9.71
CA LYS B 45 27.13 34.72 8.94
C LYS B 45 27.07 33.40 8.18
N THR B 46 27.44 33.43 6.91
CA THR B 46 27.44 32.23 6.08
C THR B 46 28.81 32.10 5.43
N PRO B 47 29.27 30.86 5.14
CA PRO B 47 30.57 30.68 4.48
C PRO B 47 30.72 31.52 3.21
N GLY B 48 31.74 32.38 3.23
CA GLY B 48 32.07 33.29 2.14
C GLY B 48 31.03 34.34 1.78
N ASP B 49 30.10 34.66 2.71
N ASP B 49 30.10 34.67 2.72
CA ASP B 49 28.99 35.63 2.57
CA ASP B 49 29.00 35.65 2.57
C ASP B 49 28.05 35.28 1.40
C ASP B 49 28.04 35.28 1.40
N LYS B 50 27.98 33.98 1.09
CA LYS B 50 27.15 33.45 0.00
C LYS B 50 25.96 32.72 0.60
N PRO B 51 24.87 32.50 -0.17
CA PRO B 51 23.77 31.70 0.38
C PRO B 51 24.25 30.31 0.74
N LEU B 52 23.74 29.79 1.85
CA LEU B 52 24.09 28.46 2.33
C LEU B 52 22.94 27.49 2.07
N ILE B 53 23.27 26.32 1.50
CA ILE B 53 22.34 25.25 1.19
C ILE B 53 22.39 24.21 2.28
N VAL B 54 21.21 23.89 2.82
CA VAL B 54 21.03 22.87 3.84
C VAL B 54 19.97 21.96 3.27
N GLU B 55 20.37 20.75 2.86
CA GLU B 55 19.50 19.78 2.24
C GLU B 55 19.07 18.67 3.19
N ASN B 56 17.85 18.21 2.98
CA ASN B 56 17.23 17.05 3.58
C ASN B 56 17.44 16.89 5.11
N THR B 57 18.11 15.81 5.54
CA THR B 57 18.35 15.49 6.97
C THR B 57 19.03 16.60 7.76
N GLN B 58 19.81 17.45 7.08
CA GLN B 58 20.52 18.55 7.73
C GLN B 58 19.60 19.62 8.23
N ILE B 59 18.39 19.71 7.65
CA ILE B 59 17.40 20.71 8.07
C ILE B 59 17.05 20.54 9.54
N GLU B 60 16.78 19.29 9.99
CA GLU B 60 16.43 18.97 11.38
C GLU B 60 17.51 19.41 12.36
N ARG B 61 18.79 19.29 11.95
CA ARG B 61 19.94 19.69 12.76
C ARG B 61 19.97 21.20 12.99
N TRP B 62 19.69 21.99 11.94
CA TRP B 62 19.63 23.46 12.04
C TRP B 62 18.44 23.90 12.89
N ILE B 63 17.32 23.16 12.81
CA ILE B 63 16.11 23.43 13.62
C ILE B 63 16.41 23.20 15.10
N ASN B 64 17.10 22.09 15.43
CA ASN B 64 17.51 21.76 16.80
C ASN B 64 18.34 22.86 17.43
N ASN B 65 19.17 23.56 16.64
CA ASN B 65 20.03 24.65 17.12
C ASN B 65 19.33 26.02 17.16
N GLY B 66 18.03 26.06 16.89
CA GLY B 66 17.27 27.31 16.99
C GLY B 66 16.79 27.97 15.72
N LEU B 67 16.96 27.33 14.54
CA LEU B 67 16.45 27.92 13.30
C LEU B 67 14.93 27.74 13.24
N TRP B 68 14.21 28.85 13.01
CA TRP B 68 12.76 28.87 12.93
C TRP B 68 12.32 28.53 11.52
N VAL B 69 11.59 27.41 11.39
CA VAL B 69 11.03 26.89 10.13
C VAL B 69 9.60 26.51 10.43
N PRO B 70 8.63 27.42 10.21
CA PRO B 70 7.22 27.09 10.53
C PRO B 70 6.62 26.01 9.63
N ALA B 71 5.77 25.17 10.22
CA ALA B 71 5.08 24.10 9.48
C ALA B 71 3.91 24.68 8.73
N LEU B 72 3.92 24.51 7.40
CA LEU B 72 2.84 24.95 6.54
C LEU B 72 2.04 23.73 6.21
N GLU B 73 0.79 23.69 6.66
CA GLU B 73 -0.06 22.53 6.47
C GLU B 73 -0.94 22.62 5.24
N PHE B 74 -1.09 21.51 4.53
CA PHE B 74 -2.03 21.42 3.42
C PHE B 74 -3.33 21.06 4.12
N ILE B 75 -4.25 22.03 4.21
CA ILE B 75 -5.53 21.89 4.88
C ILE B 75 -6.35 20.73 4.31
N ASN B 76 -6.42 20.65 2.98
CA ASN B 76 -7.23 19.68 2.28
C ASN B 76 -6.45 18.44 1.84
N VAL B 77 -5.31 18.15 2.47
CA VAL B 77 -4.57 16.95 2.15
C VAL B 77 -5.22 15.77 2.91
N VAL B 78 -5.19 14.59 2.32
CA VAL B 78 -5.75 13.38 2.93
C VAL B 78 -4.55 12.49 3.28
N GLY B 79 -4.14 12.52 4.53
CA GLY B 79 -2.97 11.77 4.97
C GLY B 79 -1.72 12.62 4.78
N SER B 80 -0.60 12.15 5.32
CA SER B 80 0.64 12.88 5.21
C SER B 80 1.16 12.90 3.77
N PRO B 81 1.44 14.08 3.17
CA PRO B 81 1.99 14.08 1.81
C PRO B 81 3.37 13.43 1.79
N ASP B 82 3.70 12.80 0.68
CA ASP B 82 5.00 12.21 0.50
C ASP B 82 5.95 13.36 0.10
N THR B 83 6.86 13.73 1.01
CA THR B 83 7.89 14.74 0.79
C THR B 83 9.13 14.07 0.20
N GLY B 84 9.58 14.61 -0.92
CA GLY B 84 10.81 14.15 -1.58
C GLY B 84 11.97 14.96 -1.03
N ASN B 85 12.80 15.47 -1.93
CA ASN B 85 13.92 16.32 -1.55
C ASN B 85 13.43 17.66 -1.03
N LYS B 86 14.12 18.17 -0.02
CA LYS B 86 13.82 19.44 0.61
C LYS B 86 15.11 20.14 0.96
N ARG B 87 15.05 21.45 1.06
CA ARG B 87 16.22 22.24 1.40
C ARG B 87 15.86 23.60 1.97
N LEU B 88 16.84 24.19 2.63
CA LEU B 88 16.81 25.55 3.12
C LEU B 88 17.94 26.28 2.42
N MET B 89 17.68 27.51 2.02
CA MET B 89 18.68 28.41 1.48
C MET B 89 18.73 29.56 2.46
N LEU B 90 19.84 29.65 3.19
CA LEU B 90 20.02 30.67 4.23
C LEU B 90 20.93 31.77 3.73
N PHE B 91 20.41 33.00 3.71
CA PHE B 91 21.15 34.17 3.25
C PHE B 91 21.73 34.93 4.43
N PRO B 92 22.88 35.63 4.24
CA PRO B 92 23.45 36.42 5.33
C PRO B 92 22.53 37.52 5.87
N ASP B 93 21.74 38.17 4.99
CA ASP B 93 20.81 39.23 5.39
C ASP B 93 19.60 38.75 6.24
N GLY B 94 19.47 37.45 6.44
CA GLY B 94 18.38 36.87 7.23
C GLY B 94 17.32 36.15 6.43
N ARG B 95 17.31 36.31 5.09
CA ARG B 95 16.35 35.63 4.21
C ARG B 95 16.48 34.12 4.31
N VAL B 96 15.33 33.43 4.40
CA VAL B 96 15.25 31.97 4.44
C VAL B 96 14.31 31.52 3.35
N ILE B 97 14.73 30.54 2.56
CA ILE B 97 13.91 29.95 1.50
C ILE B 97 13.79 28.46 1.75
N TYR B 98 12.55 27.98 1.89
CA TYR B 98 12.26 26.56 2.07
C TYR B 98 11.75 26.04 0.74
N ASN B 99 12.34 24.95 0.28
CA ASN B 99 11.99 24.34 -0.98
C ASN B 99 11.79 22.87 -0.77
N ALA B 100 10.64 22.32 -1.20
CA ALA B 100 10.37 20.90 -1.05
C ALA B 100 9.53 20.32 -2.17
N ARG B 101 9.85 19.09 -2.59
CA ARG B 101 9.05 18.32 -3.54
C ARG B 101 7.99 17.60 -2.73
N PHE B 102 6.76 17.56 -3.23
CA PHE B 102 5.68 16.86 -2.55
C PHE B 102 4.83 16.09 -3.53
N LEU B 103 4.21 15.02 -3.02
CA LEU B 103 3.19 14.23 -3.70
C LEU B 103 2.15 13.93 -2.64
N GLY B 104 0.95 14.48 -2.82
CA GLY B 104 -0.13 14.28 -1.87
C GLY B 104 -1.47 14.01 -2.49
N SER B 105 -2.37 13.43 -1.68
CA SER B 105 -3.75 13.17 -2.06
C SER B 105 -4.55 14.29 -1.45
N PHE B 106 -5.24 15.06 -2.29
CA PHE B 106 -6.00 16.22 -1.83
C PHE B 106 -7.47 15.98 -2.03
N SER B 107 -8.27 16.57 -1.18
CA SER B 107 -9.71 16.46 -1.20
C SER B 107 -10.38 17.77 -1.59
N ASN B 108 -11.54 17.65 -2.22
CA ASN B 108 -12.41 18.76 -2.61
C ASN B 108 -13.78 18.21 -2.92
N ASP B 109 -14.82 19.05 -2.84
CA ASP B 109 -16.19 18.68 -3.22
C ASP B 109 -16.21 18.56 -4.74
N MET B 110 -16.47 17.35 -5.21
CA MET B 110 -16.48 17.03 -6.63
C MET B 110 -17.84 16.47 -7.03
N ASP B 111 -18.45 17.08 -8.04
CA ASP B 111 -19.74 16.67 -8.57
C ASP B 111 -19.54 16.07 -9.96
N PHE B 112 -19.83 14.77 -10.08
CA PHE B 112 -19.68 14.00 -11.32
C PHE B 112 -21.03 13.67 -11.97
N ARG B 113 -22.11 14.37 -11.58
CA ARG B 113 -23.45 14.13 -12.14
C ARG B 113 -23.51 14.33 -13.65
N LEU B 114 -22.72 15.26 -14.18
CA LEU B 114 -22.70 15.54 -15.62
C LEU B 114 -21.72 14.68 -16.36
N PHE B 115 -21.21 13.61 -15.72
CA PHE B 115 -20.28 12.68 -16.33
C PHE B 115 -20.87 12.13 -17.64
N PRO B 116 -20.10 12.03 -18.74
CA PRO B 116 -18.66 12.32 -18.89
C PRO B 116 -18.30 13.75 -19.31
N PHE B 117 -19.20 14.69 -19.09
CA PHE B 117 -19.05 16.11 -19.46
C PHE B 117 -18.94 17.01 -18.23
N ASP B 118 -18.34 16.48 -17.16
CA ASP B 118 -18.17 17.17 -15.90
C ASP B 118 -16.91 18.04 -15.88
N ARG B 119 -16.98 19.13 -15.11
CA ARG B 119 -15.88 20.05 -14.89
C ARG B 119 -15.55 19.99 -13.41
N GLN B 120 -14.25 19.93 -13.10
CA GLN B 120 -13.78 19.83 -11.72
C GLN B 120 -12.82 20.95 -11.35
N GLN B 121 -12.68 21.18 -10.06
CA GLN B 121 -11.76 22.16 -9.51
C GLN B 121 -10.77 21.41 -8.65
N PHE B 122 -9.50 21.39 -9.06
CA PHE B 122 -8.44 20.78 -8.26
C PHE B 122 -7.89 21.89 -7.40
N VAL B 123 -8.20 21.80 -6.09
CA VAL B 123 -7.85 22.79 -5.07
C VAL B 123 -6.67 22.34 -4.18
N LEU B 124 -5.88 23.32 -3.74
CA LEU B 124 -4.81 23.19 -2.75
C LEU B 124 -5.03 24.31 -1.77
N GLU B 125 -5.21 23.96 -0.49
CA GLU B 125 -5.40 24.95 0.56
C GLU B 125 -4.20 24.83 1.48
N LEU B 126 -3.49 25.94 1.70
CA LEU B 126 -2.30 25.97 2.51
C LEU B 126 -2.47 26.96 3.63
N GLU B 127 -2.07 26.59 4.85
CA GLU B 127 -2.23 27.43 6.03
C GLU B 127 -1.15 27.11 7.06
N PRO B 128 -0.61 28.11 7.81
CA PRO B 128 0.36 27.78 8.88
C PRO B 128 -0.37 26.97 9.93
N PHE B 129 0.29 25.91 10.39
CA PHE B 129 -0.27 24.98 11.37
C PHE B 129 -0.46 25.58 12.76
N SER B 130 0.46 26.45 13.21
CA SER B 130 0.43 26.96 14.59
C SER B 130 0.51 28.46 14.78
N TYR B 131 0.66 29.24 13.70
CA TYR B 131 0.84 30.70 13.80
C TYR B 131 -0.28 31.45 13.15
N ASN B 132 -0.92 32.34 13.91
CA ASN B 132 -2.03 33.18 13.42
C ASN B 132 -1.52 34.33 12.54
N ASN B 133 -2.44 35.10 11.93
CA ASN B 133 -2.08 36.20 11.04
C ASN B 133 -1.43 37.44 11.76
N GLN B 134 -1.27 37.37 13.08
CA GLN B 134 -0.61 38.43 13.84
C GLN B 134 0.86 38.01 14.00
N GLN B 135 1.16 36.72 13.73
CA GLN B 135 2.51 36.15 13.87
C GLN B 135 3.13 35.73 12.54
N LEU B 136 2.30 35.21 11.65
CA LEU B 136 2.73 34.76 10.32
C LEU B 136 1.60 34.99 9.36
N ARG B 137 1.88 35.70 8.29
CA ARG B 137 0.89 35.94 7.25
C ARG B 137 1.48 35.77 5.86
N PHE B 138 0.65 35.33 4.91
CA PHE B 138 1.09 35.18 3.54
C PHE B 138 0.99 36.54 2.86
N SER B 139 2.10 37.01 2.27
CA SER B 139 2.18 38.28 1.56
C SER B 139 1.75 38.18 0.11
N ASP B 140 2.06 37.04 -0.53
CA ASP B 140 1.68 36.75 -1.91
C ASP B 140 1.79 35.26 -2.21
N ILE B 141 1.08 34.84 -3.27
CA ILE B 141 1.04 33.48 -3.77
C ILE B 141 1.18 33.51 -5.28
N GLN B 142 2.01 32.62 -5.81
CA GLN B 142 2.16 32.43 -7.24
C GLN B 142 2.09 30.97 -7.56
N VAL B 143 1.30 30.61 -8.60
CA VAL B 143 1.11 29.24 -9.08
C VAL B 143 1.68 29.08 -10.47
N TYR B 144 2.34 27.93 -10.70
CA TYR B 144 2.90 27.58 -11.99
C TYR B 144 2.35 26.25 -12.42
N THR B 145 1.71 26.22 -13.59
CA THR B 145 1.06 25.03 -14.16
C THR B 145 1.55 24.75 -15.57
N GLU B 146 2.65 25.42 -16.00
CA GLU B 146 3.22 25.30 -17.35
C GLU B 146 3.71 23.90 -17.67
N ASN B 147 4.01 23.08 -16.64
CA ASN B 147 4.40 21.68 -16.83
C ASN B 147 3.21 20.86 -17.32
N ILE B 148 1.99 21.37 -17.09
CA ILE B 148 0.76 20.77 -17.59
C ILE B 148 0.42 21.47 -18.90
N ASP B 149 0.37 20.70 -19.99
CA ASP B 149 0.01 21.19 -21.31
C ASP B 149 -1.08 20.30 -21.86
N ASN B 150 -2.17 20.92 -22.31
CA ASN B 150 -3.35 20.23 -22.84
C ASN B 150 -3.14 19.53 -24.17
N GLU B 151 -3.57 18.27 -24.21
CA GLU B 151 -3.48 17.42 -25.39
C GLU B 151 -4.69 16.50 -25.43
N GLU B 152 -4.91 15.91 -26.61
CA GLU B 152 -5.99 14.96 -26.86
C GLU B 152 -5.75 13.62 -26.20
N ILE B 153 -4.49 13.34 -25.81
CA ILE B 153 -4.10 12.11 -25.13
C ILE B 153 -4.24 12.25 -23.60
N ASP B 154 -4.76 13.41 -23.15
CA ASP B 154 -4.93 13.72 -21.75
C ASP B 154 -6.35 13.50 -21.29
N GLU B 155 -6.50 12.83 -20.14
CA GLU B 155 -7.79 12.53 -19.53
C GLU B 155 -8.52 13.84 -19.16
N TRP B 156 -7.75 14.82 -18.65
CA TRP B 156 -8.26 16.12 -18.25
C TRP B 156 -7.61 17.23 -19.01
N TRP B 157 -8.40 18.28 -19.29
CA TRP B 157 -7.94 19.48 -19.96
C TRP B 157 -7.94 20.61 -18.97
N ILE B 158 -6.75 21.01 -18.56
CA ILE B 158 -6.51 22.03 -17.54
C ILE B 158 -6.52 23.41 -18.13
N ARG B 159 -7.23 24.31 -17.47
CA ARG B 159 -7.25 25.71 -17.87
C ARG B 159 -5.97 26.33 -17.33
N GLY B 160 -5.17 26.93 -18.22
CA GLY B 160 -3.90 27.58 -17.89
C GLY B 160 -4.04 28.64 -16.81
N LYS B 161 -5.18 29.36 -16.83
CA LYS B 161 -5.53 30.40 -15.86
C LYS B 161 -5.98 29.80 -14.53
N ALA B 162 -5.07 29.74 -13.56
CA ALA B 162 -5.32 29.23 -12.22
C ALA B 162 -5.80 30.37 -11.32
N SER B 163 -6.75 30.07 -10.44
CA SER B 163 -7.25 31.02 -9.47
C SER B 163 -6.37 30.90 -8.22
N THR B 164 -5.91 32.05 -7.71
CA THR B 164 -5.09 32.14 -6.50
C THR B 164 -5.72 33.14 -5.58
N HIS B 165 -5.72 32.82 -4.30
CA HIS B 165 -6.31 33.70 -3.30
C HIS B 165 -5.58 33.60 -1.98
N ILE B 166 -5.65 34.67 -1.20
CA ILE B 166 -5.13 34.77 0.15
C ILE B 166 -6.28 35.34 0.96
N SER B 167 -6.69 34.61 1.99
CA SER B 167 -7.80 34.99 2.86
C SER B 167 -7.46 34.70 4.31
N ASP B 168 -8.27 35.24 5.21
CA ASP B 168 -8.14 35.06 6.65
C ASP B 168 -9.27 34.20 7.15
N ILE B 169 -8.91 33.09 7.82
CA ILE B 169 -9.84 32.10 8.35
C ILE B 169 -10.05 32.34 9.82
N ARG B 170 -11.30 32.59 10.19
CA ARG B 170 -11.70 32.76 11.57
C ARG B 170 -12.16 31.39 12.10
N TYR B 171 -11.56 30.98 13.21
CA TYR B 171 -11.92 29.72 13.85
C TYR B 171 -12.78 30.00 15.07
N ASP B 172 -14.02 29.46 15.06
CA ASP B 172 -15.01 29.65 16.13
C ASP B 172 -14.61 29.07 17.47
N HIS B 173 -13.88 27.93 17.46
CA HIS B 173 -13.41 27.24 18.67
C HIS B 173 -12.26 27.97 19.41
N LEU B 174 -11.78 29.11 18.87
CA LEU B 174 -10.68 29.86 19.48
C LEU B 174 -11.17 31.16 20.10
N SER B 175 -10.63 31.50 21.30
CA SER B 175 -10.95 32.70 22.06
C SER B 175 -9.93 32.97 23.17
N PRO B 179 -8.73 38.36 22.03
CA PRO B 179 -8.86 39.59 21.23
C PRO B 179 -8.13 39.51 19.89
N ASN B 180 -8.82 38.96 18.86
CA ASN B 180 -8.27 38.80 17.50
C ASN B 180 -6.94 37.98 17.50
N GLN B 181 -7.04 36.74 17.95
CA GLN B 181 -5.91 35.81 18.01
C GLN B 181 -6.35 34.46 17.42
N ASN B 182 -7.48 34.49 16.68
CA ASN B 182 -8.15 33.33 16.10
C ASN B 182 -8.24 33.33 14.57
N GLU B 183 -7.51 34.23 13.91
CA GLU B 183 -7.48 34.33 12.46
C GLU B 183 -6.16 33.85 11.89
N PHE B 184 -6.24 32.97 10.90
CA PHE B 184 -5.07 32.39 10.27
C PHE B 184 -5.06 32.74 8.81
N SER B 185 -3.87 32.97 8.26
CA SER B 185 -3.73 33.28 6.84
C SER B 185 -3.81 31.98 6.03
N ARG B 186 -4.62 31.98 4.96
CA ARG B 186 -4.76 30.81 4.11
C ARG B 186 -4.52 31.13 2.65
N ILE B 187 -3.79 30.25 1.95
CA ILE B 187 -3.61 30.30 0.51
C ILE B 187 -4.58 29.28 -0.10
N THR B 188 -5.30 29.68 -1.16
CA THR B 188 -6.22 28.83 -1.90
C THR B 188 -5.85 28.90 -3.36
N VAL B 189 -5.57 27.74 -3.95
CA VAL B 189 -5.25 27.60 -5.37
C VAL B 189 -6.35 26.72 -5.95
N ARG B 190 -6.95 27.16 -7.06
CA ARG B 190 -8.01 26.41 -7.75
C ARG B 190 -7.62 26.23 -9.18
N ILE B 191 -7.54 24.98 -9.64
CA ILE B 191 -7.21 24.66 -11.02
C ILE B 191 -8.43 24.01 -11.66
N ASP B 192 -9.04 24.70 -12.64
CA ASP B 192 -10.20 24.21 -13.37
C ASP B 192 -9.77 23.19 -14.41
N ALA B 193 -10.57 22.14 -14.55
CA ALA B 193 -10.28 21.06 -15.49
C ALA B 193 -11.56 20.57 -16.10
N VAL B 194 -11.49 20.24 -17.38
CA VAL B 194 -12.63 19.70 -18.11
C VAL B 194 -12.24 18.29 -18.51
N ARG B 195 -13.15 17.32 -18.30
CA ARG B 195 -12.92 15.94 -18.67
C ARG B 195 -12.98 15.81 -20.19
N ASN B 196 -12.05 15.01 -20.75
CA ASN B 196 -12.03 14.66 -22.16
C ASN B 196 -13.12 13.56 -22.37
N PRO B 197 -14.26 13.89 -23.02
CA PRO B 197 -15.34 12.90 -23.17
C PRO B 197 -15.31 12.04 -24.42
N SER B 198 -14.27 12.17 -25.26
CA SER B 198 -14.11 11.43 -26.52
C SER B 198 -14.32 9.94 -26.36
N TYR B 199 -13.58 9.29 -25.43
CA TYR B 199 -13.68 7.86 -25.18
C TYR B 199 -15.08 7.40 -24.79
N TYR B 200 -15.74 8.15 -23.90
CA TYR B 200 -17.08 7.83 -23.42
C TYR B 200 -18.16 8.06 -24.45
N LEU B 201 -17.92 8.99 -25.40
CA LEU B 201 -18.87 9.29 -26.47
C LEU B 201 -18.90 8.18 -27.50
N TRP B 202 -17.72 7.73 -27.96
CA TRP B 202 -17.58 6.71 -28.98
C TRP B 202 -17.78 5.28 -28.50
N SER B 203 -17.31 4.94 -27.30
CA SER B 203 -17.38 3.57 -26.77
C SER B 203 -18.56 3.28 -25.83
N PHE B 204 -19.26 4.32 -25.37
CA PHE B 204 -20.36 4.10 -24.44
C PHE B 204 -21.68 4.68 -24.91
N ILE B 205 -21.72 5.99 -25.19
CA ILE B 205 -22.97 6.66 -25.55
C ILE B 205 -23.48 6.24 -26.93
N LEU B 206 -22.59 6.26 -27.96
CA LEU B 206 -22.95 5.90 -29.33
C LEU B 206 -23.48 4.46 -29.43
N PRO B 207 -22.74 3.40 -28.99
CA PRO B 207 -23.29 2.04 -29.08
C PRO B 207 -24.58 1.83 -28.29
N LEU B 208 -24.74 2.55 -27.16
CA LEU B 208 -25.98 2.49 -26.37
C LEU B 208 -27.16 3.07 -27.14
N GLY B 209 -26.91 4.13 -27.92
CA GLY B 209 -27.89 4.77 -28.78
C GLY B 209 -28.37 3.82 -29.85
N LEU B 210 -27.41 3.11 -30.49
CA LEU B 210 -27.68 2.09 -31.50
C LEU B 210 -28.48 0.96 -30.94
N ILE B 211 -28.21 0.54 -29.68
CA ILE B 211 -28.94 -0.53 -29.00
C ILE B 211 -30.37 -0.13 -28.72
N ILE B 212 -30.57 1.10 -28.16
CA ILE B 212 -31.91 1.61 -27.85
C ILE B 212 -32.72 1.77 -29.14
N ALA B 213 -32.10 2.33 -30.20
CA ALA B 213 -32.76 2.48 -31.50
C ALA B 213 -33.12 1.11 -32.08
N ALA B 214 -32.17 0.14 -32.05
CA ALA B 214 -32.36 -1.24 -32.50
C ALA B 214 -33.44 -1.95 -31.69
N SER B 215 -33.69 -1.53 -30.42
CA SER B 215 -34.74 -2.16 -29.63
C SER B 215 -36.13 -1.80 -30.17
N TRP B 216 -36.26 -0.63 -30.83
CA TRP B 216 -37.51 -0.15 -31.42
C TRP B 216 -37.97 -0.95 -32.62
N SER B 217 -37.07 -1.74 -33.22
CA SER B 217 -37.36 -2.58 -34.38
C SER B 217 -38.19 -3.83 -34.03
N VAL B 218 -38.51 -4.04 -32.74
CA VAL B 218 -39.36 -5.15 -32.28
C VAL B 218 -40.78 -5.01 -32.87
N PHE B 219 -41.22 -3.77 -33.12
CA PHE B 219 -42.53 -3.46 -33.67
C PHE B 219 -42.67 -3.82 -35.14
N TRP B 220 -41.57 -4.20 -35.78
CA TRP B 220 -41.56 -4.58 -37.19
C TRP B 220 -41.69 -6.09 -37.37
N LEU B 221 -41.70 -6.85 -36.27
CA LEU B 221 -41.87 -8.28 -36.34
C LEU B 221 -43.33 -8.57 -36.65
N GLU B 222 -43.58 -9.62 -37.45
CA GLU B 222 -44.89 -9.99 -37.99
C GLU B 222 -45.90 -10.50 -37.01
N SER B 223 -45.49 -11.39 -36.10
CA SER B 223 -46.39 -12.01 -35.13
C SER B 223 -46.12 -11.61 -33.70
N PHE B 224 -47.13 -11.84 -32.85
CA PHE B 224 -47.05 -11.57 -31.43
C PHE B 224 -45.94 -12.39 -30.77
N SER B 225 -45.84 -13.69 -31.12
CA SER B 225 -44.83 -14.60 -30.60
C SER B 225 -43.44 -14.06 -30.86
N GLU B 226 -43.19 -13.52 -32.07
CA GLU B 226 -41.90 -12.96 -32.45
C GLU B 226 -41.57 -11.70 -31.65
N ARG B 227 -42.55 -10.79 -31.51
CA ARG B 227 -42.38 -9.51 -30.80
C ARG B 227 -42.02 -9.68 -29.33
N LEU B 228 -42.69 -10.60 -28.63
CA LEU B 228 -42.47 -10.80 -27.21
C LEU B 228 -41.15 -11.50 -26.89
N GLN B 229 -40.85 -12.62 -27.55
CA GLN B 229 -39.62 -13.37 -27.32
C GLN B 229 -38.34 -12.56 -27.63
N THR B 230 -38.43 -11.65 -28.61
CA THR B 230 -37.32 -10.78 -28.99
C THR B 230 -37.06 -9.74 -27.92
N SER B 231 -38.14 -9.22 -27.29
CA SER B 231 -38.02 -8.24 -26.21
C SER B 231 -37.17 -8.77 -25.09
N PHE B 232 -37.27 -10.09 -24.75
CA PHE B 232 -36.44 -10.72 -23.72
C PHE B 232 -34.98 -10.74 -24.10
N THR B 233 -34.67 -10.89 -25.41
CA THR B 233 -33.30 -10.85 -25.92
C THR B 233 -32.81 -9.41 -25.80
N LEU B 234 -33.71 -8.44 -26.01
CA LEU B 234 -33.41 -7.02 -25.90
C LEU B 234 -33.19 -6.65 -24.45
N MET B 235 -34.04 -7.19 -23.54
CA MET B 235 -33.94 -6.98 -22.10
C MET B 235 -32.61 -7.54 -21.61
N LEU B 236 -32.21 -8.71 -22.13
CA LEU B 236 -30.94 -9.35 -21.82
C LEU B 236 -29.77 -8.51 -22.34
N THR B 237 -29.94 -7.81 -23.47
CA THR B 237 -28.91 -6.97 -24.08
C THR B 237 -28.62 -5.74 -23.23
N VAL B 238 -29.67 -5.16 -22.61
CA VAL B 238 -29.54 -3.98 -21.75
C VAL B 238 -28.80 -4.37 -20.48
N VAL B 239 -29.16 -5.51 -19.87
CA VAL B 239 -28.51 -6.05 -18.67
C VAL B 239 -27.03 -6.24 -18.96
N ALA B 240 -26.72 -6.86 -20.11
CA ALA B 240 -25.34 -7.09 -20.55
C ALA B 240 -24.60 -5.77 -20.69
N TYR B 241 -25.26 -4.75 -21.24
CA TYR B 241 -24.65 -3.44 -21.43
C TYR B 241 -24.49 -2.65 -20.13
N ALA B 242 -25.53 -2.67 -19.26
CA ALA B 242 -25.59 -1.97 -17.98
C ALA B 242 -24.40 -2.38 -17.15
N PHE B 243 -24.03 -3.66 -17.29
CA PHE B 243 -22.89 -4.21 -16.60
C PHE B 243 -21.58 -3.75 -17.22
N TYR B 244 -21.45 -3.87 -18.55
CA TYR B 244 -20.26 -3.46 -19.29
C TYR B 244 -19.85 -2.04 -18.87
N THR B 245 -20.83 -1.14 -18.74
CA THR B 245 -20.60 0.24 -18.31
C THR B 245 -20.13 0.29 -16.87
N SER B 246 -20.92 -0.27 -15.94
CA SER B 246 -20.64 -0.30 -14.51
C SER B 246 -19.23 -0.82 -14.18
N ASN B 247 -18.74 -1.82 -14.90
CA ASN B 247 -17.41 -2.39 -14.69
C ASN B 247 -16.26 -1.45 -15.05
N ILE B 248 -16.52 -0.42 -15.88
CA ILE B 248 -15.49 0.52 -16.35
C ILE B 248 -15.66 1.89 -15.75
N LEU B 249 -16.89 2.42 -15.82
CA LEU B 249 -17.22 3.75 -15.33
C LEU B 249 -16.94 3.89 -13.84
N PRO B 250 -16.63 5.10 -13.36
CA PRO B 250 -16.28 5.24 -11.94
C PRO B 250 -17.44 5.03 -10.98
N ARG B 251 -17.12 4.60 -9.75
CA ARG B 251 -18.10 4.39 -8.70
C ARG B 251 -18.58 5.70 -8.16
N LEU B 252 -19.90 5.88 -8.13
CA LEU B 252 -20.51 7.13 -7.69
C LEU B 252 -21.74 6.86 -6.85
N PRO B 253 -22.11 7.79 -5.93
CA PRO B 253 -23.34 7.58 -5.13
C PRO B 253 -24.60 8.12 -5.82
N TYR B 254 -24.55 8.36 -7.14
CA TYR B 254 -25.67 8.88 -7.93
C TYR B 254 -25.56 8.44 -9.38
N THR B 255 -26.63 8.64 -10.14
CA THR B 255 -26.65 8.28 -11.56
C THR B 255 -26.05 9.40 -12.39
N THR B 256 -25.42 9.02 -13.50
CA THR B 256 -24.81 9.95 -14.44
C THR B 256 -25.70 9.98 -15.68
N VAL B 257 -25.23 10.63 -16.76
CA VAL B 257 -25.92 10.73 -18.04
C VAL B 257 -26.08 9.31 -18.60
N ILE B 258 -24.98 8.52 -18.59
CA ILE B 258 -24.95 7.13 -19.08
C ILE B 258 -25.91 6.26 -18.30
N ASP B 259 -25.95 6.41 -16.96
CA ASP B 259 -26.85 5.63 -16.11
C ASP B 259 -28.29 5.88 -16.43
N GLN B 260 -28.66 7.14 -16.76
CA GLN B 260 -30.02 7.53 -17.13
C GLN B 260 -30.43 6.95 -18.48
N MET B 261 -29.48 6.86 -19.43
CA MET B 261 -29.70 6.27 -20.76
C MET B 261 -30.02 4.79 -20.58
N ILE B 262 -29.29 4.10 -19.67
CA ILE B 262 -29.49 2.68 -19.33
C ILE B 262 -30.89 2.47 -18.76
N ILE B 263 -31.33 3.36 -17.84
CA ILE B 263 -32.65 3.31 -17.21
C ILE B 263 -33.74 3.47 -18.29
N ALA B 264 -33.50 4.41 -19.23
CA ALA B 264 -34.41 4.68 -20.34
C ALA B 264 -34.56 3.43 -21.26
N GLY B 265 -33.46 2.69 -21.46
CA GLY B 265 -33.43 1.45 -22.24
C GLY B 265 -34.30 0.37 -21.63
N TYR B 266 -34.22 0.20 -20.29
CA TYR B 266 -35.03 -0.76 -19.53
C TYR B 266 -36.53 -0.45 -19.68
N GLY B 267 -36.86 0.83 -19.53
CA GLY B 267 -38.21 1.38 -19.65
C GLY B 267 -38.79 1.17 -21.03
N SER B 268 -38.07 1.62 -22.09
CA SER B 268 -38.47 1.49 -23.50
C SER B 268 -38.84 0.03 -23.84
N ILE B 269 -38.00 -0.92 -23.43
CA ILE B 269 -38.23 -2.35 -23.65
C ILE B 269 -39.43 -2.81 -22.83
N PHE B 270 -39.48 -2.45 -21.54
CA PHE B 270 -40.59 -2.85 -20.68
C PHE B 270 -41.93 -2.30 -21.14
N ALA B 271 -41.93 -1.06 -21.65
CA ALA B 271 -43.12 -0.40 -22.20
C ALA B 271 -43.54 -1.11 -23.48
N ALA B 272 -42.56 -1.54 -24.31
CA ALA B 272 -42.82 -2.29 -25.55
C ALA B 272 -43.45 -3.64 -25.21
N ILE B 273 -42.97 -4.35 -24.16
CA ILE B 273 -43.58 -5.61 -23.69
C ILE B 273 -45.06 -5.40 -23.34
N LEU B 274 -45.37 -4.26 -22.69
CA LEU B 274 -46.74 -3.92 -22.34
C LEU B 274 -47.57 -3.65 -23.58
N LEU B 275 -47.04 -2.85 -24.53
CA LEU B 275 -47.71 -2.51 -25.78
C LEU B 275 -47.95 -3.75 -26.61
N ILE B 276 -46.94 -4.65 -26.69
CA ILE B 276 -47.00 -5.91 -27.43
C ILE B 276 -48.12 -6.78 -26.90
N ILE B 277 -48.18 -6.99 -25.57
CA ILE B 277 -49.22 -7.81 -24.95
C ILE B 277 -50.59 -7.16 -25.09
N PHE B 278 -50.65 -5.85 -24.89
CA PHE B 278 -51.88 -5.09 -24.98
C PHE B 278 -52.54 -5.21 -26.34
N ALA B 279 -51.79 -4.94 -27.42
CA ALA B 279 -52.28 -5.05 -28.80
C ALA B 279 -52.83 -6.44 -29.14
N HIS B 280 -52.25 -7.49 -28.55
CA HIS B 280 -52.64 -8.86 -28.81
C HIS B 280 -53.82 -9.37 -27.94
N HIS B 281 -54.17 -8.65 -26.88
CA HIS B 281 -55.29 -9.05 -26.02
C HIS B 281 -56.33 -7.94 -25.87
N ARG B 282 -56.10 -6.79 -26.51
CA ARG B 282 -56.98 -5.63 -26.44
C ARG B 282 -58.34 -5.95 -27.04
N GLN B 283 -58.40 -6.09 -28.38
CA GLN B 283 -59.62 -6.39 -29.15
C GLN B 283 -60.29 -7.68 -28.68
N ALA B 284 -61.60 -7.78 -28.87
CA ALA B 284 -62.37 -8.95 -28.50
C ALA B 284 -62.28 -10.00 -29.63
N ASN B 285 -61.25 -9.87 -30.51
CA ASN B 285 -61.03 -10.71 -31.68
C ASN B 285 -59.61 -10.52 -32.22
N GLY B 286 -58.75 -11.51 -32.00
CA GLY B 286 -57.36 -11.48 -32.44
C GLY B 286 -57.18 -11.22 -33.94
N ASP B 289 -55.18 -8.86 -32.86
CA ASP B 289 -54.14 -8.15 -33.58
C ASP B 289 -54.59 -6.73 -33.91
N ASP B 290 -54.28 -5.81 -32.99
CA ASP B 290 -54.59 -4.41 -33.21
C ASP B 290 -53.43 -3.78 -34.01
N LEU B 291 -53.11 -4.34 -35.20
CA LEU B 291 -52.04 -3.90 -36.12
C LEU B 291 -51.84 -2.37 -36.19
N LEU B 292 -52.93 -1.58 -36.03
CA LEU B 292 -52.87 -0.11 -36.00
C LEU B 292 -51.98 0.38 -34.84
N ILE B 293 -52.20 -0.13 -33.60
CA ILE B 293 -51.38 0.23 -32.43
C ILE B 293 -49.95 -0.27 -32.64
N GLN B 294 -49.80 -1.48 -33.24
CA GLN B 294 -48.50 -2.06 -33.55
C GLN B 294 -47.80 -1.22 -34.65
N ARG B 295 -48.51 -0.20 -35.18
CA ARG B 295 -47.96 0.71 -36.17
C ARG B 295 -47.38 1.94 -35.45
N CYS B 296 -47.05 1.80 -34.14
CA CYS B 296 -46.42 2.85 -33.33
C CYS B 296 -44.90 2.88 -33.58
N ARG B 297 -44.45 2.28 -34.70
CA ARG B 297 -43.05 2.23 -35.14
C ARG B 297 -42.50 3.64 -35.32
N LEU B 298 -43.38 4.66 -35.33
CA LEU B 298 -43.01 6.07 -35.42
C LEU B 298 -43.30 6.80 -34.08
N ALA B 299 -44.26 6.30 -33.30
CA ALA B 299 -44.64 6.90 -32.04
C ALA B 299 -43.69 6.55 -30.91
N PHE B 300 -43.24 5.29 -30.85
CA PHE B 300 -42.32 4.81 -29.83
C PHE B 300 -40.96 5.47 -29.96
N PRO B 301 -40.30 5.48 -31.16
CA PRO B 301 -39.01 6.15 -31.29
C PRO B 301 -39.06 7.64 -31.02
N LEU B 302 -40.19 8.28 -31.39
CA LEU B 302 -40.36 9.71 -31.19
C LEU B 302 -40.77 10.10 -29.78
N GLY B 303 -41.76 9.40 -29.22
CA GLY B 303 -42.27 9.61 -27.86
C GLY B 303 -41.12 9.56 -26.87
N PHE B 304 -40.26 8.56 -27.05
CA PHE B 304 -39.04 8.36 -26.29
C PHE B 304 -38.11 9.56 -26.48
N LEU B 305 -37.83 9.95 -27.75
CA LEU B 305 -36.97 11.09 -28.12
C LEU B 305 -37.36 12.38 -27.43
N ALA B 306 -38.69 12.64 -27.25
CA ALA B 306 -39.19 13.84 -26.57
C ALA B 306 -38.80 13.85 -25.10
N ILE B 307 -38.94 12.71 -24.39
CA ILE B 307 -38.58 12.57 -22.98
C ILE B 307 -37.08 12.83 -22.76
N GLY B 308 -36.26 12.51 -23.77
CA GLY B 308 -34.82 12.76 -23.77
C GLY B 308 -34.50 14.24 -23.77
N CYS B 309 -35.25 15.03 -24.58
CA CYS B 309 -35.09 16.48 -24.69
C CYS B 309 -35.41 17.21 -23.40
N VAL B 310 -36.50 16.79 -22.72
CA VAL B 310 -36.91 17.36 -21.43
C VAL B 310 -35.95 16.90 -20.31
N LEU B 311 -35.26 15.75 -20.51
CA LEU B 311 -34.29 15.24 -19.54
C LEU B 311 -32.99 16.02 -19.66
N VAL B 312 -32.75 16.63 -20.86
CA VAL B 312 -31.56 17.45 -21.14
C VAL B 312 -31.77 18.85 -20.52
N ILE B 313 -33.01 19.37 -20.60
CA ILE B 313 -33.37 20.69 -20.07
C ILE B 313 -33.98 20.56 -18.67
N ARG B 314 -33.45 19.63 -17.86
CA ARG B 314 -33.92 19.37 -16.50
C ARG B 314 -32.96 18.42 -15.79
N GLY B 315 -31.87 18.98 -15.26
CA GLY B 315 -30.86 18.24 -14.53
C GLY B 315 -29.60 19.02 -14.24
N VAL C 3 -2.29 11.59 50.55
CA VAL C 3 -2.21 10.32 49.84
C VAL C 3 -1.51 10.50 48.47
N ASP C 4 -1.77 9.61 47.50
CA ASP C 4 -1.22 9.69 46.14
C ASP C 4 -1.71 10.93 45.42
N ALA C 5 -0.88 11.42 44.48
CA ALA C 5 -1.16 12.59 43.66
C ALA C 5 -2.51 12.44 42.98
N ARG C 6 -3.29 13.53 42.97
CA ARG C 6 -4.61 13.52 42.36
C ARG C 6 -4.50 13.34 40.82
N PRO C 7 -5.60 12.94 40.12
CA PRO C 7 -5.51 12.75 38.67
C PRO C 7 -5.23 14.03 37.91
N VAL C 8 -4.60 13.91 36.74
CA VAL C 8 -4.36 15.02 35.81
C VAL C 8 -5.62 15.05 34.93
N ASP C 9 -6.34 16.17 34.95
CA ASP C 9 -7.54 16.36 34.13
C ASP C 9 -7.17 16.83 32.75
N VAL C 10 -7.67 16.12 31.74
CA VAL C 10 -7.37 16.40 30.33
C VAL C 10 -8.66 16.79 29.62
N SER C 11 -8.66 17.95 28.96
CA SER C 11 -9.79 18.45 28.18
C SER C 11 -9.47 18.11 26.73
N VAL C 12 -10.40 17.43 26.03
CA VAL C 12 -10.18 17.00 24.66
C VAL C 12 -11.17 17.61 23.69
N SER C 13 -10.68 17.97 22.50
CA SER C 13 -11.50 18.44 21.39
C SER C 13 -11.12 17.60 20.18
N ILE C 14 -12.11 17.00 19.54
CA ILE C 14 -11.91 16.19 18.34
C ILE C 14 -12.62 16.86 17.17
N PHE C 15 -11.84 17.21 16.14
CA PHE C 15 -12.37 17.84 14.93
C PHE C 15 -12.41 16.81 13.84
N ILE C 16 -13.61 16.57 13.30
CA ILE C 16 -13.84 15.61 12.22
C ILE C 16 -13.89 16.37 10.90
N ASN C 17 -12.97 16.02 9.99
CA ASN C 17 -12.88 16.65 8.69
C ASN C 17 -13.57 15.85 7.60
N LYS C 18 -13.40 14.52 7.61
CA LYS C 18 -13.89 13.65 6.55
C LYS C 18 -14.06 12.22 7.05
N ILE C 19 -15.13 11.57 6.59
CA ILE C 19 -15.41 10.16 6.84
C ILE C 19 -15.65 9.55 5.48
N TYR C 20 -14.86 8.51 5.14
CA TYR C 20 -14.90 7.86 3.84
C TYR C 20 -14.29 6.45 3.92
N GLY C 21 -14.11 5.82 2.76
CA GLY C 21 -13.48 4.52 2.61
C GLY C 21 -14.04 3.41 3.47
N VAL C 22 -15.39 3.34 3.58
CA VAL C 22 -16.07 2.27 4.33
C VAL C 22 -15.70 0.94 3.66
N ASN C 23 -15.24 -0.03 4.46
CA ASN C 23 -14.94 -1.36 3.97
C ASN C 23 -15.92 -2.27 4.69
N THR C 24 -16.86 -2.83 3.93
CA THR C 24 -17.95 -3.66 4.42
C THR C 24 -17.50 -4.98 5.03
N LEU C 25 -16.59 -5.73 4.37
CA LEU C 25 -16.08 -6.99 4.95
C LEU C 25 -15.26 -6.78 6.23
N GLU C 26 -14.37 -5.79 6.23
CA GLU C 26 -13.53 -5.48 7.38
C GLU C 26 -14.27 -4.69 8.47
N GLN C 27 -15.45 -4.11 8.14
CA GLN C 27 -16.26 -3.28 9.05
C GLN C 27 -15.40 -2.12 9.58
N THR C 28 -14.72 -1.44 8.65
CA THR C 28 -13.83 -0.32 8.93
C THR C 28 -14.22 0.87 8.11
N TYR C 29 -13.69 2.03 8.48
CA TYR C 29 -13.93 3.31 7.82
C TYR C 29 -12.79 4.22 8.17
N LYS C 30 -12.49 5.16 7.27
CA LYS C 30 -11.41 6.12 7.40
C LYS C 30 -11.91 7.46 7.93
N VAL C 31 -11.20 8.03 8.90
CA VAL C 31 -11.54 9.31 9.51
C VAL C 31 -10.31 10.22 9.49
N ASP C 32 -10.45 11.41 8.88
CA ASP C 32 -9.45 12.46 8.90
C ASP C 32 -9.96 13.56 9.86
N GLY C 33 -9.07 14.06 10.70
CA GLY C 33 -9.40 15.14 11.61
C GLY C 33 -8.25 15.55 12.49
N TYR C 34 -8.57 16.32 13.53
CA TYR C 34 -7.62 16.80 14.52
C TYR C 34 -8.01 16.33 15.90
N ILE C 35 -7.01 16.18 16.77
CA ILE C 35 -7.18 15.82 18.17
C ILE C 35 -6.46 16.87 18.97
N VAL C 36 -7.17 17.49 19.90
CA VAL C 36 -6.63 18.54 20.75
C VAL C 36 -6.81 18.09 22.18
N ALA C 37 -5.72 18.04 22.93
CA ALA C 37 -5.74 17.66 24.34
C ALA C 37 -5.05 18.74 25.14
N GLN C 38 -5.71 19.19 26.20
CA GLN C 38 -5.21 20.23 27.09
C GLN C 38 -5.18 19.78 28.56
N TRP C 39 -4.06 20.04 29.23
CA TRP C 39 -3.90 19.74 30.65
C TRP C 39 -2.95 20.76 31.25
N THR C 40 -2.83 20.77 32.59
CA THR C 40 -1.96 21.68 33.31
C THR C 40 -0.89 20.91 34.05
N GLY C 41 0.36 21.21 33.72
CA GLY C 41 1.54 20.64 34.34
C GLY C 41 2.21 21.67 35.24
N LYS C 42 3.50 21.44 35.52
CA LYS C 42 4.30 22.35 36.34
C LYS C 42 4.57 23.66 35.58
N PRO C 43 4.50 24.83 36.25
CA PRO C 43 4.80 26.10 35.56
C PRO C 43 6.20 26.11 34.98
N ARG C 44 6.44 27.00 34.02
CA ARG C 44 7.74 27.10 33.36
C ARG C 44 7.98 28.49 32.85
N LYS C 45 9.23 28.78 32.50
CA LYS C 45 9.61 30.06 31.94
C LYS C 45 9.74 29.90 30.46
N THR C 46 9.13 30.80 29.72
CA THR C 46 9.13 30.76 28.27
C THR C 46 9.71 32.08 27.74
N PRO C 47 10.23 32.11 26.49
CA PRO C 47 10.73 33.37 25.91
C PRO C 47 9.70 34.51 25.98
N GLY C 48 10.03 35.52 26.80
CA GLY C 48 9.20 36.70 27.02
C GLY C 48 7.89 36.45 27.72
N ASP C 49 7.82 35.39 28.58
CA ASP C 49 6.62 34.99 29.33
C ASP C 49 5.38 34.86 28.39
N LYS C 50 5.61 34.30 27.20
CA LYS C 50 4.58 34.12 26.17
C LYS C 50 4.39 32.63 25.84
N PRO C 51 3.23 32.20 25.30
CA PRO C 51 3.07 30.78 24.93
C PRO C 51 4.12 30.35 23.91
N LEU C 52 4.69 29.17 24.14
CA LEU C 52 5.74 28.61 23.29
C LEU C 52 5.19 27.50 22.40
N ILE C 53 5.47 27.61 21.09
CA ILE C 53 5.06 26.62 20.09
C ILE C 53 6.24 25.69 19.85
N VAL C 54 5.96 24.37 19.85
CA VAL C 54 6.94 23.31 19.59
C VAL C 54 6.28 22.40 18.59
N GLU C 55 6.86 22.33 17.39
CA GLU C 55 6.30 21.56 16.29
C GLU C 55 7.08 20.31 15.95
N ASN C 56 6.33 19.29 15.56
CA ASN C 56 6.74 18.02 15.00
C ASN C 56 7.94 17.38 15.70
N THR C 57 9.10 17.35 15.01
CA THR C 57 10.34 16.72 15.47
C THR C 57 10.85 17.25 16.80
N GLN C 58 10.57 18.53 17.08
CA GLN C 58 11.00 19.17 18.32
C GLN C 58 10.31 18.64 19.55
N ILE C 59 9.15 17.99 19.39
CA ILE C 59 8.42 17.43 20.53
C ILE C 59 9.22 16.33 21.23
N GLU C 60 9.83 15.38 20.47
CA GLU C 60 10.64 14.28 21.01
C GLU C 60 11.80 14.78 21.85
N ARG C 61 12.41 15.89 21.46
CA ARG C 61 13.51 16.53 22.19
C ARG C 61 13.08 17.00 23.58
N TRP C 62 11.85 17.53 23.70
CA TRP C 62 11.28 17.97 24.97
C TRP C 62 10.94 16.79 25.87
N ILE C 63 10.46 15.67 25.29
CA ILE C 63 10.14 14.45 26.02
C ILE C 63 11.42 13.84 26.60
N ASN C 64 12.53 13.86 25.83
CA ASN C 64 13.83 13.35 26.29
C ASN C 64 14.32 14.11 27.50
N ASN C 65 14.00 15.41 27.58
CA ASN C 65 14.37 16.27 28.69
C ASN C 65 13.35 16.27 29.84
N GLY C 66 12.39 15.35 29.81
CA GLY C 66 11.45 15.19 30.91
C GLY C 66 10.05 15.71 30.76
N LEU C 67 9.69 16.31 29.60
CA LEU C 67 8.31 16.79 29.40
C LEU C 67 7.34 15.61 29.31
N TRP C 68 6.32 15.62 30.17
CA TRP C 68 5.30 14.57 30.21
C TRP C 68 4.26 14.83 29.15
N VAL C 69 4.14 13.89 28.19
CA VAL C 69 3.18 13.95 27.10
C VAL C 69 2.60 12.53 27.00
N PRO C 70 1.48 12.25 27.70
CA PRO C 70 0.92 10.88 27.71
C PRO C 70 0.34 10.45 26.36
N ALA C 71 0.52 9.18 26.01
CA ALA C 71 0.01 8.61 24.77
C ALA C 71 -1.47 8.34 24.95
N LEU C 72 -2.26 8.88 24.04
CA LEU C 72 -3.71 8.70 24.05
C LEU C 72 -3.99 7.83 22.87
N GLU C 73 -4.43 6.61 23.15
CA GLU C 73 -4.70 5.61 22.15
C GLU C 73 -6.11 5.65 21.61
N PHE C 74 -6.27 5.43 20.28
CA PHE C 74 -7.57 5.25 19.65
C PHE C 74 -7.83 3.77 19.80
N ILE C 75 -8.72 3.41 20.71
CA ILE C 75 -9.02 2.02 21.04
C ILE C 75 -9.45 1.20 19.82
N ASN C 76 -10.31 1.76 18.98
CA ASN C 76 -10.89 1.11 17.81
C ASN C 76 -10.18 1.44 16.49
N VAL C 77 -8.93 1.87 16.56
CA VAL C 77 -8.15 2.13 15.36
C VAL C 77 -7.60 0.77 14.85
N VAL C 78 -7.49 0.63 13.52
CA VAL C 78 -6.95 -0.58 12.87
C VAL C 78 -5.59 -0.18 12.30
N GLY C 79 -4.54 -0.57 13.00
CA GLY C 79 -3.17 -0.21 12.64
C GLY C 79 -2.85 1.20 13.10
N SER C 80 -1.57 1.57 13.07
CA SER C 80 -1.13 2.89 13.48
C SER C 80 -1.72 3.98 12.57
N PRO C 81 -2.39 5.01 13.17
CA PRO C 81 -2.93 6.10 12.33
C PRO C 81 -1.81 6.93 11.72
N ASP C 82 -2.11 7.63 10.64
CA ASP C 82 -1.18 8.54 9.98
C ASP C 82 -1.34 9.90 10.66
N THR C 83 -0.41 10.22 11.54
CA THR C 83 -0.35 11.50 12.23
C THR C 83 0.33 12.55 11.30
N GLY C 84 -0.39 13.61 10.94
CA GLY C 84 0.13 14.70 10.14
C GLY C 84 0.94 15.65 10.99
N ASN C 85 0.76 16.96 10.80
CA ASN C 85 1.49 17.91 11.63
C ASN C 85 0.99 17.82 13.06
N LYS C 86 1.89 18.02 14.02
CA LYS C 86 1.56 18.00 15.43
C LYS C 86 2.34 19.08 16.14
N ARG C 87 1.79 19.57 17.24
CA ARG C 87 2.43 20.61 18.03
C ARG C 87 2.04 20.57 19.47
N LEU C 88 2.87 21.22 20.28
CA LEU C 88 2.61 21.49 21.68
C LEU C 88 2.61 23.00 21.84
N MET C 89 1.71 23.51 22.67
CA MET C 89 1.67 24.92 23.02
C MET C 89 1.87 24.95 24.53
N LEU C 90 3.05 25.44 24.96
CA LEU C 90 3.43 25.48 26.37
C LEU C 90 3.28 26.88 26.94
N PHE C 91 2.46 27.00 27.98
CA PHE C 91 2.21 28.28 28.63
C PHE C 91 3.05 28.40 29.89
N PRO C 92 3.41 29.65 30.29
CA PRO C 92 4.18 29.83 31.54
C PRO C 92 3.46 29.34 32.80
N ASP C 93 2.11 29.51 32.86
CA ASP C 93 1.29 29.08 34.00
C ASP C 93 1.26 27.54 34.23
N GLY C 94 1.80 26.78 33.27
CA GLY C 94 1.84 25.32 33.32
C GLY C 94 0.96 24.61 32.30
N ARG C 95 0.08 25.33 31.57
CA ARG C 95 -0.81 24.72 30.56
C ARG C 95 -0.03 24.09 29.42
N VAL C 96 -0.54 22.96 28.93
CA VAL C 96 0.04 22.24 27.80
C VAL C 96 -1.11 21.89 26.91
N ILE C 97 -1.02 22.27 25.63
CA ILE C 97 -2.02 21.95 24.61
C ILE C 97 -1.33 21.16 23.51
N TYR C 98 -1.79 19.93 23.28
CA TYR C 98 -1.31 19.06 22.23
C TYR C 98 -2.31 19.12 21.12
N ASN C 99 -1.84 19.28 19.90
CA ASN C 99 -2.69 19.37 18.74
C ASN C 99 -2.07 18.56 17.62
N ALA C 100 -2.85 17.67 16.97
CA ALA C 100 -2.34 16.84 15.87
C ALA C 100 -3.39 16.51 14.85
N ARG C 101 -2.98 16.49 13.58
CA ARG C 101 -3.82 16.04 12.47
C ARG C 101 -3.67 14.52 12.43
N PHE C 102 -4.75 13.79 12.15
CA PHE C 102 -4.70 12.33 12.07
C PHE C 102 -5.55 11.84 10.94
N LEU C 103 -5.14 10.71 10.38
CA LEU C 103 -5.90 9.95 9.39
C LEU C 103 -5.77 8.51 9.83
N GLY C 104 -6.88 7.91 10.22
CA GLY C 104 -6.88 6.52 10.67
C GLY C 104 -8.03 5.72 10.15
N SER C 105 -7.91 4.39 10.22
CA SER C 105 -8.95 3.43 9.86
C SER C 105 -9.50 2.94 11.16
N PHE C 106 -10.81 3.09 11.35
CA PHE C 106 -11.46 2.74 12.60
C PHE C 106 -12.44 1.64 12.35
N SER C 107 -12.66 0.83 13.38
CA SER C 107 -13.55 -0.32 13.35
C SER C 107 -14.76 -0.10 14.25
N ASN C 108 -15.88 -0.68 13.84
CA ASN C 108 -17.14 -0.70 14.59
C ASN C 108 -18.01 -1.80 14.02
N ASP C 109 -18.94 -2.30 14.84
CA ASP C 109 -19.93 -3.30 14.45
C ASP C 109 -20.87 -2.61 13.49
N MET C 110 -20.83 -3.05 12.23
CA MET C 110 -21.63 -2.47 11.16
C MET C 110 -22.53 -3.52 10.57
N ASP C 111 -23.83 -3.22 10.51
CA ASP C 111 -24.83 -4.13 9.96
C ASP C 111 -25.38 -3.52 8.68
N PHE C 112 -25.08 -4.17 7.55
CA PHE C 112 -25.48 -3.73 6.21
C PHE C 112 -26.64 -4.53 5.63
N ARG C 113 -27.39 -5.27 6.48
CA ARG C 113 -28.51 -6.09 6.03
C ARG C 113 -29.60 -5.28 5.34
N LEU C 114 -29.88 -4.06 5.84
CA LEU C 114 -30.91 -3.19 5.25
C LEU C 114 -30.41 -2.40 4.05
N PHE C 115 -29.20 -2.74 3.56
CA PHE C 115 -28.60 -2.09 2.39
C PHE C 115 -29.59 -2.08 1.22
N PRO C 116 -29.77 -0.96 0.49
CA PRO C 116 -29.06 0.34 0.58
C PRO C 116 -29.69 1.40 1.50
N PHE C 117 -30.54 0.97 2.44
CA PHE C 117 -31.26 1.85 3.38
C PHE C 117 -30.76 1.70 4.79
N ASP C 118 -29.52 1.24 4.92
CA ASP C 118 -28.83 1.01 6.18
C ASP C 118 -28.36 2.31 6.83
N ARG C 119 -28.34 2.30 8.16
CA ARG C 119 -27.87 3.40 8.98
C ARG C 119 -26.71 2.89 9.78
N GLN C 120 -25.59 3.63 9.75
CA GLN C 120 -24.35 3.27 10.41
C GLN C 120 -23.90 4.27 11.45
N GLN C 121 -23.14 3.78 12.43
CA GLN C 121 -22.57 4.59 13.47
C GLN C 121 -21.06 4.61 13.29
N PHE C 122 -20.50 5.79 13.01
CA PHE C 122 -19.06 5.97 12.89
C PHE C 122 -18.57 6.40 14.24
N VAL C 123 -17.85 5.50 14.91
CA VAL C 123 -17.37 5.63 16.27
C VAL C 123 -15.88 5.90 16.38
N LEU C 124 -15.51 6.73 17.37
CA LEU C 124 -14.15 7.00 17.80
C LEU C 124 -14.08 6.73 19.29
N GLU C 125 -13.16 5.86 19.71
CA GLU C 125 -12.94 5.59 21.12
C GLU C 125 -11.54 5.98 21.46
N LEU C 126 -11.37 6.86 22.46
CA LEU C 126 -10.09 7.37 22.91
C LEU C 126 -9.86 7.05 24.39
N GLU C 127 -8.65 6.63 24.71
CA GLU C 127 -8.30 6.27 26.08
C GLU C 127 -6.80 6.40 26.30
N PRO C 128 -6.35 6.80 27.52
CA PRO C 128 -4.90 6.81 27.78
C PRO C 128 -4.35 5.40 27.70
N PHE C 129 -3.19 5.26 27.09
CA PHE C 129 -2.54 3.95 26.92
C PHE C 129 -2.00 3.33 28.21
N SER C 130 -1.42 4.16 29.11
CA SER C 130 -0.73 3.66 30.31
C SER C 130 -1.22 4.19 31.64
N TYR C 131 -2.13 5.16 31.64
CA TYR C 131 -2.57 5.81 32.87
C TYR C 131 -4.04 5.58 33.22
N ASN C 132 -4.30 5.06 34.43
CA ASN C 132 -5.66 4.82 34.90
C ASN C 132 -6.35 6.15 35.28
N ASN C 133 -7.65 6.11 35.61
CA ASN C 133 -8.42 7.30 35.96
C ASN C 133 -8.02 7.95 37.30
N GLN C 134 -7.09 7.36 38.05
CA GLN C 134 -6.59 7.94 39.29
C GLN C 134 -5.37 8.79 38.94
N GLN C 135 -4.80 8.61 37.73
CA GLN C 135 -3.61 9.33 37.26
C GLN C 135 -3.91 10.28 36.11
N LEU C 136 -4.79 9.86 35.21
CA LEU C 136 -5.17 10.65 34.05
C LEU C 136 -6.63 10.40 33.74
N ARG C 137 -7.43 11.45 33.79
CA ARG C 137 -8.85 11.34 33.45
C ARG C 137 -9.31 12.43 32.53
N PHE C 138 -10.32 12.13 31.72
CA PHE C 138 -10.89 13.10 30.80
C PHE C 138 -11.94 13.92 31.55
N SER C 139 -11.80 15.26 31.51
CA SER C 139 -12.70 16.19 32.18
C SER C 139 -13.88 16.58 31.31
N ASP C 140 -13.67 16.64 29.99
CA ASP C 140 -14.68 17.00 29.00
C ASP C 140 -14.23 16.65 27.59
N ILE C 141 -15.22 16.50 26.71
CA ILE C 141 -15.04 16.20 25.31
C ILE C 141 -15.93 17.12 24.50
N GLN C 142 -15.34 17.77 23.50
CA GLN C 142 -16.03 18.62 22.54
C GLN C 142 -15.76 18.04 21.15
N VAL C 143 -16.82 17.89 20.36
CA VAL C 143 -16.71 17.35 19.00
C VAL C 143 -17.23 18.37 18.01
N TYR C 144 -16.50 18.54 16.92
CA TYR C 144 -16.84 19.47 15.84
C TYR C 144 -16.90 18.69 14.55
N THR C 145 -18.01 18.84 13.81
CA THR C 145 -18.24 18.19 12.52
C THR C 145 -18.72 19.19 11.47
N GLU C 146 -18.45 20.50 11.66
CA GLU C 146 -18.87 21.60 10.79
C GLU C 146 -18.37 21.46 9.36
N ASN C 147 -17.11 20.97 9.19
CA ASN C 147 -16.50 20.73 7.88
C ASN C 147 -17.29 19.75 7.04
N ILE C 148 -18.12 18.92 7.69
CA ILE C 148 -19.01 17.98 7.02
C ILE C 148 -20.37 18.65 6.84
N ASP C 149 -20.78 18.81 5.57
CA ASP C 149 -22.07 19.40 5.23
C ASP C 149 -22.75 18.48 4.25
N ASN C 150 -24.01 18.15 4.56
CA ASN C 150 -24.82 17.21 3.78
C ASN C 150 -25.36 17.77 2.48
N GLU C 151 -25.14 17.00 1.40
CA GLU C 151 -25.57 17.31 0.04
C GLU C 151 -26.00 16.02 -0.66
N GLU C 152 -26.57 16.17 -1.87
CA GLU C 152 -27.00 15.07 -2.72
C GLU C 152 -25.80 14.42 -3.40
N ILE C 153 -24.62 15.08 -3.34
CA ILE C 153 -23.36 14.59 -3.92
C ILE C 153 -22.56 13.72 -2.94
N ASP C 154 -23.09 13.53 -1.73
CA ASP C 154 -22.44 12.78 -0.68
C ASP C 154 -23.03 11.37 -0.59
N GLU C 155 -22.15 10.36 -0.48
CA GLU C 155 -22.53 8.96 -0.33
C GLU C 155 -23.30 8.71 0.99
N TRP C 156 -22.90 9.44 2.04
CA TRP C 156 -23.52 9.33 3.35
C TRP C 156 -24.02 10.66 3.84
N TRP C 157 -25.08 10.61 4.64
CA TRP C 157 -25.69 11.79 5.22
C TRP C 157 -25.59 11.68 6.71
N ILE C 158 -25.01 12.70 7.34
CA ILE C 158 -24.79 12.71 8.78
C ILE C 158 -26.05 13.20 9.49
N ARG C 159 -26.23 12.77 10.76
CA ARG C 159 -27.35 13.16 11.61
C ARG C 159 -27.17 14.56 12.24
N GLY C 160 -25.95 15.11 12.16
CA GLY C 160 -25.61 16.43 12.69
C GLY C 160 -25.30 16.47 14.17
N LYS C 161 -26.22 15.91 15.00
CA LYS C 161 -26.04 15.85 16.45
C LYS C 161 -25.16 14.65 16.81
N ALA C 162 -23.85 14.88 16.97
CA ALA C 162 -22.89 13.85 17.33
C ALA C 162 -23.02 13.51 18.81
N SER C 163 -22.91 12.23 19.15
CA SER C 163 -23.00 11.75 20.52
C SER C 163 -21.59 11.69 21.08
N THR C 164 -21.42 12.20 22.31
CA THR C 164 -20.14 12.21 23.02
C THR C 164 -20.39 11.68 24.42
N HIS C 165 -19.42 10.96 24.95
CA HIS C 165 -19.53 10.37 26.27
C HIS C 165 -18.15 10.21 26.87
N ILE C 166 -18.10 10.24 28.21
CA ILE C 166 -16.91 9.98 29.03
C ILE C 166 -17.34 8.95 30.05
N SER C 167 -16.76 7.76 29.96
CA SER C 167 -17.06 6.65 30.86
C SER C 167 -15.78 6.08 31.46
N ASP C 168 -15.95 5.21 32.47
CA ASP C 168 -14.85 4.54 33.14
C ASP C 168 -14.93 3.09 32.78
N ILE C 169 -13.85 2.56 32.20
CA ILE C 169 -13.74 1.19 31.74
C ILE C 169 -12.96 0.36 32.76
N ARG C 170 -13.60 -0.69 33.28
CA ARG C 170 -12.96 -1.61 34.22
C ARG C 170 -12.43 -2.80 33.43
N TYR C 171 -11.14 -3.09 33.61
CA TYR C 171 -10.51 -4.20 32.92
C TYR C 171 -10.42 -5.38 33.86
N ASP C 172 -11.02 -6.52 33.47
CA ASP C 172 -11.05 -7.75 34.24
C ASP C 172 -9.66 -8.29 34.58
N HIS C 173 -8.76 -8.36 33.58
CA HIS C 173 -7.37 -8.85 33.73
C HIS C 173 -6.51 -8.02 34.70
N LEU C 174 -6.98 -6.82 35.11
CA LEU C 174 -6.25 -5.96 36.04
C LEU C 174 -6.67 -6.18 37.48
N SER C 175 -5.67 -6.21 38.39
CA SER C 175 -5.86 -6.39 39.83
C SER C 175 -4.65 -5.90 40.60
N PRO C 179 -7.63 -2.05 44.87
CA PRO C 179 -8.03 -0.74 45.41
C PRO C 179 -8.36 0.31 44.34
N ASN C 180 -8.96 -0.14 43.22
CA ASN C 180 -9.41 0.70 42.10
C ASN C 180 -8.26 1.38 41.33
N GLN C 181 -7.36 0.55 40.80
CA GLN C 181 -6.24 0.96 39.95
C GLN C 181 -6.41 0.24 38.59
N ASN C 182 -7.65 -0.18 38.30
CA ASN C 182 -8.03 -0.95 37.11
C ASN C 182 -9.09 -0.31 36.23
N GLU C 183 -9.34 0.99 36.43
CA GLU C 183 -10.31 1.76 35.70
C GLU C 183 -9.65 2.85 34.87
N PHE C 184 -10.04 2.93 33.59
CA PHE C 184 -9.49 3.87 32.63
C PHE C 184 -10.57 4.79 32.11
N SER C 185 -10.21 6.07 31.94
CA SER C 185 -11.10 7.08 31.41
C SER C 185 -11.16 6.94 29.89
N ARG C 186 -12.37 6.83 29.35
CA ARG C 186 -12.57 6.68 27.92
C ARG C 186 -13.51 7.73 27.35
N ILE C 187 -13.11 8.30 26.20
CA ILE C 187 -13.96 9.20 25.43
C ILE C 187 -14.56 8.35 24.28
N THR C 188 -15.87 8.49 24.04
CA THR C 188 -16.56 7.80 22.96
C THR C 188 -17.31 8.84 22.16
N VAL C 189 -17.09 8.84 20.84
CA VAL C 189 -17.76 9.72 19.92
C VAL C 189 -18.51 8.86 18.92
N ARG C 190 -19.82 9.13 18.75
CA ARG C 190 -20.65 8.39 17.79
C ARG C 190 -21.29 9.35 16.80
N ILE C 191 -21.10 9.08 15.52
CA ILE C 191 -21.67 9.89 14.45
C ILE C 191 -22.62 9.01 13.64
N ASP C 192 -23.92 9.32 13.72
CA ASP C 192 -24.95 8.60 12.99
C ASP C 192 -24.97 9.04 11.54
N ALA C 193 -24.97 8.07 10.64
CA ALA C 193 -25.02 8.33 9.20
C ALA C 193 -26.06 7.46 8.54
N VAL C 194 -26.65 7.97 7.46
CA VAL C 194 -27.66 7.29 6.67
C VAL C 194 -27.10 7.25 5.25
N ARG C 195 -27.18 6.09 4.63
CA ARG C 195 -26.69 5.93 3.28
C ARG C 195 -27.62 6.65 2.30
N ASN C 196 -27.04 7.27 1.25
CA ASN C 196 -27.79 7.90 0.18
C ASN C 196 -28.22 6.75 -0.77
N PRO C 197 -29.52 6.39 -0.78
CA PRO C 197 -29.95 5.23 -1.57
C PRO C 197 -30.30 5.52 -3.02
N SER C 198 -30.16 6.79 -3.47
CA SER C 198 -30.58 7.21 -4.81
C SER C 198 -30.05 6.32 -5.91
N TYR C 199 -28.71 6.20 -6.04
CA TYR C 199 -28.08 5.40 -7.09
C TYR C 199 -28.59 3.97 -7.14
N TYR C 200 -28.75 3.33 -5.97
CA TYR C 200 -29.19 1.96 -5.86
C TYR C 200 -30.66 1.75 -6.20
N LEU C 201 -31.51 2.75 -5.90
CA LEU C 201 -32.94 2.65 -6.20
C LEU C 201 -33.20 2.67 -7.69
N TRP C 202 -32.58 3.63 -8.40
CA TRP C 202 -32.76 3.83 -9.82
C TRP C 202 -32.02 2.83 -10.68
N SER C 203 -30.71 2.60 -10.46
CA SER C 203 -29.88 1.72 -11.30
C SER C 203 -29.86 0.25 -10.92
N PHE C 204 -30.44 -0.13 -9.76
CA PHE C 204 -30.45 -1.52 -9.34
C PHE C 204 -31.84 -2.07 -9.02
N ILE C 205 -32.55 -1.47 -8.07
CA ILE C 205 -33.87 -1.93 -7.65
C ILE C 205 -34.90 -1.81 -8.77
N LEU C 206 -35.00 -0.62 -9.38
CA LEU C 206 -35.94 -0.35 -10.45
C LEU C 206 -35.79 -1.31 -11.63
N PRO C 207 -34.59 -1.41 -12.31
CA PRO C 207 -34.47 -2.35 -13.43
C PRO C 207 -34.71 -3.80 -13.05
N LEU C 208 -34.45 -4.16 -11.78
CA LEU C 208 -34.70 -5.52 -11.31
C LEU C 208 -36.18 -5.81 -11.26
N GLY C 209 -36.98 -4.83 -10.81
CA GLY C 209 -38.44 -4.91 -10.75
C GLY C 209 -39.03 -5.17 -12.12
N LEU C 210 -38.57 -4.40 -13.13
CA LEU C 210 -39.00 -4.53 -14.53
C LEU C 210 -38.67 -5.90 -15.10
N ILE C 211 -37.50 -6.47 -14.73
CA ILE C 211 -37.06 -7.80 -15.15
C ILE C 211 -37.96 -8.86 -14.55
N ILE C 212 -38.21 -8.77 -13.23
CA ILE C 212 -39.08 -9.73 -12.52
C ILE C 212 -40.51 -9.61 -13.06
N ALA C 213 -41.04 -8.39 -13.21
CA ALA C 213 -42.37 -8.17 -13.75
C ALA C 213 -42.46 -8.71 -15.16
N ALA C 214 -41.45 -8.42 -16.02
CA ALA C 214 -41.40 -8.94 -17.39
C ALA C 214 -41.35 -10.46 -17.41
N SER C 215 -40.84 -11.11 -16.34
CA SER C 215 -40.83 -12.57 -16.28
C SER C 215 -42.23 -13.16 -16.16
N TRP C 216 -43.18 -12.38 -15.59
CA TRP C 216 -44.57 -12.81 -15.42
C TRP C 216 -45.33 -12.84 -16.73
N SER C 217 -44.82 -12.13 -17.75
CA SER C 217 -45.40 -12.09 -19.09
C SER C 217 -45.31 -13.44 -19.84
N VAL C 218 -44.62 -14.44 -19.24
CA VAL C 218 -44.50 -15.79 -19.80
C VAL C 218 -45.88 -16.47 -19.88
N PHE C 219 -46.79 -16.09 -18.97
CA PHE C 219 -48.15 -16.63 -18.91
C PHE C 219 -49.07 -16.03 -19.98
N TRP C 220 -48.52 -15.15 -20.83
CA TRP C 220 -49.25 -14.51 -21.93
C TRP C 220 -48.84 -15.07 -23.27
N LEU C 221 -47.92 -16.04 -23.28
CA LEU C 221 -47.51 -16.71 -24.50
C LEU C 221 -48.55 -17.79 -24.81
N GLU C 222 -48.86 -17.97 -26.09
CA GLU C 222 -49.92 -18.85 -26.58
C GLU C 222 -49.70 -20.33 -26.39
N SER C 223 -48.49 -20.80 -26.72
CA SER C 223 -48.15 -22.21 -26.67
C SER C 223 -47.21 -22.61 -25.53
N PHE C 224 -47.32 -23.88 -25.14
CA PHE C 224 -46.49 -24.47 -24.10
C PHE C 224 -45.00 -24.35 -24.46
N SER C 225 -44.64 -24.64 -25.73
CA SER C 225 -43.26 -24.57 -26.21
C SER C 225 -42.67 -23.19 -25.97
N GLU C 226 -43.42 -22.12 -26.34
CA GLU C 226 -42.98 -20.75 -26.16
C GLU C 226 -42.84 -20.40 -24.69
N ARG C 227 -43.77 -20.87 -23.83
CA ARG C 227 -43.75 -20.60 -22.40
C ARG C 227 -42.55 -21.24 -21.70
N LEU C 228 -42.20 -22.47 -22.06
CA LEU C 228 -41.09 -23.18 -21.45
C LEU C 228 -39.72 -22.70 -21.94
N GLN C 229 -39.58 -22.42 -23.25
CA GLN C 229 -38.32 -21.96 -23.82
C GLN C 229 -37.95 -20.55 -23.35
N THR C 230 -38.95 -19.65 -23.27
CA THR C 230 -38.77 -18.27 -22.78
C THR C 230 -38.34 -18.26 -21.32
N SER C 231 -38.83 -19.23 -20.52
CA SER C 231 -38.47 -19.34 -19.11
C SER C 231 -36.96 -19.46 -18.95
N PHE C 232 -36.29 -20.17 -19.88
CA PHE C 232 -34.84 -20.34 -19.87
C PHE C 232 -34.11 -19.04 -20.17
N THR C 233 -34.66 -18.21 -21.08
CA THR C 233 -34.09 -16.90 -21.41
C THR C 233 -34.27 -16.00 -20.19
N LEU C 234 -35.39 -16.16 -19.48
CA LEU C 234 -35.69 -15.39 -18.28
C LEU C 234 -34.71 -15.77 -17.18
N MET C 235 -34.48 -17.08 -17.00
CA MET C 235 -33.52 -17.62 -16.03
C MET C 235 -32.12 -17.07 -16.35
N LEU C 236 -31.77 -17.02 -17.63
CA LEU C 236 -30.50 -16.47 -18.08
C LEU C 236 -30.42 -14.96 -17.80
N THR C 237 -31.58 -14.26 -17.82
CA THR C 237 -31.64 -12.81 -17.56
C THR C 237 -31.42 -12.52 -16.08
N VAL C 238 -31.88 -13.40 -15.20
CA VAL C 238 -31.72 -13.26 -13.76
C VAL C 238 -30.26 -13.48 -13.40
N VAL C 239 -29.61 -14.50 -14.01
CA VAL C 239 -28.20 -14.81 -13.80
C VAL C 239 -27.34 -13.62 -14.27
N ALA C 240 -27.63 -13.08 -15.46
CA ALA C 240 -26.92 -11.93 -16.02
C ALA C 240 -27.06 -10.73 -15.09
N TYR C 241 -28.24 -10.57 -14.45
CA TYR C 241 -28.48 -9.46 -13.53
C TYR C 241 -27.84 -9.64 -12.16
N ALA C 242 -27.89 -10.89 -11.60
CA ALA C 242 -27.31 -11.26 -10.31
C ALA C 242 -25.83 -10.91 -10.29
N PHE C 243 -25.17 -11.10 -11.44
CA PHE C 243 -23.78 -10.78 -11.59
C PHE C 243 -23.55 -9.28 -11.63
N TYR C 244 -24.27 -8.55 -12.49
CA TYR C 244 -24.15 -7.09 -12.64
C TYR C 244 -24.16 -6.40 -11.27
N THR C 245 -25.06 -6.87 -10.37
CA THR C 245 -25.20 -6.34 -9.02
C THR C 245 -24.01 -6.70 -8.15
N SER C 246 -23.71 -8.02 -8.00
CA SER C 246 -22.60 -8.53 -7.20
C SER C 246 -21.27 -7.85 -7.53
N ASN C 247 -21.04 -7.52 -8.82
CA ASN C 247 -19.81 -6.86 -9.26
C ASN C 247 -19.65 -5.41 -8.74
N ILE C 248 -20.75 -4.78 -8.32
CA ILE C 248 -20.72 -3.38 -7.86
C ILE C 248 -21.04 -3.25 -6.39
N LEU C 249 -22.06 -3.98 -5.92
CA LEU C 249 -22.49 -3.96 -4.53
C LEU C 249 -21.41 -4.48 -3.60
N PRO C 250 -21.34 -3.98 -2.36
CA PRO C 250 -20.24 -4.38 -1.48
C PRO C 250 -20.28 -5.84 -1.05
N ARG C 251 -19.09 -6.40 -0.82
CA ARG C 251 -18.93 -7.78 -0.36
C ARG C 251 -19.38 -7.85 1.05
N LEU C 252 -20.26 -8.80 1.34
CA LEU C 252 -20.80 -9.00 2.68
C LEU C 252 -20.89 -10.46 3.02
N PRO C 253 -20.88 -10.82 4.33
CA PRO C 253 -21.01 -12.24 4.71
C PRO C 253 -22.48 -12.69 4.82
N TYR C 254 -23.42 -11.84 4.39
CA TYR C 254 -24.86 -12.09 4.45
C TYR C 254 -25.56 -11.46 3.27
N THR C 255 -26.84 -11.77 3.14
CA THR C 255 -27.66 -11.23 2.06
C THR C 255 -28.26 -9.87 2.46
N THR C 256 -28.32 -8.97 1.48
CA THR C 256 -28.94 -7.65 1.62
C THR C 256 -30.38 -7.75 1.11
N VAL C 257 -31.03 -6.60 0.89
CA VAL C 257 -32.40 -6.59 0.38
C VAL C 257 -32.38 -6.92 -1.11
N ILE C 258 -31.41 -6.35 -1.85
CA ILE C 258 -31.24 -6.60 -3.29
C ILE C 258 -30.95 -8.09 -3.56
N ASP C 259 -30.15 -8.72 -2.70
CA ASP C 259 -29.83 -10.14 -2.82
C ASP C 259 -31.08 -11.03 -2.71
N GLN C 260 -32.02 -10.66 -1.83
CA GLN C 260 -33.27 -11.38 -1.62
C GLN C 260 -34.23 -11.27 -2.81
N MET C 261 -34.25 -10.10 -3.50
CA MET C 261 -35.04 -9.86 -4.70
C MET C 261 -34.60 -10.84 -5.78
N ILE C 262 -33.26 -11.01 -5.94
CA ILE C 262 -32.65 -11.93 -6.90
C ILE C 262 -33.13 -13.36 -6.67
N ILE C 263 -33.14 -13.79 -5.39
CA ILE C 263 -33.59 -15.12 -5.02
C ILE C 263 -35.07 -15.31 -5.35
N ALA C 264 -35.85 -14.24 -5.17
CA ALA C 264 -37.27 -14.25 -5.49
C ALA C 264 -37.48 -14.38 -7.00
N GLY C 265 -36.62 -13.75 -7.80
CA GLY C 265 -36.63 -13.85 -9.26
C GLY C 265 -36.38 -15.27 -9.70
N TYR C 266 -35.37 -15.94 -9.09
CA TYR C 266 -35.03 -17.33 -9.37
C TYR C 266 -36.20 -18.24 -9.06
N GLY C 267 -36.82 -18.01 -7.90
CA GLY C 267 -37.98 -18.74 -7.41
C GLY C 267 -39.20 -18.54 -8.31
N SER C 268 -39.49 -17.28 -8.69
CA SER C 268 -40.61 -16.92 -9.57
C SER C 268 -40.49 -17.62 -10.92
N ILE C 269 -39.30 -17.60 -11.54
CA ILE C 269 -39.05 -18.26 -12.83
C ILE C 269 -39.11 -19.77 -12.69
N PHE C 270 -38.49 -20.34 -11.64
CA PHE C 270 -38.50 -21.79 -11.41
C PHE C 270 -39.91 -22.32 -11.14
N ALA C 271 -40.68 -21.59 -10.30
CA ALA C 271 -42.07 -21.91 -9.96
C ALA C 271 -42.92 -21.83 -11.23
N ALA C 272 -42.70 -20.79 -12.08
CA ALA C 272 -43.38 -20.62 -13.35
C ALA C 272 -43.15 -21.81 -14.24
N ILE C 273 -41.90 -22.33 -14.30
CA ILE C 273 -41.53 -23.51 -15.08
C ILE C 273 -42.36 -24.70 -14.69
N LEU C 274 -42.55 -24.90 -13.36
CA LEU C 274 -43.34 -26.01 -12.86
C LEU C 274 -44.76 -25.89 -13.27
N LEU C 275 -45.39 -24.71 -13.10
CA LEU C 275 -46.76 -24.45 -13.52
C LEU C 275 -46.95 -24.61 -15.02
N ILE C 276 -45.99 -24.14 -15.84
CA ILE C 276 -46.03 -24.27 -17.30
C ILE C 276 -46.05 -25.76 -17.74
N ILE C 277 -45.29 -26.62 -17.04
CA ILE C 277 -45.25 -28.06 -17.32
C ILE C 277 -46.47 -28.76 -16.75
N PHE C 278 -46.79 -28.47 -15.46
CA PHE C 278 -47.92 -29.02 -14.72
C PHE C 278 -49.21 -28.81 -15.47
N ALA C 279 -49.48 -27.55 -15.91
CA ALA C 279 -50.65 -27.17 -16.70
C ALA C 279 -50.79 -27.99 -17.98
N HIS C 280 -49.67 -28.37 -18.61
CA HIS C 280 -49.67 -29.12 -19.86
C HIS C 280 -50.03 -30.60 -19.72
N HIS C 281 -49.42 -31.32 -18.76
CA HIS C 281 -49.62 -32.77 -18.59
C HIS C 281 -50.57 -33.14 -17.44
N ARG C 282 -51.37 -32.17 -16.97
CA ARG C 282 -52.29 -32.36 -15.85
C ARG C 282 -53.61 -32.99 -16.29
N GLN C 283 -54.26 -32.42 -17.32
CA GLN C 283 -55.56 -32.89 -17.81
C GLN C 283 -55.49 -34.22 -18.53
N ALA C 284 -56.66 -34.89 -18.64
CA ALA C 284 -56.81 -36.17 -19.32
C ALA C 284 -56.73 -35.99 -20.85
N ASN C 285 -56.91 -34.75 -21.34
CA ASN C 285 -56.86 -34.42 -22.78
C ASN C 285 -56.42 -32.97 -23.03
N ASP C 289 -54.38 -29.30 -22.03
CA ASP C 289 -53.91 -27.92 -21.98
C ASP C 289 -54.79 -27.09 -21.06
N ASP C 290 -54.42 -27.07 -19.76
CA ASP C 290 -55.15 -26.31 -18.75
C ASP C 290 -54.88 -24.82 -18.90
N LEU C 291 -55.61 -24.21 -19.82
CA LEU C 291 -55.46 -22.79 -20.10
C LEU C 291 -56.11 -21.90 -19.02
N LEU C 292 -56.77 -22.54 -18.04
CA LEU C 292 -57.36 -21.84 -16.93
C LEU C 292 -56.30 -21.51 -15.89
N ILE C 293 -55.43 -22.48 -15.54
CA ILE C 293 -54.34 -22.26 -14.60
C ILE C 293 -53.37 -21.27 -15.24
N GLN C 294 -53.30 -21.23 -16.59
CA GLN C 294 -52.49 -20.29 -17.35
C GLN C 294 -53.01 -18.86 -17.19
N ARG C 295 -54.26 -18.72 -16.65
CA ARG C 295 -54.86 -17.44 -16.33
C ARG C 295 -54.29 -16.94 -14.99
N CYS C 296 -53.16 -17.57 -14.53
CA CYS C 296 -52.42 -17.18 -13.31
C CYS C 296 -51.49 -15.99 -13.61
N ARG C 297 -51.79 -15.28 -14.72
CA ARG C 297 -51.06 -14.10 -15.14
C ARG C 297 -51.21 -13.03 -14.06
N LEU C 298 -52.16 -13.26 -13.14
CA LEU C 298 -52.44 -12.39 -12.01
C LEU C 298 -51.94 -12.98 -10.72
N ALA C 299 -52.05 -14.31 -10.53
CA ALA C 299 -51.60 -15.01 -9.33
C ALA C 299 -50.12 -14.85 -9.06
N PHE C 300 -49.26 -14.85 -10.11
CA PHE C 300 -47.81 -14.66 -9.98
C PHE C 300 -47.48 -13.26 -9.47
N PRO C 301 -47.88 -12.16 -10.17
CA PRO C 301 -47.65 -10.81 -9.61
C PRO C 301 -48.17 -10.61 -8.18
N LEU C 302 -49.39 -11.08 -7.87
CA LEU C 302 -49.97 -10.94 -6.54
C LEU C 302 -49.29 -11.80 -5.50
N GLY C 303 -49.15 -13.09 -5.78
CA GLY C 303 -48.47 -14.06 -4.94
C GLY C 303 -47.03 -13.67 -4.67
N PHE C 304 -46.42 -12.98 -5.64
CA PHE C 304 -45.06 -12.49 -5.53
C PHE C 304 -45.01 -11.25 -4.63
N LEU C 305 -45.88 -10.25 -4.90
CA LEU C 305 -45.99 -9.02 -4.11
C LEU C 305 -46.38 -9.35 -2.66
N ALA C 306 -47.24 -10.37 -2.47
CA ALA C 306 -47.68 -10.85 -1.17
C ALA C 306 -46.48 -11.37 -0.39
N ILE C 307 -45.66 -12.24 -1.02
CA ILE C 307 -44.42 -12.77 -0.42
C ILE C 307 -43.41 -11.63 -0.21
N GLY C 308 -43.48 -10.63 -1.09
CA GLY C 308 -42.63 -9.44 -1.04
C GLY C 308 -42.89 -8.59 0.18
N CYS C 309 -44.17 -8.43 0.57
CA CYS C 309 -44.59 -7.62 1.72
C CYS C 309 -44.15 -8.21 3.06
N VAL C 310 -44.40 -9.52 3.24
CA VAL C 310 -44.04 -10.29 4.43
C VAL C 310 -42.51 -10.38 4.61
N LEU C 311 -41.75 -10.05 3.56
CA LEU C 311 -40.29 -10.06 3.60
C LEU C 311 -39.75 -8.74 4.15
N VAL C 312 -40.55 -7.64 4.04
CA VAL C 312 -40.14 -6.31 4.50
C VAL C 312 -40.05 -6.24 6.03
N ILE C 313 -41.00 -6.89 6.72
CA ILE C 313 -41.10 -6.94 8.18
C ILE C 313 -39.90 -7.64 8.85
N ARG C 314 -39.09 -8.38 8.06
CA ARG C 314 -37.90 -9.08 8.54
C ARG C 314 -36.72 -8.14 8.81
N GLY C 315 -36.90 -6.85 8.49
CA GLY C 315 -35.90 -5.81 8.70
C GLY C 315 -36.44 -4.40 8.69
N VAL D 3 29.16 -20.77 38.77
CA VAL D 3 28.93 -19.61 37.88
C VAL D 3 27.88 -20.02 36.82
N ASP D 4 26.66 -20.33 37.27
CA ASP D 4 25.57 -20.73 36.41
C ASP D 4 24.43 -19.74 36.50
N ALA D 5 23.92 -19.29 35.34
CA ALA D 5 22.81 -18.35 35.28
C ALA D 5 21.51 -19.08 35.03
N ARG D 6 20.56 -18.94 35.97
CA ARG D 6 19.23 -19.55 35.86
C ARG D 6 18.45 -18.82 34.74
N PRO D 7 17.49 -19.49 34.05
CA PRO D 7 16.71 -18.79 32.99
C PRO D 7 15.81 -17.68 33.54
N VAL D 8 15.46 -16.73 32.67
CA VAL D 8 14.56 -15.63 33.00
C VAL D 8 13.18 -16.13 32.63
N ASP D 9 12.28 -16.18 33.62
CA ASP D 9 10.91 -16.62 33.41
C ASP D 9 10.08 -15.44 32.93
N VAL D 10 9.48 -15.60 31.76
CA VAL D 10 8.68 -14.55 31.14
C VAL D 10 7.19 -14.96 31.11
N SER D 11 6.33 -14.15 31.73
CA SER D 11 4.88 -14.37 31.71
C SER D 11 4.29 -13.57 30.53
N VAL D 12 3.43 -14.20 29.73
CA VAL D 12 2.87 -13.58 28.55
C VAL D 12 1.35 -13.56 28.58
N SER D 13 0.75 -12.46 28.12
CA SER D 13 -0.69 -12.29 27.92
C SER D 13 -0.92 -11.75 26.52
N ILE D 14 -1.77 -12.42 25.76
CA ILE D 14 -2.12 -12.01 24.40
C ILE D 14 -3.61 -11.67 24.35
N PHE D 15 -3.92 -10.42 24.02
CA PHE D 15 -5.29 -9.94 23.85
C PHE D 15 -5.59 -9.86 22.37
N ILE D 16 -6.65 -10.56 21.94
CA ILE D 16 -7.10 -10.59 20.55
C ILE D 16 -8.35 -9.70 20.41
N ASN D 17 -8.22 -8.62 19.62
CA ASN D 17 -9.32 -7.68 19.39
C ASN D 17 -10.11 -8.02 18.14
N LYS D 18 -9.41 -8.30 17.03
CA LYS D 18 -10.03 -8.54 15.74
C LYS D 18 -9.24 -9.56 14.93
N ILE D 19 -9.96 -10.39 14.14
CA ILE D 19 -9.41 -11.35 13.18
C ILE D 19 -10.21 -11.13 11.92
N TYR D 20 -9.53 -10.73 10.85
CA TYR D 20 -10.17 -10.41 9.58
C TYR D 20 -9.14 -10.54 8.44
N GLY D 21 -9.55 -10.12 7.23
CA GLY D 21 -8.72 -10.08 6.03
C GLY D 21 -8.07 -11.39 5.65
N VAL D 22 -8.86 -12.48 5.68
CA VAL D 22 -8.39 -13.81 5.30
C VAL D 22 -8.05 -13.79 3.82
N ASN D 23 -6.83 -14.22 3.49
CA ASN D 23 -6.38 -14.30 2.11
C ASN D 23 -6.22 -15.77 1.79
N THR D 24 -7.19 -16.32 1.08
CA THR D 24 -7.24 -17.74 0.72
C THR D 24 -6.02 -18.24 -0.05
N LEU D 25 -5.58 -17.54 -1.11
CA LEU D 25 -4.42 -17.97 -1.88
C LEU D 25 -3.14 -17.94 -1.07
N GLU D 26 -2.94 -16.88 -0.28
CA GLU D 26 -1.76 -16.70 0.54
C GLU D 26 -1.80 -17.47 1.85
N GLN D 27 -2.97 -18.01 2.23
CA GLN D 27 -3.19 -18.75 3.49
C GLN D 27 -2.76 -17.86 4.68
N THR D 28 -3.28 -16.62 4.70
CA THR D 28 -2.96 -15.63 5.73
C THR D 28 -4.22 -15.00 6.29
N TYR D 29 -4.05 -14.29 7.40
CA TYR D 29 -5.13 -13.59 8.09
C TYR D 29 -4.52 -12.51 8.94
N LYS D 30 -5.28 -11.43 9.14
CA LYS D 30 -4.87 -10.28 9.94
C LYS D 30 -5.40 -10.41 11.34
N VAL D 31 -4.57 -10.00 12.32
CA VAL D 31 -4.90 -10.05 13.74
C VAL D 31 -4.48 -8.73 14.39
N ASP D 32 -5.45 -8.06 15.02
CA ASP D 32 -5.20 -6.87 15.83
C ASP D 32 -5.30 -7.30 17.30
N GLY D 33 -4.32 -6.91 18.09
CA GLY D 33 -4.31 -7.20 19.51
C GLY D 33 -3.22 -6.53 20.31
N TYR D 34 -3.04 -7.02 21.53
CA TYR D 34 -2.00 -6.56 22.45
C TYR D 34 -1.18 -7.75 22.88
N ILE D 35 0.08 -7.48 23.19
CA ILE D 35 1.01 -8.47 23.71
C ILE D 35 1.57 -7.87 24.98
N VAL D 36 1.47 -8.62 26.07
CA VAL D 36 1.98 -8.21 27.36
C VAL D 36 3.01 -9.23 27.78
N ALA D 37 4.20 -8.79 28.16
CA ALA D 37 5.28 -9.67 28.59
C ALA D 37 5.84 -9.14 29.89
N GLN D 38 5.86 -9.98 30.91
CA GLN D 38 6.36 -9.61 32.22
C GLN D 38 7.49 -10.55 32.68
N TRP D 39 8.55 -9.96 33.22
CA TRP D 39 9.68 -10.67 33.78
C TRP D 39 10.26 -9.83 34.91
N THR D 40 11.22 -10.40 35.63
CA THR D 40 11.88 -9.72 36.73
C THR D 40 13.36 -9.55 36.43
N GLY D 41 13.79 -8.30 36.50
CA GLY D 41 15.18 -7.92 36.35
C GLY D 41 15.75 -7.55 37.70
N LYS D 42 16.84 -6.76 37.67
CA LYS D 42 17.50 -6.27 38.87
C LYS D 42 16.69 -5.10 39.44
N PRO D 43 16.63 -4.96 40.79
CA PRO D 43 15.91 -3.82 41.37
C PRO D 43 16.47 -2.48 40.92
N ARG D 44 15.67 -1.43 41.05
CA ARG D 44 16.09 -0.08 40.66
C ARG D 44 15.37 0.96 41.51
N LYS D 45 15.85 2.21 41.44
CA LYS D 45 15.21 3.33 42.12
C LYS D 45 14.37 4.06 41.09
N THR D 46 13.11 4.32 41.45
CA THR D 46 12.17 4.99 40.56
C THR D 46 11.67 6.29 41.20
N PRO D 47 11.20 7.27 40.40
CA PRO D 47 10.66 8.50 40.98
C PRO D 47 9.52 8.20 41.94
N GLY D 48 9.74 8.58 43.20
CA GLY D 48 8.80 8.39 44.31
C GLY D 48 8.54 6.95 44.70
N ASP D 49 9.48 6.03 44.38
CA ASP D 49 9.41 4.58 44.69
C ASP D 49 8.16 3.92 44.10
N LYS D 50 7.56 4.56 43.09
CA LYS D 50 6.35 4.07 42.46
C LYS D 50 6.70 3.52 41.07
N PRO D 51 5.87 2.63 40.48
CA PRO D 51 6.16 2.15 39.11
C PRO D 51 6.37 3.30 38.12
N LEU D 52 7.36 3.13 37.24
CA LEU D 52 7.69 4.11 36.22
C LEU D 52 7.18 3.66 34.85
N ILE D 53 6.50 4.57 34.15
CA ILE D 53 5.97 4.33 32.81
C ILE D 53 6.89 4.98 31.79
N VAL D 54 7.32 4.18 30.82
CA VAL D 54 8.19 4.61 29.74
C VAL D 54 7.47 4.23 28.46
N GLU D 55 7.09 5.23 27.68
CA GLU D 55 6.30 5.03 26.48
C GLU D 55 7.05 5.29 25.22
N ASN D 56 6.72 4.49 24.21
CA ASN D 56 7.13 4.62 22.83
C ASN D 56 8.62 4.91 22.63
N THR D 57 8.95 6.08 22.04
CA THR D 57 10.31 6.56 21.74
C THR D 57 11.27 6.41 22.90
N GLN D 58 10.82 6.65 24.14
CA GLN D 58 11.62 6.57 25.34
C GLN D 58 12.12 5.16 25.64
N ILE D 59 11.44 4.13 25.12
CA ILE D 59 11.89 2.75 25.28
C ILE D 59 13.30 2.57 24.73
N GLU D 60 13.58 3.06 23.49
CA GLU D 60 14.90 2.98 22.83
C GLU D 60 15.98 3.63 23.65
N ARG D 61 15.67 4.76 24.32
CA ARG D 61 16.61 5.49 25.16
C ARG D 61 17.02 4.69 26.41
N TRP D 62 16.10 3.87 26.96
CA TRP D 62 16.39 3.01 28.11
C TRP D 62 17.22 1.81 27.68
N ILE D 63 16.91 1.24 26.50
CA ILE D 63 17.65 0.12 25.89
C ILE D 63 19.08 0.55 25.59
N ASN D 64 19.27 1.77 25.03
CA ASN D 64 20.60 2.34 24.75
C ASN D 64 21.40 2.42 26.03
N ASN D 65 20.74 2.79 27.15
CA ASN D 65 21.38 2.93 28.45
C ASN D 65 21.51 1.61 29.25
N GLY D 66 21.29 0.48 28.59
CA GLY D 66 21.50 -0.82 29.21
C GLY D 66 20.30 -1.69 29.55
N LEU D 67 19.07 -1.15 29.49
CA LEU D 67 17.88 -1.95 29.81
C LEU D 67 17.70 -3.13 28.87
N TRP D 68 17.65 -4.32 29.45
CA TRP D 68 17.44 -5.55 28.71
C TRP D 68 15.94 -5.71 28.39
N VAL D 69 15.60 -5.75 27.09
CA VAL D 69 14.23 -5.90 26.59
C VAL D 69 14.36 -6.88 25.43
N PRO D 70 14.19 -8.21 25.69
CA PRO D 70 14.38 -9.19 24.62
C PRO D 70 13.32 -9.10 23.53
N ALA D 71 13.72 -9.46 22.31
CA ALA D 71 12.83 -9.44 21.17
C ALA D 71 12.05 -10.75 21.15
N LEU D 72 10.73 -10.63 21.14
CA LEU D 72 9.86 -11.79 21.07
C LEU D 72 9.28 -11.76 19.69
N GLU D 73 9.70 -12.73 18.89
CA GLU D 73 9.28 -12.79 17.51
C GLU D 73 8.04 -13.64 17.32
N PHE D 74 7.17 -13.19 16.40
CA PHE D 74 6.01 -13.93 15.97
C PHE D 74 6.55 -14.80 14.87
N ILE D 75 6.74 -16.08 15.16
CA ILE D 75 7.28 -17.06 14.22
C ILE D 75 6.51 -17.10 12.89
N ASN D 76 5.16 -17.08 12.96
CA ASN D 76 4.28 -17.20 11.80
C ASN D 76 3.76 -15.86 11.25
N VAL D 77 4.41 -14.76 11.58
CA VAL D 77 4.03 -13.45 11.04
C VAL D 77 4.59 -13.32 9.61
N VAL D 78 3.80 -12.69 8.74
CA VAL D 78 4.20 -12.43 7.35
C VAL D 78 4.52 -10.96 7.30
N GLY D 79 5.80 -10.64 7.26
CA GLY D 79 6.24 -9.25 7.27
C GLY D 79 6.28 -8.70 8.67
N SER D 80 6.91 -7.54 8.85
CA SER D 80 7.00 -6.95 10.18
C SER D 80 5.62 -6.44 10.58
N PRO D 81 5.12 -6.84 11.78
CA PRO D 81 3.79 -6.35 12.20
C PRO D 81 3.81 -4.84 12.44
N ASP D 82 2.63 -4.24 12.37
CA ASP D 82 2.48 -2.83 12.64
C ASP D 82 2.26 -2.68 14.15
N THR D 83 3.30 -2.20 14.84
CA THR D 83 3.24 -1.97 16.27
C THR D 83 2.61 -0.59 16.51
N GLY D 84 1.60 -0.50 17.38
CA GLY D 84 0.96 0.75 17.75
C GLY D 84 1.69 1.32 18.93
N ASN D 85 0.96 1.79 19.94
CA ASN D 85 1.58 2.27 21.16
C ASN D 85 2.23 1.12 21.91
N LYS D 86 3.33 1.42 22.60
CA LYS D 86 4.07 0.44 23.39
C LYS D 86 4.64 1.12 24.60
N ARG D 87 4.74 0.38 25.70
CA ARG D 87 5.26 0.93 26.95
C ARG D 87 5.98 -0.12 27.77
N LEU D 88 6.77 0.37 28.70
CA LEU D 88 7.45 -0.40 29.72
C LEU D 88 6.95 0.14 31.04
N MET D 89 6.73 -0.77 31.99
CA MET D 89 6.38 -0.42 33.35
C MET D 89 7.49 -1.01 34.19
N LEU D 90 8.36 -0.13 34.71
CA LEU D 90 9.52 -0.51 35.51
C LEU D 90 9.25 -0.36 36.99
N PHE D 91 9.24 -1.49 37.71
CA PHE D 91 8.99 -1.50 39.16
C PHE D 91 10.28 -1.45 39.94
N PRO D 92 10.29 -0.83 41.15
CA PRO D 92 11.53 -0.76 41.95
C PRO D 92 12.08 -2.13 42.32
N ASP D 93 11.20 -3.14 42.61
CA ASP D 93 11.59 -4.52 42.94
C ASP D 93 12.32 -5.26 41.78
N GLY D 94 12.34 -4.69 40.58
CA GLY D 94 12.99 -5.27 39.41
C GLY D 94 12.04 -5.75 38.33
N ARG D 95 10.74 -5.87 38.63
CA ARG D 95 9.73 -6.30 37.64
C ARG D 95 9.70 -5.38 36.44
N VAL D 96 9.46 -5.96 35.27
CA VAL D 96 9.38 -5.26 33.99
C VAL D 96 8.19 -5.81 33.25
N ILE D 97 7.31 -4.91 32.79
CA ILE D 97 6.13 -5.26 32.01
C ILE D 97 6.20 -4.53 30.68
N TYR D 98 6.24 -5.29 29.59
CA TYR D 98 6.24 -4.76 28.24
C TYR D 98 4.85 -4.94 27.69
N ASN D 99 4.25 -3.85 27.22
CA ASN D 99 2.91 -3.86 26.65
C ASN D 99 2.96 -3.16 25.30
N ALA D 100 2.39 -3.77 24.27
CA ALA D 100 2.36 -3.20 22.93
C ALA D 100 1.16 -3.60 22.15
N ARG D 101 0.62 -2.67 21.37
CA ARG D 101 -0.49 -2.92 20.45
C ARG D 101 0.13 -3.39 19.14
N PHE D 102 -0.45 -4.42 18.52
CA PHE D 102 0.09 -4.88 17.26
C PHE D 102 -1.02 -5.16 16.29
N LEU D 103 -0.68 -5.08 15.00
CA LEU D 103 -1.52 -5.50 13.89
C LEU D 103 -0.60 -6.25 12.95
N GLY D 104 -0.84 -7.54 12.77
CA GLY D 104 0.00 -8.33 11.88
C GLY D 104 -0.74 -9.29 10.98
N SER D 105 -0.07 -9.73 9.91
CA SER D 105 -0.58 -10.74 8.99
C SER D 105 0.12 -12.02 9.40
N PHE D 106 -0.65 -13.06 9.69
CA PHE D 106 -0.13 -14.34 10.16
C PHE D 106 -0.49 -15.43 9.20
N SER D 107 0.39 -16.43 9.09
CA SER D 107 0.25 -17.57 8.20
C SER D 107 -0.03 -18.84 8.99
N ASN D 108 -0.72 -19.76 8.32
CA ASN D 108 -1.04 -21.09 8.80
C ASN D 108 -1.54 -21.92 7.64
N ASP D 109 -1.33 -23.25 7.70
CA ASP D 109 -1.84 -24.18 6.69
C ASP D 109 -3.36 -24.19 6.79
N MET D 110 -4.01 -23.70 5.72
CA MET D 110 -5.47 -23.57 5.66
C MET D 110 -6.04 -24.34 4.48
N ASP D 111 -7.02 -25.19 4.78
CA ASP D 111 -7.68 -26.01 3.79
C ASP D 111 -9.12 -25.54 3.60
N PHE D 112 -9.42 -25.07 2.39
CA PHE D 112 -10.74 -24.54 2.05
C PHE D 112 -11.52 -25.46 1.11
N ARG D 113 -11.17 -26.77 1.06
CA ARG D 113 -11.84 -27.73 0.18
C ARG D 113 -13.32 -27.90 0.49
N LEU D 114 -13.69 -27.81 1.80
CA LEU D 114 -15.07 -27.94 2.23
C LEU D 114 -15.84 -26.65 2.20
N PHE D 115 -15.31 -25.62 1.53
CA PHE D 115 -15.96 -24.32 1.38
C PHE D 115 -17.36 -24.51 0.79
N PRO D 116 -18.38 -23.82 1.30
CA PRO D 116 -18.38 -22.79 2.35
C PRO D 116 -18.56 -23.32 3.79
N PHE D 117 -18.38 -24.62 3.99
CA PHE D 117 -18.55 -25.30 5.28
C PHE D 117 -17.21 -25.69 5.90
N ASP D 118 -16.19 -24.85 5.66
CA ASP D 118 -14.84 -25.08 6.16
C ASP D 118 -14.63 -24.56 7.59
N ARG D 119 -13.73 -25.23 8.30
CA ARG D 119 -13.32 -24.89 9.66
C ARG D 119 -11.83 -24.58 9.62
N GLN D 120 -11.46 -23.44 10.18
CA GLN D 120 -10.08 -22.97 10.20
C GLN D 120 -9.52 -22.79 11.60
N GLN D 121 -8.19 -22.71 11.70
CA GLN D 121 -7.49 -22.47 12.94
C GLN D 121 -6.62 -21.24 12.76
N PHE D 122 -6.90 -20.20 13.56
CA PHE D 122 -6.12 -18.97 13.56
C PHE D 122 -5.10 -19.13 14.64
N VAL D 123 -3.84 -19.26 14.22
CA VAL D 123 -2.67 -19.50 15.06
C VAL D 123 -1.76 -18.27 15.22
N LEU D 124 -1.16 -18.16 16.43
CA LEU D 124 -0.12 -17.20 16.73
C LEU D 124 0.99 -17.99 17.41
N GLU D 125 2.21 -17.91 16.86
CA GLU D 125 3.38 -18.56 17.46
C GLU D 125 4.36 -17.48 17.87
N LEU D 126 4.71 -17.46 19.16
CA LEU D 126 5.60 -16.48 19.74
C LEU D 126 6.83 -17.17 20.30
N GLU D 127 8.00 -16.60 20.02
CA GLU D 127 9.23 -17.21 20.48
C GLU D 127 10.30 -16.15 20.64
N PRO D 128 11.19 -16.26 21.65
CA PRO D 128 12.29 -15.30 21.76
C PRO D 128 13.16 -15.44 20.51
N PHE D 129 13.56 -14.31 19.94
CA PHE D 129 14.36 -14.30 18.73
C PHE D 129 15.80 -14.79 18.93
N SER D 130 16.43 -14.45 20.08
CA SER D 130 17.84 -14.75 20.30
C SER D 130 18.20 -15.54 21.54
N TYR D 131 17.26 -15.85 22.42
CA TYR D 131 17.54 -16.53 23.69
C TYR D 131 16.87 -17.89 23.76
N ASN D 132 17.63 -18.91 24.16
CA ASN D 132 17.16 -20.30 24.30
C ASN D 132 16.56 -20.58 25.71
N ASN D 133 16.13 -21.85 25.95
CA ASN D 133 15.58 -22.39 27.21
C ASN D 133 16.35 -22.00 28.46
N GLN D 134 17.69 -22.20 28.46
CA GLN D 134 18.57 -21.90 29.58
C GLN D 134 18.69 -20.41 29.87
N GLN D 135 18.25 -19.56 28.92
CA GLN D 135 18.35 -18.11 29.04
C GLN D 135 17.01 -17.43 29.26
N LEU D 136 16.01 -17.81 28.48
CA LEU D 136 14.69 -17.21 28.54
C LEU D 136 13.67 -18.26 28.21
N ARG D 137 12.76 -18.50 29.16
CA ARG D 137 11.65 -19.42 28.98
C ARG D 137 10.31 -18.78 29.37
N PHE D 138 9.23 -19.19 28.69
CA PHE D 138 7.90 -18.71 29.00
C PHE D 138 7.34 -19.52 30.18
N SER D 139 7.01 -18.84 31.28
CA SER D 139 6.48 -19.48 32.48
C SER D 139 4.99 -19.77 32.38
N ASP D 140 4.26 -18.90 31.64
CA ASP D 140 2.82 -19.02 31.43
C ASP D 140 2.33 -18.16 30.29
N ILE D 141 1.19 -18.55 29.75
CA ILE D 141 0.51 -17.85 28.69
C ILE D 141 -0.98 -17.70 29.00
N GLN D 142 -1.49 -16.47 28.90
N GLN D 142 -1.49 -16.48 28.91
CA GLN D 142 -2.91 -16.16 29.09
CA GLN D 142 -2.88 -16.17 29.10
C GLN D 142 -3.41 -15.50 27.82
C GLN D 142 -3.43 -15.48 27.83
N VAL D 143 -4.53 -16.01 27.29
CA VAL D 143 -5.18 -15.47 26.09
C VAL D 143 -6.55 -14.91 26.44
N TYR D 144 -6.90 -13.78 25.84
CA TYR D 144 -8.19 -13.13 26.01
C TYR D 144 -8.79 -12.89 24.64
N THR D 145 -10.01 -13.38 24.46
CA THR D 145 -10.76 -13.28 23.21
C THR D 145 -12.12 -12.63 23.45
N GLU D 146 -12.32 -11.97 24.63
CA GLU D 146 -13.58 -11.31 25.03
C GLU D 146 -14.15 -10.34 23.98
N ASN D 147 -13.29 -9.52 23.33
CA ASN D 147 -13.68 -8.52 22.34
C ASN D 147 -14.23 -9.12 21.04
N ILE D 148 -14.18 -10.45 20.90
CA ILE D 148 -14.78 -11.14 19.76
C ILE D 148 -16.07 -11.81 20.23
N ASP D 149 -17.20 -11.31 19.76
CA ASP D 149 -18.51 -11.84 20.12
C ASP D 149 -19.22 -12.35 18.88
N ASN D 150 -19.80 -13.55 18.97
CA ASN D 150 -20.50 -14.18 17.86
C ASN D 150 -21.83 -13.50 17.53
N GLU D 151 -22.01 -13.21 16.24
CA GLU D 151 -23.21 -12.60 15.70
C GLU D 151 -23.48 -13.19 14.32
N GLU D 152 -24.73 -13.07 13.85
CA GLU D 152 -25.16 -13.50 12.53
C GLU D 152 -24.56 -12.58 11.45
N ILE D 153 -24.15 -11.35 11.84
CA ILE D 153 -23.54 -10.35 10.96
C ILE D 153 -22.01 -10.54 10.84
N ASP D 154 -21.50 -11.63 11.42
CA ASP D 154 -20.09 -11.95 11.40
C ASP D 154 -19.79 -13.01 10.36
N GLU D 155 -18.68 -12.81 9.64
CA GLU D 155 -18.18 -13.72 8.60
C GLU D 155 -17.73 -15.05 9.21
N TRP D 156 -17.08 -14.99 10.38
CA TRP D 156 -16.56 -16.16 11.07
C TRP D 156 -17.12 -16.27 12.47
N TRP D 157 -17.40 -17.50 12.90
CA TRP D 157 -17.88 -17.81 14.24
C TRP D 157 -16.75 -18.41 15.03
N ILE D 158 -16.27 -17.67 16.02
CA ILE D 158 -15.13 -18.04 16.84
C ILE D 158 -15.55 -18.80 18.09
N ARG D 159 -14.78 -19.84 18.41
CA ARG D 159 -14.98 -20.60 19.64
C ARG D 159 -14.25 -19.84 20.74
N GLY D 160 -14.95 -19.53 21.82
CA GLY D 160 -14.41 -18.81 22.98
C GLY D 160 -13.27 -19.55 23.66
N LYS D 161 -13.32 -20.90 23.64
CA LYS D 161 -12.29 -21.76 24.21
C LYS D 161 -11.04 -21.78 23.32
N ALA D 162 -10.06 -20.91 23.67
CA ALA D 162 -8.81 -20.82 22.93
C ALA D 162 -7.86 -21.88 23.44
N SER D 163 -7.05 -22.44 22.55
CA SER D 163 -6.05 -23.45 22.88
C SER D 163 -4.69 -22.74 23.04
N THR D 164 -4.09 -22.84 24.24
CA THR D 164 -2.80 -22.24 24.54
C THR D 164 -1.85 -23.33 24.93
N HIS D 165 -0.60 -23.18 24.52
CA HIS D 165 0.42 -24.17 24.79
C HIS D 165 1.80 -23.53 24.84
N ILE D 166 2.67 -24.09 25.69
CA ILE D 166 4.07 -23.71 25.83
C ILE D 166 4.87 -24.97 25.58
N SER D 167 5.69 -24.96 24.52
CA SER D 167 6.52 -26.11 24.17
C SER D 167 7.99 -25.69 23.99
N ASP D 168 8.85 -26.68 23.72
CA ASP D 168 10.26 -26.46 23.47
C ASP D 168 10.59 -26.89 22.06
N ILE D 169 11.12 -25.97 21.27
CA ILE D 169 11.48 -26.21 19.88
C ILE D 169 12.94 -26.56 19.79
N ARG D 170 13.21 -27.68 19.14
CA ARG D 170 14.57 -28.12 18.89
C ARG D 170 14.92 -27.76 17.45
N TYR D 171 16.00 -27.00 17.29
CA TYR D 171 16.46 -26.65 15.95
C TYR D 171 17.58 -27.59 15.57
N ASP D 172 17.32 -28.48 14.58
CA ASP D 172 18.27 -29.50 14.11
C ASP D 172 19.59 -28.92 13.63
N HIS D 173 19.56 -27.69 13.09
CA HIS D 173 20.71 -26.95 12.58
C HIS D 173 21.56 -26.25 13.68
N LEU D 174 21.55 -26.74 14.94
CA LEU D 174 22.34 -26.12 16.00
C LEU D 174 22.94 -27.17 16.93
N SER D 175 24.12 -26.84 17.51
CA SER D 175 24.87 -27.68 18.47
C SER D 175 25.99 -26.86 19.11
N VAL D 177 29.50 -25.11 22.99
CA VAL D 177 28.07 -24.83 23.24
C VAL D 177 27.18 -25.99 22.74
N GLN D 178 27.79 -27.17 22.59
CA GLN D 178 27.10 -28.38 22.14
C GLN D 178 26.11 -28.96 23.16
N PRO D 179 26.35 -28.90 24.50
CA PRO D 179 25.43 -29.57 25.43
C PRO D 179 24.09 -28.88 25.67
N ASN D 180 23.11 -29.24 24.83
CA ASN D 180 21.73 -28.78 24.91
C ASN D 180 21.57 -27.24 24.98
N GLN D 181 21.91 -26.55 23.89
CA GLN D 181 21.80 -25.08 23.75
C GLN D 181 21.02 -24.74 22.47
N ASN D 182 20.21 -25.71 21.99
CA ASN D 182 19.46 -25.63 20.73
C ASN D 182 17.94 -25.67 20.89
N GLU D 183 17.45 -25.47 22.13
CA GLU D 183 16.02 -25.51 22.42
C GLU D 183 15.48 -24.15 22.82
N PHE D 184 14.38 -23.75 22.18
CA PHE D 184 13.75 -22.45 22.42
C PHE D 184 12.35 -22.62 22.96
N SER D 185 11.94 -21.70 23.84
CA SER D 185 10.59 -21.69 24.39
C SER D 185 9.65 -21.01 23.38
N ARG D 186 8.54 -21.69 23.08
CA ARG D 186 7.54 -21.18 22.15
C ARG D 186 6.15 -21.19 22.75
N ILE D 187 5.40 -20.10 22.56
CA ILE D 187 3.99 -19.98 22.93
C ILE D 187 3.21 -20.22 21.62
N THR D 188 2.15 -21.01 21.70
CA THR D 188 1.28 -21.29 20.56
C THR D 188 -0.15 -21.04 21.01
N VAL D 189 -0.86 -20.20 20.26
CA VAL D 189 -2.26 -19.88 20.51
C VAL D 189 -3.02 -20.34 19.27
N ARG D 190 -4.07 -21.16 19.47
CA ARG D 190 -4.93 -21.67 18.40
C ARG D 190 -6.37 -21.27 18.67
N ILE D 191 -6.96 -20.59 17.71
CA ILE D 191 -8.35 -20.15 17.82
C ILE D 191 -9.13 -20.84 16.72
N ASP D 192 -10.08 -21.70 17.13
CA ASP D 192 -10.97 -22.42 16.21
C ASP D 192 -12.06 -21.51 15.71
N ALA D 193 -12.34 -21.62 14.42
CA ALA D 193 -13.33 -20.80 13.75
C ALA D 193 -14.09 -21.61 12.74
N VAL D 194 -15.37 -21.25 12.53
CA VAL D 194 -16.25 -21.89 11.57
C VAL D 194 -16.82 -20.77 10.69
N ARG D 195 -16.83 -21.01 9.37
CA ARG D 195 -17.36 -20.04 8.43
C ARG D 195 -18.90 -19.98 8.54
N ASN D 196 -19.47 -18.78 8.34
CA ASN D 196 -20.90 -18.60 8.30
C ASN D 196 -21.36 -18.98 6.86
N PRO D 197 -22.02 -20.15 6.65
CA PRO D 197 -22.40 -20.54 5.28
C PRO D 197 -23.72 -19.98 4.72
N SER D 198 -24.47 -19.22 5.54
CA SER D 198 -25.76 -18.62 5.18
C SER D 198 -25.74 -17.96 3.81
N TYR D 199 -24.86 -16.96 3.60
CA TYR D 199 -24.74 -16.24 2.34
C TYR D 199 -24.51 -17.18 1.15
N TYR D 200 -23.56 -18.11 1.28
CA TYR D 200 -23.21 -19.05 0.21
C TYR D 200 -24.29 -20.09 -0.04
N LEU D 201 -25.11 -20.41 0.98
CA LEU D 201 -26.20 -21.38 0.83
C LEU D 201 -27.35 -20.81 0.03
N TRP D 202 -27.74 -19.57 0.34
CA TRP D 202 -28.88 -18.89 -0.26
C TRP D 202 -28.61 -18.17 -1.58
N SER D 203 -27.42 -17.55 -1.72
CA SER D 203 -27.06 -16.78 -2.91
C SER D 203 -26.28 -17.56 -3.96
N PHE D 204 -25.87 -18.80 -3.63
CA PHE D 204 -25.08 -19.57 -4.57
C PHE D 204 -25.55 -20.99 -4.75
N ILE D 205 -25.57 -21.79 -3.69
CA ILE D 205 -25.94 -23.20 -3.78
C ILE D 205 -27.38 -23.38 -4.23
N LEU D 206 -28.32 -22.71 -3.52
CA LEU D 206 -29.75 -22.78 -3.80
C LEU D 206 -30.07 -22.45 -5.27
N PRO D 207 -29.77 -21.23 -5.81
CA PRO D 207 -30.10 -20.94 -7.21
C PRO D 207 -29.42 -21.86 -8.21
N LEU D 208 -28.24 -22.41 -7.86
CA LEU D 208 -27.56 -23.37 -8.72
C LEU D 208 -28.37 -24.68 -8.81
N GLY D 209 -28.89 -25.14 -7.67
CA GLY D 209 -29.75 -26.32 -7.58
C GLY D 209 -31.00 -26.16 -8.42
N LEU D 210 -31.56 -24.93 -8.42
CA LEU D 210 -32.73 -24.58 -9.22
C LEU D 210 -32.41 -24.59 -10.70
N ILE D 211 -31.24 -24.03 -11.09
CA ILE D 211 -30.78 -24.01 -12.49
C ILE D 211 -30.57 -25.43 -12.97
N ILE D 212 -29.87 -26.26 -12.17
CA ILE D 212 -29.60 -27.67 -12.50
C ILE D 212 -30.92 -28.42 -12.61
N ALA D 213 -31.86 -28.21 -11.65
CA ALA D 213 -33.17 -28.87 -11.69
C ALA D 213 -33.98 -28.43 -12.91
N ALA D 214 -33.97 -27.12 -13.23
CA ALA D 214 -34.67 -26.55 -14.40
C ALA D 214 -34.04 -27.01 -15.72
N SER D 215 -32.76 -27.46 -15.73
CA SER D 215 -32.13 -27.98 -16.95
C SER D 215 -32.69 -29.36 -17.28
N TRP D 216 -33.19 -30.10 -16.27
CA TRP D 216 -33.81 -31.42 -16.46
C TRP D 216 -35.15 -31.32 -17.17
N SER D 217 -35.76 -30.12 -17.15
CA SER D 217 -37.03 -29.87 -17.82
C SER D 217 -36.91 -29.81 -19.36
N VAL D 218 -35.70 -29.99 -19.90
CA VAL D 218 -35.46 -30.00 -21.36
C VAL D 218 -36.20 -31.17 -22.01
N PHE D 219 -36.29 -32.32 -21.28
CA PHE D 219 -36.93 -33.55 -21.73
C PHE D 219 -38.42 -33.37 -21.92
N TRP D 220 -39.02 -32.37 -21.27
CA TRP D 220 -40.44 -32.07 -21.36
C TRP D 220 -40.82 -31.30 -22.62
N LEU D 221 -39.82 -30.97 -23.47
CA LEU D 221 -40.04 -30.31 -24.75
C LEU D 221 -40.44 -31.39 -25.76
N GLU D 222 -41.40 -31.07 -26.62
CA GLU D 222 -42.02 -32.00 -27.56
C GLU D 222 -41.20 -32.42 -28.76
N SER D 223 -40.41 -31.51 -29.33
CA SER D 223 -39.63 -31.81 -30.52
C SER D 223 -38.14 -31.81 -30.31
N PHE D 224 -37.43 -32.59 -31.15
CA PHE D 224 -35.99 -32.70 -31.13
C PHE D 224 -35.34 -31.35 -31.33
N SER D 225 -35.90 -30.52 -32.25
CA SER D 225 -35.40 -29.18 -32.55
C SER D 225 -35.42 -28.32 -31.29
N GLU D 226 -36.53 -28.36 -30.52
CA GLU D 226 -36.65 -27.60 -29.28
C GLU D 226 -35.69 -28.09 -28.21
N ARG D 227 -35.61 -29.42 -27.99
CA ARG D 227 -34.73 -30.01 -26.97
C ARG D 227 -33.26 -29.70 -27.17
N LEU D 228 -32.74 -29.87 -28.40
CA LEU D 228 -31.34 -29.62 -28.70
C LEU D 228 -30.98 -28.15 -28.60
N GLN D 229 -31.78 -27.27 -29.21
CA GLN D 229 -31.54 -25.83 -29.18
C GLN D 229 -31.64 -25.25 -27.78
N THR D 230 -32.58 -25.75 -26.95
CA THR D 230 -32.75 -25.31 -25.56
C THR D 230 -31.56 -25.72 -24.71
N SER D 231 -30.90 -26.84 -25.04
CA SER D 231 -29.73 -27.31 -24.31
C SER D 231 -28.58 -26.32 -24.39
N PHE D 232 -28.47 -25.57 -25.51
CA PHE D 232 -27.43 -24.57 -25.71
C PHE D 232 -27.68 -23.35 -24.83
N THR D 233 -28.95 -22.94 -24.67
CA THR D 233 -29.33 -21.84 -23.78
C THR D 233 -29.04 -22.22 -22.35
N LEU D 234 -29.22 -23.52 -22.02
CA LEU D 234 -28.95 -24.06 -20.69
C LEU D 234 -27.45 -24.08 -20.41
N MET D 235 -26.67 -24.59 -21.38
CA MET D 235 -25.21 -24.62 -21.33
C MET D 235 -24.69 -23.19 -21.14
N LEU D 236 -25.26 -22.22 -21.89
CA LEU D 236 -24.92 -20.80 -21.77
C LEU D 236 -25.27 -20.24 -20.38
N THR D 237 -26.33 -20.76 -19.73
CA THR D 237 -26.74 -20.32 -18.39
C THR D 237 -25.75 -20.80 -17.35
N VAL D 238 -25.23 -22.03 -17.53
CA VAL D 238 -24.26 -22.58 -16.59
C VAL D 238 -22.96 -21.81 -16.66
N VAL D 239 -22.57 -21.38 -17.87
CA VAL D 239 -21.36 -20.59 -18.10
C VAL D 239 -21.54 -19.24 -17.42
N ALA D 240 -22.70 -18.60 -17.62
CA ALA D 240 -23.03 -17.30 -17.03
C ALA D 240 -23.01 -17.41 -15.51
N TYR D 241 -23.46 -18.56 -14.98
CA TYR D 241 -23.44 -18.79 -13.55
C TYR D 241 -22.05 -19.12 -13.02
N ALA D 242 -21.24 -19.88 -13.79
CA ALA D 242 -19.90 -20.33 -13.43
C ALA D 242 -18.99 -19.16 -13.18
N PHE D 243 -19.18 -18.10 -13.95
CA PHE D 243 -18.42 -16.89 -13.80
C PHE D 243 -18.92 -16.07 -12.62
N TYR D 244 -20.26 -15.84 -12.52
CA TYR D 244 -20.90 -15.07 -11.45
C TYR D 244 -20.34 -15.50 -10.07
N THR D 245 -20.12 -16.81 -9.90
CA THR D 245 -19.55 -17.38 -8.67
C THR D 245 -18.06 -17.11 -8.60
N SER D 246 -17.32 -17.37 -9.70
CA SER D 246 -15.87 -17.17 -9.78
C SER D 246 -15.48 -15.71 -9.47
N ASN D 247 -16.31 -14.74 -9.84
CA ASN D 247 -16.03 -13.33 -9.59
C ASN D 247 -16.17 -12.92 -8.11
N ILE D 248 -16.94 -13.68 -7.31
CA ILE D 248 -17.21 -13.37 -5.90
C ILE D 248 -16.48 -14.29 -4.94
N LEU D 249 -16.50 -15.60 -5.23
CA LEU D 249 -15.87 -16.61 -4.38
C LEU D 249 -14.36 -16.45 -4.35
N PRO D 250 -13.71 -16.86 -3.23
CA PRO D 250 -12.26 -16.68 -3.15
C PRO D 250 -11.47 -17.52 -4.12
N ARG D 251 -10.26 -17.05 -4.46
CA ARG D 251 -9.32 -17.74 -5.35
C ARG D 251 -8.67 -18.87 -4.60
N LEU D 252 -8.78 -20.08 -5.15
CA LEU D 252 -8.21 -21.28 -4.54
C LEU D 252 -7.47 -22.14 -5.55
N PRO D 253 -6.46 -22.94 -5.12
CA PRO D 253 -5.75 -23.81 -6.07
C PRO D 253 -6.46 -25.16 -6.30
N TYR D 254 -7.69 -25.29 -5.79
CA TYR D 254 -8.51 -26.50 -5.89
C TYR D 254 -9.98 -26.17 -5.95
N THR D 255 -10.79 -27.18 -6.25
CA THR D 255 -12.24 -27.05 -6.35
C THR D 255 -12.89 -27.14 -4.97
N THR D 256 -13.97 -26.40 -4.80
CA THR D 256 -14.78 -26.39 -3.58
C THR D 256 -16.05 -27.18 -3.89
N VAL D 257 -17.02 -27.16 -2.98
CA VAL D 257 -18.30 -27.86 -3.17
C VAL D 257 -19.09 -27.18 -4.31
N ILE D 258 -19.06 -25.83 -4.34
CA ILE D 258 -19.74 -25.04 -5.37
C ILE D 258 -19.19 -25.35 -6.76
N ASP D 259 -17.85 -25.40 -6.89
CA ASP D 259 -17.15 -25.71 -8.14
C ASP D 259 -17.58 -27.06 -8.72
N GLN D 260 -17.74 -28.06 -7.84
CA GLN D 260 -18.21 -29.40 -8.23
C GLN D 260 -19.64 -29.37 -8.74
N MET D 261 -20.52 -28.62 -8.06
CA MET D 261 -21.92 -28.44 -8.49
C MET D 261 -21.95 -27.85 -9.90
N ILE D 262 -21.04 -26.91 -10.19
CA ILE D 262 -20.91 -26.28 -11.51
C ILE D 262 -20.52 -27.32 -12.55
N ILE D 263 -19.54 -28.19 -12.22
CA ILE D 263 -19.08 -29.26 -13.10
C ILE D 263 -20.21 -30.24 -13.36
N ALA D 264 -20.98 -30.59 -12.29
CA ALA D 264 -22.13 -31.48 -12.38
C ALA D 264 -23.18 -30.89 -13.34
N GLY D 265 -23.36 -29.57 -13.27
CA GLY D 265 -24.25 -28.83 -14.14
C GLY D 265 -23.85 -28.96 -15.59
N TYR D 266 -22.54 -28.80 -15.89
CA TYR D 266 -21.98 -28.95 -17.24
C TYR D 266 -22.23 -30.34 -17.79
N GLY D 267 -21.96 -31.35 -16.96
CA GLY D 267 -22.13 -32.76 -17.27
C GLY D 267 -23.58 -33.12 -17.54
N SER D 268 -24.51 -32.66 -16.68
CA SER D 268 -25.94 -32.91 -16.80
C SER D 268 -26.49 -32.37 -18.12
N ILE D 269 -26.07 -31.17 -18.52
CA ILE D 269 -26.50 -30.55 -19.78
C ILE D 269 -25.84 -31.28 -20.95
N PHE D 270 -24.54 -31.62 -20.83
CA PHE D 270 -23.83 -32.31 -21.91
C PHE D 270 -24.37 -33.73 -22.11
N ALA D 271 -24.72 -34.42 -21.00
CA ALA D 271 -25.29 -35.76 -21.03
C ALA D 271 -26.67 -35.71 -21.70
N ALA D 272 -27.48 -34.68 -21.38
CA ALA D 272 -28.80 -34.48 -21.99
C ALA D 272 -28.66 -34.25 -23.50
N ILE D 273 -27.60 -33.56 -23.96
CA ILE D 273 -27.34 -33.33 -25.40
C ILE D 273 -27.14 -34.67 -26.10
N LEU D 274 -26.42 -35.61 -25.46
CA LEU D 274 -26.16 -36.92 -26.03
C LEU D 274 -27.43 -37.74 -26.12
N LEU D 275 -28.23 -37.74 -25.05
CA LEU D 275 -29.50 -38.46 -24.98
C LEU D 275 -30.48 -37.95 -26.02
N ILE D 276 -30.58 -36.62 -26.14
CA ILE D 276 -31.46 -35.95 -27.11
C ILE D 276 -31.11 -36.37 -28.54
N ILE D 277 -29.81 -36.45 -28.85
CA ILE D 277 -29.38 -36.82 -30.20
C ILE D 277 -29.54 -38.31 -30.43
N PHE D 278 -29.17 -39.12 -29.45
CA PHE D 278 -29.27 -40.56 -29.56
C PHE D 278 -30.73 -40.98 -29.77
N ALA D 279 -31.68 -40.30 -29.12
CA ALA D 279 -33.10 -40.62 -29.25
C ALA D 279 -33.68 -40.23 -30.60
N HIS D 280 -33.14 -39.20 -31.25
CA HIS D 280 -33.68 -38.76 -32.53
C HIS D 280 -33.24 -39.60 -33.73
N HIS D 281 -32.04 -40.20 -33.65
CA HIS D 281 -31.49 -41.03 -34.72
C HIS D 281 -31.61 -42.52 -34.41
N ARG D 282 -32.26 -42.86 -33.27
CA ARG D 282 -32.57 -44.24 -32.90
C ARG D 282 -33.98 -44.51 -33.40
N GLN D 283 -34.78 -43.44 -33.71
CA GLN D 283 -36.15 -43.50 -34.24
C GLN D 283 -36.13 -44.04 -35.68
N ALA D 284 -35.81 -45.35 -35.83
CA ALA D 284 -35.71 -46.04 -37.11
C ALA D 284 -37.10 -46.22 -37.69
N ASN D 285 -38.08 -46.59 -36.82
CA ASN D 285 -39.48 -46.74 -37.21
C ASN D 285 -40.11 -45.43 -37.71
N ASP D 290 -37.91 -42.47 -31.37
CA ASP D 290 -37.68 -43.14 -30.09
C ASP D 290 -38.35 -42.34 -28.97
N LEU D 291 -39.68 -42.25 -29.04
CA LEU D 291 -40.51 -41.53 -28.07
C LEU D 291 -40.39 -42.12 -26.66
N LEU D 292 -40.03 -43.43 -26.56
CA LEU D 292 -39.89 -44.14 -25.29
C LEU D 292 -38.73 -43.58 -24.46
N ILE D 293 -37.52 -43.50 -25.06
CA ILE D 293 -36.31 -43.00 -24.41
C ILE D 293 -36.43 -41.53 -24.06
N GLN D 294 -37.10 -40.73 -24.93
CA GLN D 294 -37.34 -39.30 -24.73
C GLN D 294 -38.00 -39.03 -23.38
N ARG D 295 -38.79 -40.01 -22.88
CA ARG D 295 -39.46 -39.92 -21.58
C ARG D 295 -38.58 -40.44 -20.43
N CYS D 296 -37.38 -39.86 -20.30
CA CYS D 296 -36.43 -40.16 -19.23
C CYS D 296 -36.38 -38.98 -18.25
N ARG D 297 -37.53 -38.29 -18.10
CA ARG D 297 -37.68 -37.14 -17.20
C ARG D 297 -37.45 -37.48 -15.73
N LEU D 298 -37.60 -38.76 -15.35
CA LEU D 298 -37.40 -39.25 -13.97
C LEU D 298 -36.02 -39.89 -13.80
N ALA D 299 -35.47 -40.50 -14.86
CA ALA D 299 -34.16 -41.16 -14.82
C ALA D 299 -33.03 -40.20 -14.53
N PHE D 300 -32.92 -39.11 -15.34
CA PHE D 300 -31.89 -38.08 -15.19
C PHE D 300 -31.77 -37.52 -13.77
N PRO D 301 -32.84 -36.90 -13.19
CA PRO D 301 -32.74 -36.43 -11.79
C PRO D 301 -32.36 -37.51 -10.80
N LEU D 302 -32.93 -38.74 -10.93
CA LEU D 302 -32.62 -39.85 -10.03
C LEU D 302 -31.16 -40.27 -10.14
N GLY D 303 -30.65 -40.39 -11.38
CA GLY D 303 -29.26 -40.69 -11.69
C GLY D 303 -28.31 -39.61 -11.18
N PHE D 304 -28.75 -38.33 -11.27
CA PHE D 304 -28.00 -37.16 -10.79
C PHE D 304 -27.96 -37.11 -9.27
N LEU D 305 -29.12 -37.27 -8.60
CA LEU D 305 -29.24 -37.30 -7.15
C LEU D 305 -28.47 -38.50 -6.59
N ALA D 306 -28.42 -39.64 -7.35
CA ALA D 306 -27.68 -40.85 -6.95
C ALA D 306 -26.20 -40.54 -6.89
N ILE D 307 -25.61 -40.07 -8.01
CA ILE D 307 -24.20 -39.70 -8.11
C ILE D 307 -23.86 -38.52 -7.17
N GLY D 308 -24.88 -37.71 -6.88
CA GLY D 308 -24.79 -36.57 -5.98
C GLY D 308 -24.60 -37.00 -4.53
N CYS D 309 -25.27 -38.10 -4.12
CA CYS D 309 -25.18 -38.65 -2.77
C CYS D 309 -23.85 -39.29 -2.49
N VAL D 310 -23.31 -40.02 -3.48
CA VAL D 310 -22.00 -40.67 -3.36
C VAL D 310 -20.87 -39.64 -3.26
N LEU D 311 -21.10 -38.44 -3.84
CA LEU D 311 -20.15 -37.33 -3.82
C LEU D 311 -20.02 -36.72 -2.43
N VAL D 312 -21.06 -36.84 -1.58
CA VAL D 312 -21.09 -36.32 -0.20
C VAL D 312 -20.19 -37.18 0.69
N ALA E 5 45.69 -6.97 2.76
CA ALA E 5 45.13 -7.95 3.67
C ALA E 5 44.33 -9.03 2.94
N ARG E 6 44.22 -10.22 3.56
CA ARG E 6 43.49 -11.35 2.99
C ARG E 6 41.97 -11.19 3.07
N PRO E 7 41.18 -11.92 2.22
CA PRO E 7 39.72 -11.74 2.25
C PRO E 7 39.02 -12.39 3.43
N VAL E 8 37.92 -11.75 3.83
CA VAL E 8 37.07 -12.23 4.92
C VAL E 8 36.14 -13.29 4.36
N ASP E 9 36.21 -14.51 4.94
CA ASP E 9 35.37 -15.62 4.54
C ASP E 9 34.08 -15.55 5.33
N VAL E 10 32.96 -15.55 4.59
CA VAL E 10 31.63 -15.44 5.15
C VAL E 10 30.86 -16.72 4.86
N SER E 11 30.41 -17.41 5.92
CA SER E 11 29.58 -18.60 5.80
C SER E 11 28.12 -18.13 5.89
N VAL E 12 27.26 -18.60 4.96
CA VAL E 12 25.87 -18.16 4.89
C VAL E 12 24.88 -19.31 4.97
N SER E 13 23.75 -19.09 5.67
CA SER E 13 22.62 -20.01 5.73
C SER E 13 21.35 -19.23 5.40
N ILE E 14 20.51 -19.80 4.53
CA ILE E 14 19.24 -19.20 4.13
C ILE E 14 18.11 -20.16 4.46
N PHE E 15 17.16 -19.70 5.27
CA PHE E 15 15.99 -20.50 5.67
C PHE E 15 14.79 -19.96 4.93
N ILE E 16 14.15 -20.81 4.14
CA ILE E 16 12.95 -20.44 3.37
C ILE E 16 11.73 -20.96 4.11
N ASN E 17 10.89 -20.01 4.56
CA ASN E 17 9.68 -20.33 5.29
C ASN E 17 8.46 -20.41 4.39
N LYS E 18 8.34 -19.48 3.43
CA LYS E 18 7.16 -19.35 2.59
C LYS E 18 7.49 -18.71 1.26
N ILE E 19 6.96 -19.29 0.17
CA ILE E 19 7.06 -18.74 -1.18
C ILE E 19 5.63 -18.59 -1.64
N TYR E 20 5.23 -17.35 -1.96
CA TYR E 20 3.87 -17.02 -2.39
C TYR E 20 3.84 -15.70 -3.20
N GLY E 21 2.64 -15.22 -3.52
CA GLY E 21 2.40 -13.95 -4.20
C GLY E 21 3.06 -13.80 -5.54
N VAL E 22 2.94 -14.82 -6.41
CA VAL E 22 3.49 -14.76 -7.77
C VAL E 22 2.69 -13.71 -8.54
N ASN E 23 3.38 -12.76 -9.17
CA ASN E 23 2.77 -11.76 -10.02
C ASN E 23 3.29 -12.07 -11.42
N THR E 24 2.41 -12.61 -12.27
CA THR E 24 2.75 -13.06 -13.62
C THR E 24 3.24 -11.93 -14.52
N LEU E 25 2.54 -10.77 -14.54
CA LEU E 25 2.95 -9.63 -15.36
C LEU E 25 4.31 -9.08 -14.96
N GLU E 26 4.55 -8.95 -13.64
CA GLU E 26 5.81 -8.40 -13.11
C GLU E 26 6.92 -9.43 -13.02
N GLN E 27 6.58 -10.73 -13.11
CA GLN E 27 7.52 -11.86 -13.02
C GLN E 27 8.25 -11.79 -11.66
N THR E 28 7.45 -11.59 -10.61
CA THR E 28 7.93 -11.49 -9.24
C THR E 28 7.23 -12.50 -8.35
N TYR E 29 7.78 -12.72 -7.15
CA TYR E 29 7.27 -13.65 -6.14
C TYR E 29 7.81 -13.22 -4.78
N LYS E 30 7.04 -13.51 -3.74
CA LYS E 30 7.37 -13.16 -2.36
C LYS E 30 7.98 -14.34 -1.63
N VAL E 31 9.06 -14.06 -0.90
CA VAL E 31 9.82 -15.05 -0.13
C VAL E 31 9.98 -14.54 1.30
N ASP E 32 9.56 -15.36 2.27
CA ASP E 32 9.75 -15.08 3.69
C ASP E 32 10.77 -16.09 4.21
N GLY E 33 11.76 -15.59 4.92
CA GLY E 33 12.76 -16.45 5.51
C GLY E 33 13.75 -15.70 6.36
N TYR E 34 14.85 -16.38 6.67
CA TYR E 34 15.94 -15.84 7.47
C TYR E 34 17.24 -15.91 6.68
N ILE E 35 18.15 -15.00 7.00
CA ILE E 35 19.48 -14.95 6.44
C ILE E 35 20.44 -14.96 7.61
N VAL E 36 21.38 -15.90 7.60
CA VAL E 36 22.39 -16.01 8.65
C VAL E 36 23.75 -15.89 7.97
N ALA E 37 24.60 -15.01 8.49
CA ALA E 37 25.95 -14.77 7.97
C ALA E 37 26.94 -14.79 9.12
N GLN E 38 27.96 -15.65 9.00
CA GLN E 38 29.01 -15.80 9.99
C GLN E 38 30.39 -15.49 9.42
N TRP E 39 31.17 -14.72 10.17
CA TRP E 39 32.55 -14.40 9.83
C TRP E 39 33.33 -14.15 11.11
N THR E 40 34.64 -13.99 10.99
CA THR E 40 35.52 -13.74 12.13
C THR E 40 36.20 -12.42 11.93
N GLY E 41 36.08 -11.58 12.94
CA GLY E 41 36.75 -10.29 12.97
C GLY E 41 37.81 -10.31 14.04
N LYS E 42 38.13 -9.12 14.59
CA LYS E 42 39.12 -9.00 15.64
C LYS E 42 38.54 -9.47 16.97
N PRO E 43 39.32 -10.24 17.78
CA PRO E 43 38.84 -10.68 19.10
C PRO E 43 38.41 -9.50 19.98
N ARG E 44 37.53 -9.78 20.94
CA ARG E 44 36.99 -8.76 21.85
C ARG E 44 36.71 -9.36 23.22
N LYS E 45 36.58 -8.49 24.22
CA LYS E 45 36.22 -8.94 25.56
C LYS E 45 34.75 -8.72 25.69
N THR E 46 34.01 -9.76 26.04
CA THR E 46 32.56 -9.69 26.15
C THR E 46 32.16 -9.86 27.62
N PRO E 47 30.96 -9.37 28.06
CA PRO E 47 30.52 -9.59 29.45
C PRO E 47 30.54 -11.07 29.83
N GLY E 48 31.36 -11.39 30.83
CA GLY E 48 31.56 -12.75 31.34
C GLY E 48 32.20 -13.70 30.35
N ASP E 49 32.81 -13.15 29.27
CA ASP E 49 33.48 -13.87 28.18
C ASP E 49 32.57 -14.94 27.56
N LYS E 50 31.29 -14.61 27.42
CA LYS E 50 30.29 -15.47 26.81
C LYS E 50 29.82 -14.76 25.54
N PRO E 51 29.22 -15.47 24.54
CA PRO E 51 28.71 -14.77 23.36
C PRO E 51 27.73 -13.65 23.75
N LEU E 52 27.88 -12.50 23.11
CA LEU E 52 27.06 -11.32 23.35
C LEU E 52 26.03 -11.14 22.24
N ILE E 53 24.77 -10.94 22.66
CA ILE E 53 23.65 -10.72 21.75
C ILE E 53 23.39 -9.21 21.65
N VAL E 54 23.27 -8.71 20.42
CA VAL E 54 22.99 -7.30 20.12
C VAL E 54 21.82 -7.34 19.14
N GLU E 55 20.65 -6.86 19.57
CA GLU E 55 19.44 -6.90 18.77
C GLU E 55 19.02 -5.56 18.26
N ASN E 56 18.45 -5.60 17.05
CA ASN E 56 17.77 -4.54 16.35
C ASN E 56 18.47 -3.17 16.42
N THR E 57 17.82 -2.16 17.03
CA THR E 57 18.31 -0.78 17.14
C THR E 57 19.73 -0.69 17.69
N GLN E 58 20.17 -1.69 18.48
CA GLN E 58 21.48 -1.70 19.10
C GLN E 58 22.59 -2.01 18.13
N ILE E 59 22.26 -2.66 17.00
CA ILE E 59 23.24 -2.97 15.98
C ILE E 59 23.90 -1.71 15.43
N GLU E 60 23.08 -0.67 15.11
CA GLU E 60 23.58 0.61 14.58
C GLU E 60 24.56 1.29 15.54
N ARG E 61 24.30 1.23 16.84
CA ARG E 61 25.16 1.81 17.86
C ARG E 61 26.57 1.18 17.87
N TRP E 62 26.67 -0.11 17.53
CA TRP E 62 27.93 -0.85 17.46
C TRP E 62 28.69 -0.52 16.20
N ILE E 63 27.96 -0.40 15.06
CA ILE E 63 28.52 -0.01 13.76
C ILE E 63 29.12 1.38 13.87
N ASN E 64 28.43 2.31 14.57
CA ASN E 64 28.91 3.68 14.81
C ASN E 64 30.22 3.65 15.57
N ASN E 65 30.39 2.69 16.50
CA ASN E 65 31.61 2.55 17.28
C ASN E 65 32.72 1.74 16.58
N GLY E 66 32.53 1.41 15.30
CA GLY E 66 33.56 0.73 14.52
C GLY E 66 33.37 -0.74 14.23
N LEU E 67 32.19 -1.31 14.52
CA LEU E 67 31.96 -2.71 14.20
C LEU E 67 31.68 -2.85 12.71
N TRP E 68 32.41 -3.75 12.05
CA TRP E 68 32.26 -4.02 10.63
C TRP E 68 31.13 -5.01 10.37
N VAL E 69 30.07 -4.53 9.70
CA VAL E 69 28.90 -5.33 9.35
C VAL E 69 28.64 -5.05 7.88
N PRO E 70 29.21 -5.87 6.97
CA PRO E 70 29.04 -5.56 5.54
C PRO E 70 27.60 -5.75 5.07
N ALA E 71 27.15 -4.87 4.16
CA ALA E 71 25.81 -4.98 3.58
C ALA E 71 25.84 -6.09 2.55
N LEU E 72 24.93 -7.05 2.68
CA LEU E 72 24.79 -8.14 1.73
C LEU E 72 23.49 -7.86 0.96
N GLU E 73 23.61 -7.47 -0.29
CA GLU E 73 22.47 -7.11 -1.14
C GLU E 73 21.82 -8.31 -1.84
N PHE E 74 20.48 -8.28 -1.92
CA PHE E 74 19.70 -9.27 -2.68
C PHE E 74 19.66 -8.67 -4.07
N ILE E 75 20.44 -9.27 -4.97
CA ILE E 75 20.60 -8.80 -6.34
C ILE E 75 19.26 -8.69 -7.09
N ASN E 76 18.43 -9.73 -6.98
CA ASN E 76 17.16 -9.82 -7.69
C ASN E 76 15.94 -9.39 -6.84
N VAL E 77 16.15 -8.56 -5.82
CA VAL E 77 15.02 -8.09 -5.02
C VAL E 77 14.39 -6.89 -5.72
N VAL E 78 13.06 -6.77 -5.63
CA VAL E 78 12.30 -5.66 -6.20
C VAL E 78 11.86 -4.77 -5.03
N GLY E 79 12.58 -3.67 -4.83
CA GLY E 79 12.32 -2.75 -3.73
C GLY E 79 13.01 -3.24 -2.48
N SER E 80 13.16 -2.37 -1.47
CA SER E 80 13.81 -2.73 -0.22
C SER E 80 13.03 -3.86 0.48
N PRO E 81 13.69 -5.00 0.82
CA PRO E 81 12.98 -6.06 1.55
C PRO E 81 12.58 -5.61 2.95
N ASP E 82 11.55 -6.24 3.48
CA ASP E 82 11.07 -5.94 4.82
C ASP E 82 11.85 -6.80 5.79
N THR E 83 12.77 -6.18 6.54
CA THR E 83 13.57 -6.87 7.54
C THR E 83 12.78 -6.94 8.86
N GLY E 84 12.66 -8.12 9.43
CA GLY E 84 11.99 -8.26 10.72
C GLY E 84 13.02 -8.04 11.81
N ASN E 85 13.04 -8.92 12.82
CA ASN E 85 14.05 -8.86 13.88
C ASN E 85 15.41 -9.19 13.29
N LYS E 86 16.44 -8.57 13.85
CA LYS E 86 17.81 -8.80 13.43
C LYS E 86 18.71 -8.77 14.64
N ARG E 87 19.78 -9.56 14.59
CA ARG E 87 20.72 -9.60 15.69
C ARG E 87 22.14 -9.95 15.26
N LEU E 88 23.08 -9.57 16.12
CA LEU E 88 24.48 -9.89 16.01
C LEU E 88 24.82 -10.73 17.24
N MET E 89 25.56 -11.81 17.03
CA MET E 89 26.08 -12.65 18.09
C MET E 89 27.59 -12.49 18.03
N LEU E 90 28.14 -11.79 19.02
CA LEU E 90 29.57 -11.49 19.08
C LEU E 90 30.26 -12.41 20.06
N PHE E 91 31.25 -13.16 19.58
CA PHE E 91 32.00 -14.08 20.40
C PHE E 91 33.30 -13.43 20.82
N PRO E 92 33.84 -13.81 22.01
CA PRO E 92 35.12 -13.23 22.46
C PRO E 92 36.29 -13.49 21.51
N ASP E 93 36.28 -14.65 20.81
CA ASP E 93 37.31 -15.01 19.84
C ASP E 93 37.28 -14.21 18.51
N GLY E 94 36.28 -13.34 18.34
CA GLY E 94 36.15 -12.50 17.15
C GLY E 94 35.03 -12.87 16.19
N ARG E 95 34.47 -14.09 16.34
CA ARG E 95 33.35 -14.56 15.51
C ARG E 95 32.17 -13.60 15.63
N VAL E 96 31.52 -13.38 14.48
CA VAL E 96 30.36 -12.53 14.35
C VAL E 96 29.32 -13.28 13.55
N ILE E 97 28.13 -13.46 14.13
CA ILE E 97 27.00 -14.13 13.48
C ILE E 97 25.88 -13.12 13.34
N TYR E 98 25.48 -12.84 12.11
CA TYR E 98 24.41 -11.92 11.82
C TYR E 98 23.19 -12.73 11.46
N ASN E 99 22.08 -12.41 12.11
CA ASN E 99 20.82 -13.11 11.87
C ASN E 99 19.73 -12.09 11.63
N ALA E 100 18.89 -12.30 10.60
CA ALA E 100 17.79 -11.38 10.31
C ALA E 100 16.65 -12.07 9.60
N ARG E 101 15.40 -11.72 9.99
CA ARG E 101 14.19 -12.20 9.33
C ARG E 101 13.96 -11.26 8.16
N PHE E 102 13.48 -11.78 7.03
CA PHE E 102 13.22 -10.95 5.86
C PHE E 102 11.97 -11.40 5.15
N LEU E 103 11.33 -10.44 4.48
CA LEU E 103 10.22 -10.66 3.58
C LEU E 103 10.50 -9.77 2.37
N GLY E 104 10.76 -10.38 1.24
CA GLY E 104 11.05 -9.61 0.05
C GLY E 104 10.38 -10.12 -1.20
N SER E 105 10.25 -9.23 -2.19
CA SER E 105 9.71 -9.53 -3.53
C SER E 105 10.92 -9.71 -4.43
N PHE E 106 11.03 -10.88 -5.04
CA PHE E 106 12.14 -11.23 -5.90
C PHE E 106 11.68 -11.37 -7.34
N SER E 107 12.59 -11.06 -8.26
CA SER E 107 12.38 -11.11 -9.69
C SER E 107 13.16 -12.27 -10.30
N ASN E 108 12.64 -12.79 -11.40
CA ASN E 108 13.23 -13.85 -12.20
C ASN E 108 12.48 -13.96 -13.50
N ASP E 109 13.16 -14.44 -14.57
CA ASP E 109 12.51 -14.65 -15.86
C ASP E 109 11.62 -15.87 -15.73
N MET E 110 10.30 -15.65 -15.82
CA MET E 110 9.30 -16.70 -15.66
C MET E 110 8.46 -16.85 -16.91
N ASP E 111 8.40 -18.10 -17.42
CA ASP E 111 7.62 -18.45 -18.61
C ASP E 111 6.39 -19.24 -18.21
N PHE E 112 5.22 -18.62 -18.42
CA PHE E 112 3.93 -19.22 -18.10
C PHE E 112 3.17 -19.72 -19.34
N ARG E 113 3.88 -19.97 -20.46
CA ARG E 113 3.26 -20.43 -21.70
C ARG E 113 2.57 -21.78 -21.57
N LEU E 114 3.12 -22.67 -20.71
CA LEU E 114 2.55 -24.00 -20.48
C LEU E 114 1.50 -24.05 -19.41
N PHE E 115 1.01 -22.88 -18.96
CA PHE E 115 -0.04 -22.77 -17.95
C PHE E 115 -1.24 -23.60 -18.38
N PRO E 116 -1.86 -24.39 -17.48
CA PRO E 116 -1.59 -24.54 -16.04
C PRO E 116 -0.59 -25.63 -15.67
N PHE E 117 0.26 -26.04 -16.63
CA PHE E 117 1.25 -27.12 -16.45
C PHE E 117 2.68 -26.61 -16.52
N ASP E 118 2.89 -25.40 -16.01
CA ASP E 118 4.16 -24.72 -16.01
C ASP E 118 4.98 -25.03 -14.75
N ARG E 119 6.30 -25.06 -14.92
CA ARG E 119 7.26 -25.26 -13.83
C ARG E 119 8.10 -23.99 -13.75
N GLN E 120 8.37 -23.52 -12.52
CA GLN E 120 9.10 -22.28 -12.26
C GLN E 120 10.30 -22.47 -11.35
N GLN E 121 11.23 -21.52 -11.40
CA GLN E 121 12.40 -21.51 -10.55
C GLN E 121 12.33 -20.26 -9.69
N PHE E 122 12.18 -20.45 -8.38
CA PHE E 122 12.19 -19.35 -7.43
C PHE E 122 13.62 -19.21 -6.99
N VAL E 123 14.26 -18.13 -7.46
CA VAL E 123 15.67 -17.82 -7.26
C VAL E 123 15.92 -16.72 -6.22
N LEU E 124 17.03 -16.84 -5.49
CA LEU E 124 17.55 -15.83 -4.57
C LEU E 124 19.01 -15.64 -4.92
N GLU E 125 19.42 -14.39 -5.15
CA GLU E 125 20.79 -14.06 -5.47
C GLU E 125 21.29 -13.09 -4.44
N LEU E 126 22.38 -13.45 -3.78
CA LEU E 126 23.00 -12.66 -2.71
C LEU E 126 24.44 -12.30 -3.07
N GLU E 127 24.80 -11.05 -2.86
CA GLU E 127 26.13 -10.58 -3.17
C GLU E 127 26.53 -9.42 -2.26
N PRO E 128 27.80 -9.32 -1.79
CA PRO E 128 28.21 -8.15 -1.01
C PRO E 128 28.06 -6.91 -1.88
N PHE E 129 27.55 -5.83 -1.28
CA PHE E 129 27.26 -4.60 -1.97
C PHE E 129 28.50 -3.82 -2.37
N SER E 130 29.52 -3.79 -1.49
CA SER E 130 30.70 -2.94 -1.68
C SER E 130 32.06 -3.62 -1.55
N TYR E 131 32.11 -4.95 -1.48
CA TYR E 131 33.36 -5.68 -1.28
C TYR E 131 33.53 -6.79 -2.29
N ASN E 132 34.66 -6.79 -3.01
CA ASN E 132 35.01 -7.81 -4.02
C ASN E 132 35.59 -9.09 -3.40
N ASN E 133 35.98 -10.08 -4.26
CA ASN E 133 36.64 -11.35 -3.93
C ASN E 133 37.82 -11.21 -2.99
N GLN E 134 38.67 -10.20 -3.21
CA GLN E 134 39.88 -9.95 -2.45
C GLN E 134 39.61 -9.39 -1.06
N GLN E 135 38.36 -9.01 -0.77
CA GLN E 135 38.00 -8.38 0.52
C GLN E 135 37.00 -9.21 1.32
N LEU E 136 36.00 -9.75 0.65
CA LEU E 136 34.94 -10.53 1.25
C LEU E 136 34.47 -11.54 0.26
N ARG E 137 34.47 -12.79 0.67
CA ARG E 137 34.00 -13.88 -0.18
C ARG E 137 33.16 -14.86 0.63
N PHE E 138 32.26 -15.56 -0.04
CA PHE E 138 31.42 -16.56 0.58
C PHE E 138 32.14 -17.91 0.60
N SER E 139 32.33 -18.48 1.80
CA SER E 139 33.01 -19.76 1.95
C SER E 139 32.10 -20.94 1.66
N ASP E 140 30.81 -20.83 2.07
CA ASP E 140 29.80 -21.86 1.86
C ASP E 140 28.39 -21.32 2.02
N ILE E 141 27.43 -22.07 1.48
CA ILE E 141 26.01 -21.76 1.53
C ILE E 141 25.20 -22.99 1.90
N GLN E 142 24.29 -22.85 2.87
CA GLN E 142 23.35 -23.90 3.26
C GLN E 142 21.94 -23.34 3.11
N VAL E 143 21.05 -24.13 2.55
CA VAL E 143 19.66 -23.76 2.32
C VAL E 143 18.75 -24.75 3.04
N TYR E 144 17.72 -24.22 3.73
CA TYR E 144 16.73 -25.01 4.45
C TYR E 144 15.36 -24.64 3.95
N THR E 145 14.61 -25.63 3.47
CA THR E 145 13.27 -25.46 2.92
C THR E 145 12.27 -26.37 3.64
N GLU E 146 12.64 -26.89 4.84
CA GLU E 146 11.83 -27.80 5.65
C GLU E 146 10.40 -27.33 5.85
N ASN E 147 10.20 -26.04 6.21
CA ASN E 147 8.89 -25.42 6.44
C ASN E 147 7.98 -25.48 5.21
N ILE E 148 8.56 -25.78 4.04
CA ILE E 148 7.79 -25.98 2.81
C ILE E 148 7.61 -27.50 2.62
N ASP E 149 6.42 -28.00 3.00
CA ASP E 149 6.08 -29.40 2.85
C ASP E 149 4.94 -29.46 1.88
N ASN E 150 5.15 -30.22 0.80
CA ASN E 150 4.18 -30.37 -0.29
C ASN E 150 2.91 -31.09 0.11
N GLU E 151 1.78 -30.42 -0.15
CA GLU E 151 0.45 -30.95 0.09
C GLU E 151 -0.42 -30.58 -1.09
N GLU E 152 -1.55 -31.27 -1.21
CA GLU E 152 -2.56 -31.05 -2.25
C GLU E 152 -3.22 -29.69 -2.09
N ILE E 153 -3.17 -29.12 -0.87
CA ILE E 153 -3.75 -27.80 -0.55
C ILE E 153 -2.81 -26.63 -0.92
N ASP E 154 -1.63 -26.95 -1.47
CA ASP E 154 -0.63 -25.96 -1.87
C ASP E 154 -0.72 -25.65 -3.35
N GLU E 155 -0.71 -24.36 -3.69
CA GLU E 155 -0.75 -23.90 -5.07
C GLU E 155 0.46 -24.38 -5.87
N TRP E 156 1.64 -24.43 -5.22
CA TRP E 156 2.88 -24.87 -5.84
C TRP E 156 3.45 -26.03 -5.09
N TRP E 157 4.03 -26.97 -5.84
CA TRP E 157 4.70 -28.14 -5.27
C TRP E 157 6.19 -27.97 -5.44
N ILE E 158 6.87 -27.78 -4.32
CA ILE E 158 8.31 -27.55 -4.28
C ILE E 158 9.08 -28.85 -4.30
N ARG E 159 10.00 -28.98 -5.25
CA ARG E 159 10.89 -30.14 -5.31
C ARG E 159 11.86 -29.99 -4.14
N GLY E 160 11.86 -30.99 -3.23
CA GLY E 160 12.69 -31.05 -2.02
C GLY E 160 14.14 -30.62 -2.16
N LYS E 161 14.76 -30.95 -3.31
CA LYS E 161 16.15 -30.60 -3.64
C LYS E 161 16.28 -29.17 -4.13
N ALA E 162 16.91 -28.32 -3.31
CA ALA E 162 17.16 -26.92 -3.63
C ALA E 162 18.58 -26.80 -4.18
N SER E 163 18.71 -26.19 -5.36
CA SER E 163 20.01 -25.96 -5.99
C SER E 163 20.70 -24.78 -5.31
N THR E 164 21.98 -24.94 -4.97
CA THR E 164 22.81 -23.88 -4.37
C THR E 164 24.06 -23.74 -5.18
N HIS E 165 24.63 -22.54 -5.18
CA HIS E 165 25.82 -22.24 -5.96
C HIS E 165 26.50 -20.99 -5.46
N ILE E 166 27.83 -21.02 -5.45
CA ILE E 166 28.68 -19.87 -5.15
C ILE E 166 29.49 -19.65 -6.42
N SER E 167 29.46 -18.42 -6.94
CA SER E 167 30.18 -18.06 -8.15
C SER E 167 30.79 -16.68 -8.03
N ASP E 168 31.65 -16.33 -8.99
CA ASP E 168 32.32 -15.02 -9.07
C ASP E 168 31.77 -14.28 -10.26
N ILE E 169 31.34 -13.05 -10.01
CA ILE E 169 30.72 -12.20 -11.02
C ILE E 169 31.70 -11.14 -11.45
N ARG E 170 31.89 -11.02 -12.77
CA ARG E 170 32.73 -10.00 -13.37
C ARG E 170 31.83 -8.89 -13.88
N TYR E 171 32.15 -7.65 -13.49
CA TYR E 171 31.41 -6.48 -13.94
C TYR E 171 32.23 -5.75 -14.98
N ASP E 172 31.65 -5.60 -16.19
CA ASP E 172 32.29 -4.92 -17.33
C ASP E 172 32.61 -3.47 -17.06
N HIS E 173 31.72 -2.74 -16.34
CA HIS E 173 31.90 -1.32 -15.99
C HIS E 173 33.07 -1.05 -15.00
N LEU E 174 33.62 -2.11 -14.39
CA LEU E 174 34.72 -1.99 -13.44
C LEU E 174 36.05 -2.27 -14.11
N SER E 175 36.87 -1.21 -14.31
CA SER E 175 38.21 -1.25 -14.90
C SER E 175 38.36 -2.23 -16.10
N PRO E 179 43.81 -5.45 -12.15
CA PRO E 179 44.18 -5.87 -10.78
C PRO E 179 43.11 -6.72 -10.09
N ASN E 180 42.12 -7.22 -10.86
CA ASN E 180 41.01 -8.06 -10.38
C ASN E 180 40.32 -7.49 -9.13
N GLN E 181 39.88 -6.23 -9.23
CA GLN E 181 39.15 -5.50 -8.19
C GLN E 181 37.70 -5.36 -8.70
N ASN E 182 37.33 -6.24 -9.64
CA ASN E 182 36.04 -6.22 -10.34
C ASN E 182 35.24 -7.50 -10.26
N GLU E 183 35.67 -8.43 -9.39
CA GLU E 183 35.01 -9.71 -9.24
C GLU E 183 34.37 -9.81 -7.87
N PHE E 184 33.09 -10.19 -7.83
CA PHE E 184 32.33 -10.28 -6.58
C PHE E 184 31.83 -11.67 -6.36
N SER E 185 31.82 -12.11 -5.11
CA SER E 185 31.31 -13.42 -4.74
C SER E 185 29.77 -13.35 -4.69
N ARG E 186 29.10 -14.33 -5.29
CA ARG E 186 27.64 -14.38 -5.32
C ARG E 186 27.10 -15.73 -4.91
N ILE E 187 26.07 -15.73 -4.05
CA ILE E 187 25.33 -16.93 -3.68
C ILE E 187 24.08 -16.95 -4.58
N THR E 188 23.70 -18.14 -5.08
CA THR E 188 22.51 -18.35 -5.89
C THR E 188 21.75 -19.57 -5.39
N VAL E 189 20.48 -19.36 -5.01
CA VAL E 189 19.60 -20.42 -4.56
C VAL E 189 18.47 -20.55 -5.58
N ARG E 190 18.18 -21.79 -6.01
CA ARG E 190 17.12 -22.06 -6.97
C ARG E 190 16.21 -23.14 -6.41
N ILE E 191 14.93 -22.82 -6.26
CA ILE E 191 13.94 -23.76 -5.76
C ILE E 191 13.00 -24.07 -6.91
N ASP E 192 12.97 -25.34 -7.34
CA ASP E 192 12.11 -25.79 -8.43
C ASP E 192 10.73 -26.05 -7.91
N ALA E 193 9.73 -25.54 -8.61
CA ALA E 193 8.34 -25.70 -8.24
C ALA E 193 7.49 -26.04 -9.44
N VAL E 194 6.45 -26.84 -9.23
CA VAL E 194 5.51 -27.23 -10.27
C VAL E 194 4.16 -26.74 -9.79
N ARG E 195 3.38 -26.11 -10.69
CA ARG E 195 2.05 -25.62 -10.38
C ARG E 195 1.11 -26.81 -10.17
N ASN E 196 0.18 -26.66 -9.21
CA ASN E 196 -0.86 -27.63 -8.96
C ASN E 196 -1.98 -27.33 -10.01
N PRO E 197 -2.14 -28.19 -11.04
CA PRO E 197 -3.11 -27.89 -12.12
C PRO E 197 -4.54 -28.36 -11.92
N SER E 198 -4.83 -29.04 -10.79
CA SER E 198 -6.13 -29.62 -10.50
C SER E 198 -7.29 -28.67 -10.76
N TYR E 199 -7.31 -27.50 -10.11
CA TYR E 199 -8.37 -26.52 -10.27
C TYR E 199 -8.64 -26.15 -11.72
N TYR E 200 -7.58 -25.91 -12.51
CA TYR E 200 -7.68 -25.49 -13.90
C TYR E 200 -8.13 -26.58 -14.84
N LEU E 201 -7.79 -27.84 -14.55
CA LEU E 201 -8.21 -28.96 -15.40
C LEU E 201 -9.72 -29.20 -15.30
N TRP E 202 -10.23 -29.27 -14.06
CA TRP E 202 -11.62 -29.55 -13.79
C TRP E 202 -12.58 -28.40 -14.02
N SER E 203 -12.20 -27.16 -13.66
CA SER E 203 -13.04 -25.98 -13.77
C SER E 203 -12.86 -25.18 -15.05
N PHE E 204 -11.80 -25.45 -15.82
CA PHE E 204 -11.53 -24.69 -17.03
C PHE E 204 -11.38 -25.55 -18.26
N ILE E 205 -10.38 -26.44 -18.27
CA ILE E 205 -10.10 -27.25 -19.45
C ILE E 205 -11.23 -28.21 -19.78
N LEU E 206 -11.69 -28.99 -18.80
CA LEU E 206 -12.76 -29.96 -18.98
C LEU E 206 -14.07 -29.32 -19.51
N PRO E 207 -14.71 -28.33 -18.81
CA PRO E 207 -15.94 -27.71 -19.35
C PRO E 207 -15.77 -27.06 -20.73
N LEU E 208 -14.57 -26.50 -21.03
CA LEU E 208 -14.29 -25.92 -22.34
C LEU E 208 -14.33 -27.01 -23.42
N GLY E 209 -13.83 -28.20 -23.08
CA GLY E 209 -13.85 -29.38 -23.95
C GLY E 209 -15.26 -29.76 -24.29
N LEU E 210 -16.14 -29.81 -23.26
CA LEU E 210 -17.56 -30.11 -23.41
C LEU E 210 -18.28 -29.10 -24.27
N ILE E 211 -17.98 -27.79 -24.11
CA ILE E 211 -18.57 -26.70 -24.90
C ILE E 211 -18.16 -26.84 -26.36
N ILE E 212 -16.86 -27.02 -26.63
CA ILE E 212 -16.33 -27.20 -27.99
C ILE E 212 -16.97 -28.47 -28.60
N ALA E 213 -17.07 -29.57 -27.81
CA ALA E 213 -17.69 -30.81 -28.29
C ALA E 213 -19.17 -30.62 -28.58
N ALA E 214 -19.88 -29.95 -27.66
CA ALA E 214 -21.31 -29.66 -27.79
C ALA E 214 -21.58 -28.77 -28.99
N SER E 215 -20.61 -27.91 -29.40
CA SER E 215 -20.80 -27.08 -30.59
C SER E 215 -20.90 -27.91 -31.87
N TRP E 216 -20.28 -29.11 -31.88
CA TRP E 216 -20.30 -30.03 -33.03
C TRP E 216 -21.66 -30.64 -33.32
N SER E 217 -22.58 -30.61 -32.33
CA SER E 217 -23.94 -31.13 -32.47
C SER E 217 -24.83 -30.30 -33.40
N VAL E 218 -24.31 -29.14 -33.89
CA VAL E 218 -25.00 -28.25 -34.82
C VAL E 218 -25.37 -29.01 -36.11
N PHE E 219 -24.48 -29.94 -36.53
CA PHE E 219 -24.65 -30.75 -37.73
C PHE E 219 -25.76 -31.77 -37.61
N TRP E 220 -26.35 -31.92 -36.40
CA TRP E 220 -27.44 -32.85 -36.15
C TRP E 220 -28.81 -32.20 -36.23
N LEU E 221 -28.84 -30.86 -36.38
CA LEU E 221 -30.07 -30.12 -36.55
C LEU E 221 -30.52 -30.36 -37.98
N GLU E 222 -31.84 -30.42 -38.18
CA GLU E 222 -32.47 -30.82 -39.44
C GLU E 222 -32.51 -29.78 -40.55
N SER E 223 -32.73 -28.53 -40.21
CA SER E 223 -32.84 -27.49 -41.22
C SER E 223 -31.66 -26.56 -41.20
N PHE E 224 -31.42 -25.91 -42.35
CA PHE E 224 -30.37 -24.91 -42.54
C PHE E 224 -30.60 -23.72 -41.60
N SER E 225 -31.87 -23.29 -41.44
CA SER E 225 -32.24 -22.19 -40.56
C SER E 225 -31.84 -22.48 -39.11
N GLU E 226 -32.09 -23.72 -38.62
CA GLU E 226 -31.74 -24.13 -37.27
C GLU E 226 -30.24 -24.16 -37.05
N ARG E 227 -29.47 -24.72 -38.00
CA ARG E 227 -28.02 -24.83 -37.91
C ARG E 227 -27.31 -23.48 -37.85
N LEU E 228 -27.67 -22.55 -38.75
CA LEU E 228 -27.05 -21.23 -38.79
C LEU E 228 -27.38 -20.38 -37.57
N GLN E 229 -28.64 -20.40 -37.11
CA GLN E 229 -29.09 -19.64 -35.95
C GLN E 229 -28.54 -20.18 -34.62
N THR E 230 -28.35 -21.51 -34.53
CA THR E 230 -27.77 -22.15 -33.35
C THR E 230 -26.29 -21.84 -33.25
N SER E 231 -25.63 -21.63 -34.42
CA SER E 231 -24.21 -21.29 -34.48
C SER E 231 -23.90 -20.01 -33.74
N PHE E 232 -24.80 -19.01 -33.84
CA PHE E 232 -24.66 -17.73 -33.15
C PHE E 232 -24.76 -17.89 -31.65
N THR E 233 -25.63 -18.81 -31.17
CA THR E 233 -25.76 -19.13 -29.76
C THR E 233 -24.46 -19.80 -29.29
N LEU E 234 -23.83 -20.58 -30.17
CA LEU E 234 -22.58 -21.26 -29.85
C LEU E 234 -21.44 -20.28 -29.80
N MET E 235 -21.38 -19.35 -30.79
CA MET E 235 -20.38 -18.28 -30.85
C MET E 235 -20.47 -17.44 -29.59
N LEU E 236 -21.71 -17.12 -29.16
CA LEU E 236 -21.97 -16.37 -27.94
C LEU E 236 -21.50 -17.13 -26.69
N THR E 237 -21.58 -18.46 -26.69
CA THR E 237 -21.14 -19.30 -25.56
C THR E 237 -19.62 -19.26 -25.39
N VAL E 238 -18.87 -19.28 -26.51
CA VAL E 238 -17.41 -19.23 -26.47
C VAL E 238 -16.94 -17.86 -25.97
N VAL E 239 -17.67 -16.80 -26.36
CA VAL E 239 -17.40 -15.43 -25.92
C VAL E 239 -17.59 -15.33 -24.41
N ALA E 240 -18.73 -15.88 -23.89
CA ALA E 240 -19.02 -15.90 -22.47
C ALA E 240 -17.95 -16.68 -21.73
N TYR E 241 -17.42 -17.76 -22.34
CA TYR E 241 -16.38 -18.59 -21.74
C TYR E 241 -15.02 -17.93 -21.75
N ALA E 242 -14.65 -17.24 -22.85
CA ALA E 242 -13.37 -16.54 -22.99
C ALA E 242 -13.21 -15.53 -21.87
N PHE E 243 -14.33 -14.89 -21.51
CA PHE E 243 -14.32 -13.90 -20.48
C PHE E 243 -14.28 -14.52 -19.09
N TYR E 244 -15.01 -15.61 -18.85
CA TYR E 244 -15.01 -16.31 -17.56
C TYR E 244 -13.56 -16.69 -17.17
N THR E 245 -12.78 -17.12 -18.17
CA THR E 245 -11.39 -17.51 -17.99
C THR E 245 -10.50 -16.32 -17.79
N SER E 246 -10.52 -15.35 -18.73
CA SER E 246 -9.68 -14.15 -18.65
C SER E 246 -9.83 -13.40 -17.32
N ASN E 247 -11.02 -13.46 -16.70
CA ASN E 247 -11.32 -12.81 -15.42
C ASN E 247 -10.69 -13.53 -14.21
N ILE E 248 -10.26 -14.79 -14.36
CA ILE E 248 -9.67 -15.57 -13.26
C ILE E 248 -8.20 -15.89 -13.51
N LEU E 249 -7.88 -16.27 -14.75
CA LEU E 249 -6.53 -16.62 -15.15
C LEU E 249 -5.59 -15.42 -15.07
N PRO E 250 -4.29 -15.66 -14.82
CA PRO E 250 -3.38 -14.54 -14.66
C PRO E 250 -3.14 -13.75 -15.94
N ARG E 251 -2.78 -12.46 -15.79
CA ARG E 251 -2.49 -11.55 -16.89
C ARG E 251 -1.14 -11.89 -17.44
N LEU E 252 -1.08 -12.12 -18.75
CA LEU E 252 0.15 -12.50 -19.41
C LEU E 252 0.32 -11.77 -20.73
N PRO E 253 1.57 -11.58 -21.22
CA PRO E 253 1.76 -10.93 -22.52
C PRO E 253 1.72 -11.92 -23.71
N TYR E 254 1.22 -13.16 -23.46
CA TYR E 254 1.13 -14.22 -24.46
C TYR E 254 -0.03 -15.15 -24.15
N THR E 255 -0.34 -16.03 -25.11
CA THR E 255 -1.43 -16.98 -24.96
C THR E 255 -0.93 -18.23 -24.24
N THR E 256 -1.84 -18.85 -23.49
CA THR E 256 -1.60 -20.09 -22.75
C THR E 256 -2.33 -21.22 -23.49
N VAL E 257 -2.27 -22.44 -22.92
CA VAL E 257 -2.95 -23.63 -23.46
C VAL E 257 -4.46 -23.36 -23.53
N ILE E 258 -5.01 -22.78 -22.45
CA ILE E 258 -6.44 -22.44 -22.35
C ILE E 258 -6.84 -21.44 -23.42
N ASP E 259 -6.04 -20.36 -23.61
CA ASP E 259 -6.29 -19.33 -24.61
C ASP E 259 -6.34 -19.91 -26.02
N GLN E 260 -5.44 -20.87 -26.33
CA GLN E 260 -5.38 -21.58 -27.61
C GLN E 260 -6.62 -22.43 -27.82
N MET E 261 -7.15 -23.04 -26.73
CA MET E 261 -8.39 -23.83 -26.78
C MET E 261 -9.56 -22.91 -27.09
N ILE E 262 -9.57 -21.70 -26.48
CA ILE E 262 -10.58 -20.68 -26.73
C ILE E 262 -10.56 -20.28 -28.20
N ILE E 263 -9.35 -20.03 -28.75
CA ILE E 263 -9.17 -19.66 -30.16
C ILE E 263 -9.67 -20.81 -31.06
N ALA E 264 -9.34 -22.06 -30.69
CA ALA E 264 -9.77 -23.25 -31.41
C ALA E 264 -11.31 -23.37 -31.41
N GLY E 265 -11.95 -23.02 -30.27
CA GLY E 265 -13.40 -22.98 -30.10
C GLY E 265 -14.03 -22.02 -31.09
N TYR E 266 -13.45 -20.82 -31.25
CA TYR E 266 -13.89 -19.80 -32.20
C TYR E 266 -13.84 -20.31 -33.62
N GLY E 267 -12.68 -20.86 -34.00
CA GLY E 267 -12.40 -21.44 -35.31
C GLY E 267 -13.36 -22.56 -35.64
N SER E 268 -13.58 -23.51 -34.71
CA SER E 268 -14.51 -24.63 -34.87
C SER E 268 -15.93 -24.13 -35.20
N ILE E 269 -16.42 -23.11 -34.45
CA ILE E 269 -17.75 -22.53 -34.67
C ILE E 269 -17.82 -21.76 -35.99
N PHE E 270 -16.77 -20.99 -36.30
CA PHE E 270 -16.71 -20.22 -37.54
C PHE E 270 -16.64 -21.13 -38.78
N ALA E 271 -15.81 -22.19 -38.71
CA ALA E 271 -15.67 -23.17 -39.79
C ALA E 271 -16.99 -23.88 -40.01
N ALA E 272 -17.73 -24.20 -38.90
CA ALA E 272 -19.05 -24.82 -38.96
C ALA E 272 -20.03 -23.90 -39.69
N ILE E 273 -19.97 -22.58 -39.42
CA ILE E 273 -20.82 -21.58 -40.08
C ILE E 273 -20.60 -21.62 -41.58
N LEU E 274 -19.33 -21.75 -42.01
CA LEU E 274 -18.97 -21.81 -43.42
C LEU E 274 -19.51 -23.06 -44.07
N LEU E 275 -19.37 -24.21 -43.39
CA LEU E 275 -19.86 -25.51 -43.87
C LEU E 275 -21.36 -25.53 -44.04
N ILE E 276 -22.09 -24.93 -43.07
CA ILE E 276 -23.56 -24.84 -43.07
C ILE E 276 -24.08 -24.08 -44.30
N ILE E 277 -23.47 -22.93 -44.60
CA ILE E 277 -23.86 -22.09 -45.74
C ILE E 277 -23.43 -22.73 -47.05
N PHE E 278 -22.22 -23.30 -47.07
CA PHE E 278 -21.68 -23.98 -48.23
C PHE E 278 -22.55 -25.13 -48.66
N ALA E 279 -22.94 -26.00 -47.70
CA ALA E 279 -23.85 -27.13 -47.94
C ALA E 279 -25.20 -26.67 -48.52
N HIS E 280 -25.66 -25.49 -48.11
CA HIS E 280 -26.94 -24.97 -48.58
C HIS E 280 -26.96 -24.31 -49.98
N HIS E 281 -25.84 -23.71 -50.39
CA HIS E 281 -25.73 -23.00 -51.67
C HIS E 281 -24.74 -23.63 -52.63
N ARG E 282 -24.26 -24.85 -52.36
CA ARG E 282 -23.27 -25.52 -53.20
C ARG E 282 -23.78 -25.96 -54.57
N GLN E 283 -24.69 -26.97 -54.60
CA GLN E 283 -25.25 -27.57 -55.79
C GLN E 283 -25.88 -26.57 -56.75
N ALA E 284 -25.78 -26.87 -58.08
CA ALA E 284 -26.31 -26.04 -59.17
C ALA E 284 -27.77 -25.72 -58.90
N ASN E 285 -28.60 -26.71 -58.49
CA ASN E 285 -29.98 -26.48 -58.09
C ASN E 285 -29.95 -26.19 -56.56
N GLY E 286 -31.04 -25.68 -55.99
CA GLY E 286 -31.08 -25.33 -54.57
C GLY E 286 -31.26 -26.46 -53.58
N VAL E 287 -30.76 -27.67 -53.88
CA VAL E 287 -30.90 -28.84 -53.00
C VAL E 287 -29.88 -28.78 -51.84
N ASP E 290 -26.33 -29.73 -50.22
CA ASP E 290 -26.37 -31.17 -50.08
C ASP E 290 -26.31 -31.61 -48.62
N LEU E 291 -27.13 -32.60 -48.28
CA LEU E 291 -27.22 -33.16 -46.93
C LEU E 291 -26.17 -34.25 -46.69
N LEU E 292 -25.38 -34.60 -47.73
CA LEU E 292 -24.30 -35.59 -47.59
C LEU E 292 -23.16 -34.97 -46.83
N ILE E 293 -22.72 -33.74 -47.22
CA ILE E 293 -21.67 -33.01 -46.51
C ILE E 293 -22.09 -32.75 -45.06
N GLN E 294 -23.42 -32.69 -44.80
CA GLN E 294 -24.00 -32.53 -43.47
C GLN E 294 -23.66 -33.71 -42.59
N ARG E 295 -23.30 -34.85 -43.22
CA ARG E 295 -22.84 -36.06 -42.55
C ARG E 295 -21.34 -35.93 -42.18
N CYS E 296 -20.83 -34.68 -42.03
CA CYS E 296 -19.47 -34.38 -41.55
C CYS E 296 -19.53 -34.32 -40.03
N ARG E 297 -20.63 -34.87 -39.44
CA ARG E 297 -20.85 -34.98 -38.00
C ARG E 297 -19.69 -35.76 -37.38
N LEU E 298 -19.02 -36.60 -38.19
CA LEU E 298 -17.85 -37.38 -37.81
C LEU E 298 -16.55 -36.70 -38.30
N ALA E 299 -16.60 -36.01 -39.46
CA ALA E 299 -15.43 -35.35 -40.03
C ALA E 299 -14.99 -34.14 -39.24
N PHE E 300 -15.94 -33.27 -38.84
CA PHE E 300 -15.70 -32.06 -38.07
C PHE E 300 -15.01 -32.33 -36.70
N PRO E 301 -15.50 -33.27 -35.84
CA PRO E 301 -14.79 -33.59 -34.58
C PRO E 301 -13.39 -34.15 -34.80
N LEU E 302 -13.21 -35.03 -35.81
CA LEU E 302 -11.90 -35.60 -36.15
C LEU E 302 -10.90 -34.54 -36.61
N GLY E 303 -11.35 -33.65 -37.49
CA GLY E 303 -10.57 -32.53 -38.02
C GLY E 303 -10.08 -31.62 -36.91
N PHE E 304 -10.87 -31.50 -35.84
CA PHE E 304 -10.50 -30.69 -34.70
C PHE E 304 -9.46 -31.40 -33.85
N LEU E 305 -9.66 -32.71 -33.60
CA LEU E 305 -8.75 -33.50 -32.79
C LEU E 305 -7.41 -33.72 -33.48
N ALA E 306 -7.40 -33.72 -34.83
CA ALA E 306 -6.18 -33.87 -35.62
C ALA E 306 -5.36 -32.59 -35.47
N ILE E 307 -6.01 -31.41 -35.63
CA ILE E 307 -5.38 -30.09 -35.45
C ILE E 307 -4.95 -29.92 -33.97
N GLY E 308 -5.71 -30.53 -33.07
CA GLY E 308 -5.43 -30.52 -31.63
C GLY E 308 -4.19 -31.31 -31.26
N CYS E 309 -3.87 -32.36 -32.05
CA CYS E 309 -2.71 -33.21 -31.84
C CYS E 309 -1.44 -32.56 -32.32
N VAL E 310 -1.51 -31.85 -33.48
CA VAL E 310 -0.36 -31.14 -34.07
C VAL E 310 -0.04 -29.86 -33.25
N LEU E 311 -0.97 -29.41 -32.39
CA LEU E 311 -0.76 -28.23 -31.56
C LEU E 311 0.03 -28.63 -30.31
N VAL E 312 0.09 -29.93 -29.99
CA VAL E 312 0.82 -30.48 -28.83
C VAL E 312 2.32 -30.53 -29.12
N ILE E 313 2.68 -30.85 -30.37
CA ILE E 313 4.07 -30.94 -30.82
C ILE E 313 4.73 -29.55 -30.83
N GLN F 1 32.22 3.26 -18.68
CA GLN F 1 33.39 2.67 -19.30
C GLN F 1 33.68 3.30 -20.70
N VAL F 2 34.14 4.56 -20.67
CA VAL F 2 34.47 5.32 -21.88
C VAL F 2 35.97 5.18 -22.15
N GLN F 3 36.31 4.76 -23.37
CA GLN F 3 37.69 4.57 -23.78
C GLN F 3 38.24 5.82 -24.44
N LEU F 4 39.40 6.29 -23.93
CA LEU F 4 40.08 7.47 -24.45
C LEU F 4 41.40 7.08 -25.08
N GLN F 5 41.55 7.40 -26.37
CA GLN F 5 42.74 7.08 -27.17
C GLN F 5 43.42 8.36 -27.60
N GLU F 6 44.59 8.63 -27.00
CA GLU F 6 45.37 9.82 -27.30
C GLU F 6 46.26 9.58 -28.50
N SER F 7 46.48 10.65 -29.27
CA SER F 7 47.33 10.65 -30.45
C SER F 7 48.24 11.88 -30.44
N GLY F 8 49.34 11.76 -31.16
CA GLY F 8 50.37 12.79 -31.25
C GLY F 8 51.37 12.64 -30.12
N GLY F 9 52.17 13.68 -29.93
CA GLY F 9 53.19 13.70 -28.90
C GLY F 9 54.53 13.21 -29.42
N GLY F 10 55.56 13.52 -28.65
CA GLY F 10 56.93 13.14 -28.96
C GLY F 10 57.91 14.29 -28.76
N LEU F 11 58.92 14.37 -29.63
CA LEU F 11 59.95 15.40 -29.58
C LEU F 11 59.43 16.70 -30.18
N ALA F 12 59.89 17.83 -29.64
CA ALA F 12 59.51 19.17 -30.10
C ALA F 12 60.61 20.18 -29.81
N GLN F 13 60.64 21.26 -30.58
CA GLN F 13 61.62 22.32 -30.42
C GLN F 13 60.94 23.51 -29.74
N ALA F 14 61.66 24.18 -28.82
CA ALA F 14 61.19 25.37 -28.11
C ALA F 14 60.82 26.43 -29.13
N GLY F 15 59.60 26.93 -29.04
CA GLY F 15 59.07 27.94 -29.95
C GLY F 15 58.24 27.36 -31.09
N GLY F 16 58.30 26.06 -31.28
CA GLY F 16 57.52 25.37 -32.31
C GLY F 16 56.07 25.19 -31.91
N SER F 17 55.42 24.20 -32.55
CA SER F 17 54.02 23.87 -32.25
C SER F 17 53.78 22.38 -32.38
N MET F 18 52.80 21.86 -31.62
CA MET F 18 52.41 20.46 -31.62
C MET F 18 50.90 20.36 -31.40
N ARG F 19 50.27 19.33 -31.97
CA ARG F 19 48.85 19.09 -31.85
C ARG F 19 48.56 17.68 -31.33
N LEU F 20 47.87 17.60 -30.19
CA LEU F 20 47.45 16.33 -29.60
C LEU F 20 45.97 16.13 -29.87
N SER F 21 45.60 14.88 -30.14
CA SER F 21 44.21 14.53 -30.36
C SER F 21 43.81 13.42 -29.38
N CYS F 22 42.49 13.24 -29.20
CA CYS F 22 41.94 12.23 -28.30
C CYS F 22 40.56 11.83 -28.76
N ILE F 23 40.35 10.54 -29.04
CA ILE F 23 39.06 10.02 -29.45
C ILE F 23 38.40 9.27 -28.29
N ALA F 24 37.13 9.57 -28.03
CA ALA F 24 36.34 8.87 -27.01
C ALA F 24 35.40 7.92 -27.71
N SER F 25 35.37 6.66 -27.26
CA SER F 25 34.52 5.61 -27.84
C SER F 25 33.82 4.79 -26.76
N GLY F 26 32.68 4.22 -27.12
CA GLY F 26 31.88 3.38 -26.26
C GLY F 26 30.47 3.18 -26.80
N ARG F 27 29.54 2.93 -25.89
CA ARG F 27 28.13 2.72 -26.21
C ARG F 27 27.27 3.33 -25.12
N ASN F 28 26.20 4.03 -25.52
CA ASN F 28 25.21 4.69 -24.63
C ASN F 28 25.88 5.64 -23.65
N PHE F 29 26.42 6.72 -24.19
CA PHE F 29 27.08 7.73 -23.38
C PHE F 29 26.93 9.08 -24.03
N PHE F 30 27.14 10.13 -23.23
CA PHE F 30 27.10 11.50 -23.69
C PHE F 30 28.12 12.29 -22.90
N ILE F 31 29.03 12.96 -23.61
CA ILE F 31 30.09 13.74 -23.01
C ILE F 31 29.74 15.22 -23.03
N ASN F 32 29.89 15.88 -21.88
CA ASN F 32 29.66 17.31 -21.77
C ASN F 32 30.99 18.06 -21.69
N ILE F 33 31.93 17.56 -20.89
CA ILE F 33 33.23 18.22 -20.66
C ILE F 33 34.38 17.26 -20.94
N MET F 34 35.30 17.70 -21.81
CA MET F 34 36.53 16.98 -22.14
C MET F 34 37.66 17.85 -21.66
N ASN F 35 38.65 17.24 -21.01
CA ASN F 35 39.79 17.96 -20.44
C ASN F 35 41.13 17.46 -20.95
N TRP F 36 42.17 18.26 -20.74
CA TRP F 36 43.55 17.92 -21.03
C TRP F 36 44.32 18.19 -19.77
N TYR F 37 44.94 17.16 -19.23
CA TYR F 37 45.76 17.28 -18.03
C TYR F 37 47.20 16.99 -18.43
N ARG F 38 48.15 17.51 -17.64
CA ARG F 38 49.56 17.22 -17.85
C ARG F 38 50.23 17.04 -16.50
N GLN F 39 51.20 16.13 -16.47
CA GLN F 39 51.96 15.82 -15.28
C GLN F 39 53.45 15.99 -15.57
N ALA F 40 54.06 16.97 -14.88
CA ALA F 40 55.48 17.28 -14.99
C ALA F 40 56.35 16.20 -14.29
N PRO F 41 57.70 16.22 -14.44
CA PRO F 41 58.53 15.17 -13.80
C PRO F 41 58.43 15.11 -12.29
N GLY F 42 58.43 16.29 -11.63
CA GLY F 42 58.34 16.42 -10.18
C GLY F 42 57.15 17.20 -9.68
N LYS F 43 56.22 17.56 -10.58
CA LYS F 43 55.02 18.32 -10.23
C LYS F 43 53.78 17.42 -10.21
N GLN F 44 52.68 17.95 -9.70
CA GLN F 44 51.42 17.23 -9.61
C GLN F 44 50.68 17.33 -10.94
N ARG F 45 49.67 16.48 -11.15
CA ARG F 45 48.86 16.49 -12.36
C ARG F 45 48.01 17.76 -12.32
N GLU F 46 48.12 18.57 -13.36
CA GLU F 46 47.40 19.83 -13.43
C GLU F 46 46.46 19.87 -14.63
N LEU F 47 45.38 20.66 -14.53
CA LEU F 47 44.40 20.83 -15.60
C LEU F 47 44.95 21.87 -16.56
N VAL F 48 45.15 21.46 -17.82
CA VAL F 48 45.69 22.33 -18.89
C VAL F 48 44.59 23.13 -19.54
N ALA F 49 43.68 22.42 -20.23
CA ALA F 49 42.58 23.03 -20.98
C ALA F 49 41.32 22.22 -20.83
N GLN F 50 40.19 22.92 -20.85
CA GLN F 50 38.87 22.34 -20.70
C GLN F 50 37.92 22.99 -21.69
N ILE F 51 37.14 22.15 -22.38
CA ILE F 51 36.12 22.54 -23.34
C ILE F 51 34.79 21.88 -23.00
N THR F 52 33.72 22.67 -23.02
CA THR F 52 32.38 22.16 -22.78
C THR F 52 31.75 21.81 -24.14
N ARG F 53 30.55 21.19 -24.12
CA ARG F 53 29.78 20.85 -25.31
C ARG F 53 29.40 22.14 -26.07
N ALA F 54 29.08 23.22 -25.34
CA ALA F 54 28.73 24.53 -25.92
C ALA F 54 29.95 25.29 -26.50
N GLY F 55 31.15 24.73 -26.36
CA GLY F 55 32.38 25.31 -26.88
C GLY F 55 33.15 26.19 -25.93
N THR F 56 32.59 26.48 -24.72
CA THR F 56 33.25 27.31 -23.69
C THR F 56 34.60 26.69 -23.34
N THR F 57 35.66 27.48 -23.52
CA THR F 57 37.02 27.04 -23.25
C THR F 57 37.58 27.75 -22.05
N THR F 58 38.48 27.06 -21.32
CA THR F 58 39.20 27.58 -20.15
C THR F 58 40.57 26.93 -20.15
N TYR F 59 41.60 27.72 -19.85
CA TYR F 59 42.98 27.25 -19.85
C TYR F 59 43.65 27.59 -18.55
N ALA F 60 44.74 26.86 -18.24
CA ALA F 60 45.59 27.15 -17.09
C ALA F 60 46.36 28.40 -17.49
N ASP F 61 46.64 29.29 -16.53
CA ASP F 61 47.35 30.55 -16.76
C ASP F 61 48.68 30.39 -17.49
N SER F 62 49.43 29.32 -17.18
CA SER F 62 50.72 29.00 -17.81
C SER F 62 50.63 28.81 -19.33
N VAL F 63 49.47 28.33 -19.84
CA VAL F 63 49.24 28.04 -21.25
C VAL F 63 48.27 29.00 -21.96
N LYS F 64 47.65 29.93 -21.21
CA LYS F 64 46.69 30.87 -21.76
C LYS F 64 47.33 31.75 -22.83
N GLY F 65 46.73 31.73 -24.02
CA GLY F 65 47.20 32.47 -25.18
C GLY F 65 48.12 31.67 -26.09
N ARG F 66 48.79 30.65 -25.52
CA ARG F 66 49.70 29.78 -26.28
C ARG F 66 48.99 28.53 -26.75
N PHE F 67 48.20 27.89 -25.87
CA PHE F 67 47.47 26.67 -26.19
C PHE F 67 46.06 26.99 -26.63
N THR F 68 45.49 26.13 -27.46
CA THR F 68 44.13 26.26 -27.96
C THR F 68 43.48 24.89 -27.96
N ILE F 69 42.31 24.78 -27.31
CA ILE F 69 41.52 23.55 -27.26
C ILE F 69 40.31 23.66 -28.20
N SER F 70 40.12 22.64 -29.04
CA SER F 70 38.99 22.57 -29.96
C SER F 70 38.39 21.17 -29.86
N ARG F 71 37.17 20.98 -30.39
CA ARG F 71 36.49 19.71 -30.29
C ARG F 71 35.45 19.52 -31.37
N ASP F 72 35.33 18.28 -31.85
CA ASP F 72 34.27 17.88 -32.77
C ASP F 72 33.36 17.03 -31.90
N ASN F 73 32.24 17.63 -31.46
CA ASN F 73 31.25 16.99 -30.59
C ASN F 73 30.68 15.68 -31.12
N ALA F 74 30.15 15.67 -32.37
CA ALA F 74 29.57 14.50 -33.02
C ALA F 74 30.51 13.28 -33.08
N LYS F 75 31.83 13.51 -33.21
CA LYS F 75 32.82 12.43 -33.31
C LYS F 75 33.57 12.17 -32.01
N ASN F 76 33.25 12.94 -30.94
CA ASN F 76 33.86 12.83 -29.61
C ASN F 76 35.38 12.87 -29.68
N THR F 77 35.91 13.90 -30.34
CA THR F 77 37.33 14.09 -30.52
C THR F 77 37.69 15.48 -30.04
N VAL F 78 38.65 15.54 -29.09
CA VAL F 78 39.19 16.77 -28.53
C VAL F 78 40.62 16.99 -29.05
N TYR F 79 40.95 18.24 -29.37
CA TYR F 79 42.28 18.60 -29.85
C TYR F 79 42.91 19.63 -28.94
N LEU F 80 44.22 19.54 -28.77
CA LEU F 80 45.00 20.50 -28.00
C LEU F 80 46.12 21.05 -28.91
N GLN F 81 45.95 22.29 -29.37
CA GLN F 81 46.90 22.98 -30.22
C GLN F 81 47.88 23.76 -29.36
N MET F 82 49.09 23.21 -29.23
CA MET F 82 50.14 23.83 -28.43
C MET F 82 51.03 24.60 -29.39
N SER F 83 51.10 25.93 -29.24
CA SER F 83 51.96 26.76 -30.08
C SER F 83 52.91 27.53 -29.17
N THR F 84 54.11 27.91 -29.68
CA THR F 84 55.12 28.69 -28.96
C THR F 84 55.49 27.95 -27.66
N LEU F 85 55.87 26.68 -27.82
CA LEU F 85 56.20 25.80 -26.70
C LEU F 85 57.33 26.33 -25.85
N GLN F 86 57.49 25.75 -24.65
CA GLN F 86 58.51 26.13 -23.70
C GLN F 86 59.06 24.86 -23.07
N SER F 87 60.13 24.99 -22.27
CA SER F 87 60.75 23.87 -21.56
C SER F 87 59.86 23.41 -20.39
N GLU F 88 59.03 24.32 -19.87
CA GLU F 88 58.10 24.04 -18.77
C GLU F 88 56.94 23.14 -19.23
N ASP F 89 56.70 23.09 -20.55
CA ASP F 89 55.63 22.29 -21.15
C ASP F 89 55.97 20.81 -21.27
N THR F 90 57.20 20.41 -20.92
CA THR F 90 57.62 19.02 -20.95
C THR F 90 56.88 18.27 -19.87
N ALA F 91 55.99 17.35 -20.29
CA ALA F 91 55.16 16.57 -19.39
C ALA F 91 54.39 15.49 -20.15
N VAL F 92 53.73 14.60 -19.38
CA VAL F 92 52.87 13.55 -19.93
C VAL F 92 51.48 14.16 -19.99
N TYR F 93 50.96 14.30 -21.21
CA TYR F 93 49.64 14.88 -21.43
C TYR F 93 48.58 13.79 -21.44
N TYR F 94 47.56 13.96 -20.58
CA TYR F 94 46.44 13.04 -20.39
C TYR F 94 45.13 13.64 -20.88
N CYS F 95 44.36 12.82 -21.58
CA CYS F 95 43.02 13.19 -22.05
C CYS F 95 42.03 12.66 -21.01
N ASN F 96 41.18 13.54 -20.48
CA ASN F 96 40.24 13.17 -19.42
C ASN F 96 38.80 13.47 -19.74
N VAL F 97 37.91 12.50 -19.44
CA VAL F 97 36.46 12.64 -19.55
C VAL F 97 35.94 12.05 -18.24
N GLY F 98 35.45 12.91 -17.35
CA GLY F 98 34.95 12.51 -16.03
C GLY F 98 35.98 11.73 -15.25
N ALA F 99 35.72 10.43 -15.01
CA ALA F 99 36.64 9.55 -14.30
C ALA F 99 37.52 8.71 -15.25
N SER F 100 37.35 8.89 -16.58
CA SER F 100 38.13 8.19 -17.60
C SER F 100 39.41 8.96 -17.92
N TRP F 101 40.46 8.22 -18.26
CA TRP F 101 41.75 8.81 -18.61
C TRP F 101 42.35 8.08 -19.78
N GLY F 102 43.06 8.83 -20.62
CA GLY F 102 43.79 8.24 -21.72
C GLY F 102 45.04 7.62 -21.14
N GLN F 103 45.78 6.83 -21.95
CA GLN F 103 47.04 6.17 -21.59
C GLN F 103 48.16 7.15 -21.13
N GLY F 104 48.25 8.30 -21.80
CA GLY F 104 49.22 9.36 -21.55
C GLY F 104 50.28 9.38 -22.64
N THR F 105 50.44 10.54 -23.28
CA THR F 105 51.41 10.74 -24.34
C THR F 105 52.50 11.67 -23.84
N GLN F 106 53.75 11.23 -23.96
CA GLN F 106 54.92 12.02 -23.55
C GLN F 106 55.21 13.15 -24.52
N VAL F 107 55.59 14.31 -23.98
CA VAL F 107 55.92 15.52 -24.74
C VAL F 107 57.23 16.07 -24.18
N THR F 108 58.34 15.82 -24.90
CA THR F 108 59.67 16.33 -24.54
C THR F 108 60.02 17.48 -25.47
N VAL F 109 60.00 18.70 -24.94
CA VAL F 109 60.34 19.92 -25.68
C VAL F 109 61.80 20.28 -25.38
N SER F 110 62.52 20.80 -26.39
CA SER F 110 63.91 21.23 -26.27
C SER F 110 64.00 22.74 -26.41
N GLN G 1 7.41 34.87 -10.35
CA GLN G 1 7.90 35.96 -11.15
C GLN G 1 6.83 37.05 -11.30
N VAL G 2 6.74 37.91 -10.28
CA VAL G 2 5.83 39.06 -10.25
C VAL G 2 6.70 40.26 -10.59
N GLN G 3 6.37 40.96 -11.68
CA GLN G 3 7.11 42.14 -12.13
C GLN G 3 6.55 43.39 -11.52
N LEU G 4 7.41 44.19 -10.87
CA LEU G 4 7.04 45.45 -10.24
C LEU G 4 7.68 46.58 -11.01
N GLN G 5 6.86 47.52 -11.46
CA GLN G 5 7.29 48.67 -12.25
C GLN G 5 7.01 49.96 -11.50
N GLU G 6 8.05 50.56 -10.89
CA GLU G 6 7.90 51.85 -10.22
C GLU G 6 7.76 52.94 -11.27
N SER G 7 7.07 54.01 -10.88
CA SER G 7 6.81 55.14 -11.74
C SER G 7 6.81 56.40 -10.89
N GLY G 8 7.18 57.51 -11.52
CA GLY G 8 7.29 58.81 -10.88
C GLY G 8 8.66 59.01 -10.29
N GLY G 9 8.81 60.06 -9.50
CA GLY G 9 10.09 60.39 -8.90
C GLY G 9 10.78 61.55 -9.60
N GLY G 10 11.94 61.91 -9.08
CA GLY G 10 12.77 62.99 -9.59
C GLY G 10 13.10 64.03 -8.56
N LEU G 11 13.21 65.28 -9.01
CA LEU G 11 13.52 66.41 -8.15
C LEU G 11 12.27 67.00 -7.54
N ALA G 12 12.40 67.48 -6.31
CA ALA G 12 11.30 68.13 -5.60
C ALA G 12 11.87 69.12 -4.61
N GLN G 13 11.17 70.24 -4.41
CA GLN G 13 11.58 71.28 -3.48
C GLN G 13 11.18 70.86 -2.08
N ALA G 14 12.03 71.17 -1.08
CA ALA G 14 11.77 70.87 0.34
C ALA G 14 10.43 71.50 0.70
N GLY G 15 9.57 70.71 1.34
CA GLY G 15 8.22 71.12 1.72
C GLY G 15 7.16 70.87 0.66
N GLY G 16 7.58 70.31 -0.48
CA GLY G 16 6.69 70.00 -1.58
C GLY G 16 6.10 68.62 -1.48
N SER G 17 5.49 68.16 -2.57
CA SER G 17 4.88 66.85 -2.63
C SER G 17 5.30 66.11 -3.91
N MET G 18 5.17 64.78 -3.91
CA MET G 18 5.48 63.91 -5.03
C MET G 18 4.69 62.62 -4.89
N ARG G 19 4.29 62.06 -6.03
CA ARG G 19 3.53 60.82 -6.09
C ARG G 19 4.32 59.73 -6.82
N LEU G 20 4.54 58.61 -6.14
CA LEU G 20 5.17 57.44 -6.73
C LEU G 20 4.07 56.44 -6.93
N SER G 21 4.22 55.63 -7.96
CA SER G 21 3.26 54.58 -8.26
C SER G 21 4.03 53.30 -8.57
N CYS G 22 3.37 52.16 -8.40
CA CYS G 22 3.98 50.87 -8.70
C CYS G 22 2.93 49.93 -9.25
N ILE G 23 3.25 49.23 -10.34
CA ILE G 23 2.31 48.28 -10.96
C ILE G 23 2.90 46.88 -10.89
N ALA G 24 2.16 45.93 -10.30
CA ALA G 24 2.54 44.52 -10.24
C ALA G 24 1.88 43.80 -11.40
N SER G 25 2.64 42.99 -12.11
CA SER G 25 2.15 42.25 -13.27
C SER G 25 2.69 40.83 -13.26
N GLY G 26 2.01 39.97 -14.00
CA GLY G 26 2.37 38.57 -14.14
C GLY G 26 1.17 37.70 -14.40
N ARG G 27 1.31 36.41 -14.11
CA ARG G 27 0.25 35.44 -14.31
C ARG G 27 0.08 34.59 -13.08
N ASN G 28 -1.17 34.24 -12.75
CA ASN G 28 -1.56 33.34 -11.64
C ASN G 28 -0.94 33.72 -10.31
N PHE G 29 -1.23 34.93 -9.87
CA PHE G 29 -0.70 35.43 -8.62
C PHE G 29 -1.76 36.22 -7.91
N PHE G 30 -1.64 36.28 -6.59
CA PHE G 30 -2.51 37.08 -5.73
C PHE G 30 -1.62 37.82 -4.74
N ILE G 31 -1.78 39.16 -4.69
CA ILE G 31 -1.01 40.00 -3.79
C ILE G 31 -1.86 40.33 -2.56
N ASN G 32 -1.29 40.11 -1.38
CA ASN G 32 -1.96 40.48 -0.15
C ASN G 32 -1.34 41.78 0.41
N ILE G 33 0.01 41.85 0.46
CA ILE G 33 0.73 42.99 1.01
C ILE G 33 1.64 43.65 -0.02
N MET G 34 1.58 44.99 -0.11
CA MET G 34 2.45 45.80 -0.96
C MET G 34 3.20 46.77 -0.08
N ASN G 35 4.51 46.84 -0.26
CA ASN G 35 5.38 47.71 0.53
C ASN G 35 6.15 48.73 -0.30
N TRP G 36 6.48 49.86 0.33
CA TRP G 36 7.32 50.89 -0.25
C TRP G 36 8.53 50.94 0.65
N TYR G 37 9.71 50.76 0.09
CA TYR G 37 11.00 50.82 0.78
C TYR G 37 11.81 51.97 0.19
N ARG G 38 12.86 52.37 0.91
CA ARG G 38 13.78 53.40 0.47
C ARG G 38 15.15 53.15 1.05
N GLN G 39 16.17 53.47 0.25
CA GLN G 39 17.55 53.34 0.68
C GLN G 39 18.26 54.64 0.35
N ALA G 40 18.58 55.39 1.42
CA ALA G 40 19.25 56.67 1.32
C ALA G 40 20.76 56.48 1.20
N PRO G 41 21.50 57.49 0.65
CA PRO G 41 22.97 57.38 0.53
C PRO G 41 23.66 56.94 1.81
N GLY G 42 24.38 55.81 1.73
CA GLY G 42 25.12 55.22 2.84
C GLY G 42 24.33 54.61 3.98
N LYS G 43 23.00 54.78 3.98
CA LYS G 43 22.12 54.22 5.03
C LYS G 43 21.55 52.90 4.55
N GLN G 44 20.98 52.14 5.49
CA GLN G 44 20.39 50.84 5.22
C GLN G 44 19.00 51.03 4.62
N ARG G 45 18.54 50.03 3.84
CA ARG G 45 17.22 50.05 3.25
C ARG G 45 16.18 49.97 4.38
N GLU G 46 15.18 50.83 4.33
CA GLU G 46 14.16 50.87 5.36
C GLU G 46 12.78 50.78 4.79
N LEU G 47 11.84 50.22 5.57
CA LEU G 47 10.43 50.12 5.19
C LEU G 47 9.82 51.50 5.40
N VAL G 48 9.07 51.99 4.40
CA VAL G 48 8.46 53.32 4.40
C VAL G 48 6.97 53.24 4.72
N ALA G 49 6.25 52.46 3.91
CA ALA G 49 4.82 52.28 4.04
C ALA G 49 4.42 50.89 3.59
N GLN G 50 3.41 50.33 4.28
CA GLN G 50 2.86 49.02 4.01
C GLN G 50 1.34 49.10 4.00
N ILE G 51 0.73 48.42 3.02
CA ILE G 51 -0.72 48.36 2.86
C ILE G 51 -1.18 46.91 2.64
N THR G 52 -2.18 46.48 3.39
CA THR G 52 -2.71 45.13 3.23
C THR G 52 -3.86 45.20 2.26
N ARG G 53 -4.33 44.03 1.79
CA ARG G 53 -5.48 43.90 0.89
C ARG G 53 -6.74 44.52 1.53
N ALA G 54 -6.87 44.40 2.87
CA ALA G 54 -7.97 44.97 3.65
C ALA G 54 -7.93 46.52 3.68
N GLY G 55 -6.77 47.11 3.33
CA GLY G 55 -6.55 48.55 3.25
C GLY G 55 -5.91 49.18 4.46
N THR G 56 -5.50 48.35 5.45
CA THR G 56 -4.86 48.83 6.68
C THR G 56 -3.44 49.26 6.35
N THR G 57 -3.10 50.49 6.72
CA THR G 57 -1.79 51.07 6.43
C THR G 57 -0.93 51.19 7.67
N THR G 58 0.38 50.99 7.48
CA THR G 58 1.40 51.16 8.51
C THR G 58 2.55 51.95 7.89
N TYR G 59 3.09 52.90 8.65
CA TYR G 59 4.15 53.79 8.17
C TYR G 59 5.30 53.80 9.13
N ALA G 60 6.49 54.14 8.61
CA ALA G 60 7.68 54.32 9.43
C ALA G 60 7.44 55.63 10.17
N ASP G 61 7.97 55.76 11.40
CA ASP G 61 7.77 56.94 12.24
C ASP G 61 8.28 58.24 11.62
N SER G 62 9.36 58.15 10.81
CA SER G 62 9.96 59.29 10.13
C SER G 62 9.05 59.90 9.05
N VAL G 63 8.09 59.11 8.51
CA VAL G 63 7.22 59.54 7.42
C VAL G 63 5.75 59.65 7.82
N LYS G 64 5.41 59.17 9.04
CA LYS G 64 4.05 59.17 9.55
C LYS G 64 3.46 60.59 9.60
N GLY G 65 2.33 60.76 8.92
CA GLY G 65 1.64 62.05 8.83
C GLY G 65 2.00 62.84 7.59
N ARG G 66 3.16 62.52 6.97
CA ARG G 66 3.62 63.19 5.75
C ARG G 66 3.37 62.34 4.52
N PHE G 67 3.57 61.01 4.66
CA PHE G 67 3.39 60.07 3.57
C PHE G 67 2.06 59.37 3.68
N THR G 68 1.50 58.98 2.53
CA THR G 68 0.24 58.27 2.45
C THR G 68 0.32 57.19 1.39
N ILE G 69 0.14 55.93 1.81
CA ILE G 69 0.09 54.78 0.90
C ILE G 69 -1.37 54.45 0.54
N SER G 70 -1.64 54.30 -0.74
CA SER G 70 -2.96 53.93 -1.22
C SER G 70 -2.74 52.82 -2.24
N ARG G 71 -3.79 52.07 -2.57
CA ARG G 71 -3.69 50.94 -3.49
C ARG G 71 -5.00 50.67 -4.18
N ASP G 72 -4.91 50.14 -5.41
CA ASP G 72 -6.04 49.65 -6.17
C ASP G 72 -5.76 48.15 -6.31
N ASN G 73 -6.47 47.33 -5.49
CA ASN G 73 -6.32 45.86 -5.44
C ASN G 73 -6.56 45.15 -6.76
N ALA G 74 -7.63 45.53 -7.50
CA ALA G 74 -7.95 44.93 -8.80
C ALA G 74 -6.86 45.14 -9.85
N LYS G 75 -6.18 46.30 -9.83
CA LYS G 75 -5.13 46.60 -10.81
C LYS G 75 -3.72 46.34 -10.32
N ASN G 76 -3.58 45.87 -9.05
CA ASN G 76 -2.29 45.57 -8.39
C ASN G 76 -1.36 46.77 -8.47
N THR G 77 -1.93 47.93 -8.14
CA THR G 77 -1.24 49.20 -8.20
C THR G 77 -1.23 49.84 -6.85
N VAL G 78 -0.03 50.16 -6.36
CA VAL G 78 0.18 50.84 -5.09
C VAL G 78 0.74 52.25 -5.37
N TYR G 79 0.30 53.23 -4.58
CA TYR G 79 0.75 54.61 -4.71
C TYR G 79 1.31 55.10 -3.40
N LEU G 80 2.35 55.91 -3.49
CA LEU G 80 2.95 56.54 -2.33
C LEU G 80 2.88 58.06 -2.54
N GLN G 81 2.02 58.71 -1.75
CA GLN G 81 1.84 60.14 -1.79
C GLN G 81 2.73 60.74 -0.71
N MET G 82 3.76 61.46 -1.14
CA MET G 82 4.72 62.08 -0.24
C MET G 82 4.42 63.55 -0.21
N SER G 83 4.32 64.13 0.99
CA SER G 83 4.03 65.56 1.18
C SER G 83 4.96 66.13 2.21
N THR G 84 5.09 67.49 2.26
CA THR G 84 5.98 68.22 3.19
C THR G 84 7.35 67.54 3.20
N LEU G 85 7.89 67.34 1.99
CA LEU G 85 9.16 66.65 1.76
C LEU G 85 10.30 67.31 2.49
N GLN G 86 11.28 66.50 2.89
CA GLN G 86 12.44 66.98 3.63
C GLN G 86 13.67 66.41 2.95
N SER G 87 14.86 66.99 3.20
CA SER G 87 16.12 66.53 2.64
C SER G 87 16.45 65.08 3.04
N GLU G 88 15.87 64.63 4.18
CA GLU G 88 16.05 63.28 4.71
C GLU G 88 15.31 62.25 3.87
N ASP G 89 14.32 62.71 3.08
CA ASP G 89 13.54 61.85 2.20
C ASP G 89 14.24 61.52 0.90
N THR G 90 15.48 62.01 0.71
CA THR G 90 16.29 61.75 -0.48
C THR G 90 16.79 60.32 -0.42
N ALA G 91 16.34 59.51 -1.39
CA ALA G 91 16.68 58.09 -1.52
C ALA G 91 16.11 57.51 -2.79
N VAL G 92 16.49 56.26 -3.07
CA VAL G 92 15.92 55.45 -4.15
C VAL G 92 14.74 54.75 -3.49
N TYR G 93 13.55 54.96 -4.04
CA TYR G 93 12.33 54.36 -3.55
C TYR G 93 12.01 53.07 -4.29
N TYR G 94 11.87 51.98 -3.53
CA TYR G 94 11.59 50.64 -4.04
C TYR G 94 10.19 50.16 -3.67
N CYS G 95 9.56 49.52 -4.63
CA CYS G 95 8.27 48.87 -4.49
C CYS G 95 8.58 47.40 -4.21
N ASN G 96 7.90 46.84 -3.21
CA ASN G 96 8.13 45.47 -2.80
C ASN G 96 6.85 44.69 -2.58
N VAL G 97 6.86 43.43 -3.02
CA VAL G 97 5.79 42.45 -2.82
C VAL G 97 6.51 41.13 -2.53
N GLY G 98 6.47 40.69 -1.26
CA GLY G 98 7.13 39.46 -0.83
C GLY G 98 8.61 39.47 -1.12
N ALA G 99 9.07 38.58 -2.01
CA ALA G 99 10.46 38.50 -2.44
C ALA G 99 10.75 39.29 -3.73
N SER G 100 9.71 39.88 -4.35
CA SER G 100 9.85 40.67 -5.57
C SER G 100 10.14 42.14 -5.26
N TRP G 101 11.07 42.70 -6.03
CA TRP G 101 11.49 44.09 -5.90
C TRP G 101 11.51 44.77 -7.25
N GLY G 102 11.12 46.04 -7.24
CA GLY G 102 11.21 46.83 -8.45
C GLY G 102 12.63 47.37 -8.51
N GLN G 103 13.04 47.88 -9.69
CA GLN G 103 14.36 48.44 -9.93
C GLN G 103 14.63 49.73 -9.13
N GLY G 104 13.55 50.38 -8.70
CA GLY G 104 13.60 51.59 -7.91
C GLY G 104 13.60 52.85 -8.74
N THR G 105 13.09 53.91 -8.13
CA THR G 105 13.01 55.24 -8.70
C THR G 105 13.67 56.23 -7.76
N GLN G 106 14.53 57.08 -8.31
CA GLN G 106 15.26 58.06 -7.54
C GLN G 106 14.45 59.33 -7.24
N VAL G 107 14.51 59.77 -5.98
CA VAL G 107 13.87 60.97 -5.48
C VAL G 107 14.93 61.83 -4.77
N THR G 108 15.07 63.10 -5.19
CA THR G 108 15.99 64.08 -4.61
C THR G 108 15.21 65.28 -4.11
N VAL G 109 15.45 65.64 -2.85
CA VAL G 109 14.81 66.79 -2.20
C VAL G 109 15.88 67.84 -1.92
N SER G 110 15.68 69.05 -2.47
CA SER G 110 16.61 70.16 -2.32
C SER G 110 15.90 71.43 -1.81
N SER G 111 16.69 72.46 -1.44
CA SER G 111 16.17 73.75 -0.96
C SER G 111 16.95 74.90 -1.60
N GLN H 1 -15.59 24.80 22.79
CA GLN H 1 -16.17 26.11 23.03
C GLN H 1 -17.45 25.98 23.89
N VAL H 2 -17.23 25.69 25.18
CA VAL H 2 -18.31 25.53 26.16
C VAL H 2 -18.43 26.86 26.89
N GLN H 3 -19.67 27.38 26.96
CA GLN H 3 -19.95 28.64 27.64
C GLN H 3 -20.43 28.37 29.04
N LEU H 4 -19.84 29.06 30.01
CA LEU H 4 -20.19 28.96 31.41
C LEU H 4 -20.74 30.28 31.88
N GLN H 5 -21.92 30.23 32.53
CA GLN H 5 -22.60 31.41 33.05
C GLN H 5 -22.83 31.24 34.53
N GLU H 6 -22.05 31.98 35.34
CA GLU H 6 -22.19 31.97 36.79
C GLU H 6 -23.36 32.84 37.21
N SER H 7 -23.97 32.49 38.34
CA SER H 7 -25.07 33.20 38.96
C SER H 7 -24.85 33.26 40.47
N GLY H 8 -25.45 34.28 41.09
CA GLY H 8 -25.33 34.53 42.51
C GLY H 8 -24.13 35.38 42.76
N GLY H 9 -23.77 35.50 44.02
CA GLY H 9 -22.63 36.31 44.44
C GLY H 9 -23.05 37.65 44.98
N GLY H 10 -22.04 38.39 45.42
CA GLY H 10 -22.18 39.72 45.99
C GLY H 10 -21.77 39.74 47.44
N LEU H 11 -22.45 40.58 48.23
CA LEU H 11 -22.17 40.73 49.66
C LEU H 11 -22.81 39.61 50.44
N ALA H 12 -22.05 39.09 51.40
CA ALA H 12 -22.49 37.98 52.23
C ALA H 12 -22.12 38.25 53.69
N GLN H 13 -22.77 37.53 54.59
CA GLN H 13 -22.57 37.69 56.02
C GLN H 13 -21.63 36.67 56.59
N ALA H 14 -20.69 37.12 57.45
CA ALA H 14 -19.77 36.22 58.15
C ALA H 14 -20.64 35.34 59.04
N GLY H 15 -20.48 34.01 58.92
CA GLY H 15 -21.28 33.02 59.64
C GLY H 15 -22.59 32.68 58.93
N GLY H 16 -22.85 33.38 57.83
CA GLY H 16 -24.03 33.20 57.01
C GLY H 16 -23.79 32.21 55.89
N SER H 17 -24.62 32.30 54.85
CA SER H 17 -24.53 31.41 53.71
C SER H 17 -24.86 32.10 52.39
N MET H 18 -24.21 31.64 51.32
CA MET H 18 -24.42 32.14 49.97
C MET H 18 -24.37 30.97 49.01
N ARG H 19 -25.20 31.01 47.97
CA ARG H 19 -25.26 29.97 46.96
C ARG H 19 -24.93 30.48 45.55
N LEU H 20 -23.85 29.94 44.96
CA LEU H 20 -23.47 30.26 43.59
C LEU H 20 -23.94 29.12 42.70
N SER H 21 -24.22 29.43 41.44
CA SER H 21 -24.64 28.43 40.47
C SER H 21 -23.98 28.70 39.14
N CYS H 22 -23.85 27.68 38.30
CA CYS H 22 -23.21 27.81 37.01
C CYS H 22 -23.85 26.88 36.01
N ILE H 23 -24.19 27.40 34.82
CA ILE H 23 -24.81 26.62 33.76
C ILE H 23 -23.81 26.49 32.60
N ALA H 24 -23.61 25.26 32.11
CA ALA H 24 -22.73 25.00 30.98
C ALA H 24 -23.59 24.77 29.75
N SER H 25 -23.22 25.39 28.63
CA SER H 25 -23.95 25.31 27.37
C SER H 25 -23.03 25.24 26.16
N GLY H 26 -23.50 24.53 25.14
CA GLY H 26 -22.77 24.32 23.89
C GLY H 26 -23.44 23.33 22.97
N ARG H 27 -22.70 22.90 21.94
CA ARG H 27 -23.20 22.01 20.91
C ARG H 27 -23.01 20.52 21.23
N ASN H 28 -21.85 19.95 20.89
CA ASN H 28 -21.59 18.52 21.05
C ASN H 28 -20.50 18.29 22.08
N PHE H 29 -20.91 18.24 23.33
CA PHE H 29 -19.98 18.10 24.43
C PHE H 29 -20.52 17.15 25.48
N PHE H 30 -19.62 16.65 26.32
CA PHE H 30 -19.96 15.82 27.46
C PHE H 30 -19.02 16.22 28.57
N ILE H 31 -19.60 16.61 29.70
CA ILE H 31 -18.83 17.07 30.84
C ILE H 31 -18.72 15.94 31.86
N ASN H 32 -17.51 15.65 32.29
CA ASN H 32 -17.29 14.68 33.33
C ASN H 32 -17.07 15.40 34.65
N ILE H 33 -16.17 16.42 34.67
CA ILE H 33 -15.78 17.18 35.86
C ILE H 33 -16.22 18.65 35.75
N MET H 34 -16.75 19.19 36.86
CA MET H 34 -17.13 20.58 37.00
C MET H 34 -16.49 21.07 38.28
N ASN H 35 -15.81 22.23 38.20
CA ASN H 35 -15.08 22.80 39.32
C ASN H 35 -15.51 24.21 39.73
N TRP H 36 -15.08 24.61 40.91
CA TRP H 36 -15.27 25.96 41.43
C TRP H 36 -13.92 26.40 41.92
N TYR H 37 -13.43 27.48 41.34
CA TYR H 37 -12.17 28.12 41.72
C TYR H 37 -12.45 29.44 42.36
N ARG H 38 -11.47 29.99 43.07
CA ARG H 38 -11.56 31.30 43.65
C ARG H 38 -10.18 31.92 43.64
N GLN H 39 -10.15 33.24 43.47
CA GLN H 39 -8.93 34.01 43.48
C GLN H 39 -9.12 35.20 44.40
N ALA H 40 -8.43 35.18 45.55
CA ALA H 40 -8.44 36.24 46.53
C ALA H 40 -7.75 37.48 45.94
N PRO H 41 -7.99 38.70 46.49
CA PRO H 41 -7.39 39.93 45.92
C PRO H 41 -5.94 39.82 45.42
N GLY H 42 -5.00 39.48 46.31
CA GLY H 42 -3.58 39.36 45.96
C GLY H 42 -3.00 37.96 46.03
N LYS H 43 -3.85 36.93 45.96
CA LYS H 43 -3.41 35.54 46.01
C LYS H 43 -3.54 34.90 44.62
N GLN H 44 -3.21 33.59 44.54
CA GLN H 44 -3.32 32.80 43.32
C GLN H 44 -4.70 32.16 43.24
N ARG H 45 -5.09 31.76 42.01
CA ARG H 45 -6.34 31.08 41.73
C ARG H 45 -6.22 29.66 42.27
N GLU H 46 -7.11 29.31 43.19
CA GLU H 46 -7.09 28.00 43.84
C GLU H 46 -8.37 27.22 43.60
N LEU H 47 -8.26 25.89 43.60
CA LEU H 47 -9.40 25.00 43.43
C LEU H 47 -10.13 24.88 44.74
N VAL H 48 -11.44 25.18 44.74
CA VAL H 48 -12.29 25.16 45.94
C VAL H 48 -13.03 23.84 46.10
N ALA H 49 -13.75 23.44 45.05
CA ALA H 49 -14.55 22.23 45.06
C ALA H 49 -14.63 21.65 43.68
N GLN H 50 -14.73 20.33 43.62
CA GLN H 50 -14.79 19.55 42.40
C GLN H 50 -15.82 18.42 42.55
N ILE H 51 -16.55 18.14 41.46
CA ILE H 51 -17.56 17.09 41.40
C ILE H 51 -17.44 16.31 40.08
N THR H 52 -17.50 14.98 40.18
CA THR H 52 -17.45 14.13 38.99
C THR H 52 -18.87 13.81 38.56
N ARG H 53 -19.02 13.23 37.35
CA ARG H 53 -20.32 12.79 36.82
C ARG H 53 -20.97 11.76 37.77
N ALA H 54 -20.15 10.87 38.36
CA ALA H 54 -20.58 9.83 39.31
C ALA H 54 -21.07 10.44 40.63
N GLY H 55 -20.73 11.72 40.88
CA GLY H 55 -21.16 12.46 42.04
C GLY H 55 -20.17 12.60 43.17
N THR H 56 -18.96 12.02 43.02
CA THR H 56 -17.91 12.07 44.05
C THR H 56 -17.38 13.50 44.17
N THR H 57 -17.29 13.99 45.41
CA THR H 57 -16.87 15.36 45.69
C THR H 57 -15.55 15.41 46.44
N THR H 58 -14.81 16.50 46.21
CA THR H 58 -13.51 16.79 46.85
C THR H 58 -13.45 18.30 47.08
N TYR H 59 -12.95 18.69 48.25
CA TYR H 59 -12.87 20.08 48.64
C TYR H 59 -11.49 20.42 49.10
N ALA H 60 -11.14 21.72 49.00
CA ALA H 60 -9.89 22.26 49.51
C ALA H 60 -10.03 22.17 51.03
N ASP H 61 -8.91 21.99 51.75
CA ASP H 61 -8.93 21.86 53.21
C ASP H 61 -9.56 23.04 53.93
N SER H 62 -9.30 24.27 53.42
CA SER H 62 -9.84 25.52 53.97
C SER H 62 -11.39 25.57 53.98
N VAL H 63 -12.05 24.86 53.05
CA VAL H 63 -13.52 24.87 52.91
C VAL H 63 -14.20 23.56 53.28
N LYS H 64 -13.42 22.49 53.54
CA LYS H 64 -13.96 21.17 53.90
C LYS H 64 -14.80 21.28 55.16
N GLY H 65 -16.04 20.79 55.06
CA GLY H 65 -17.02 20.83 56.14
C GLY H 65 -17.94 22.04 56.09
N ARG H 66 -17.53 23.10 55.36
CA ARG H 66 -18.32 24.34 55.23
C ARG H 66 -19.01 24.43 53.87
N PHE H 67 -18.23 24.25 52.78
CA PHE H 67 -18.73 24.33 51.42
C PHE H 67 -19.28 23.01 50.97
N THR H 68 -20.23 23.06 50.02
CA THR H 68 -20.88 21.88 49.47
C THR H 68 -21.16 22.09 48.00
N ILE H 69 -20.62 21.18 47.16
CA ILE H 69 -20.79 21.18 45.72
C ILE H 69 -21.84 20.13 45.32
N SER H 70 -22.70 20.48 44.37
CA SER H 70 -23.73 19.61 43.86
C SER H 70 -23.90 19.89 42.38
N ARG H 71 -24.56 18.98 41.66
CA ARG H 71 -24.70 19.10 40.23
C ARG H 71 -25.95 18.38 39.75
N ASP H 72 -26.46 18.85 38.61
CA ASP H 72 -27.51 18.22 37.88
C ASP H 72 -26.86 17.88 36.55
N ASN H 73 -26.40 16.62 36.41
CA ASN H 73 -25.72 16.10 35.24
C ASN H 73 -26.46 16.42 33.93
N ALA H 74 -27.76 16.09 33.84
CA ALA H 74 -28.59 16.32 32.64
C ALA H 74 -28.67 17.78 32.26
N LYS H 75 -28.74 18.68 33.25
CA LYS H 75 -28.86 20.12 33.03
C LYS H 75 -27.54 20.86 32.93
N ASN H 76 -26.39 20.14 33.09
CA ASN H 76 -25.02 20.69 33.07
C ASN H 76 -24.93 21.91 33.97
N THR H 77 -25.50 21.79 35.17
CA THR H 77 -25.57 22.87 36.15
C THR H 77 -24.88 22.43 37.43
N VAL H 78 -23.97 23.26 37.90
CA VAL H 78 -23.24 23.03 39.14
C VAL H 78 -23.59 24.13 40.15
N TYR H 79 -23.60 23.76 41.43
CA TYR H 79 -23.92 24.65 42.53
C TYR H 79 -22.85 24.60 43.58
N LEU H 80 -22.66 25.72 44.26
CA LEU H 80 -21.74 25.83 45.39
C LEU H 80 -22.47 26.50 46.54
N GLN H 81 -22.70 25.74 47.64
CA GLN H 81 -23.27 26.25 48.86
C GLN H 81 -22.13 26.63 49.81
N MET H 82 -21.93 27.93 50.02
CA MET H 82 -20.86 28.45 50.87
C MET H 82 -21.45 28.81 52.22
N SER H 83 -21.48 27.85 53.15
CA SER H 83 -22.03 28.05 54.49
C SER H 83 -20.97 28.49 55.48
N THR H 84 -21.40 29.03 56.68
CA THR H 84 -20.54 29.52 57.77
C THR H 84 -19.39 30.30 57.18
N LEU H 85 -19.72 31.30 56.37
CA LEU H 85 -18.76 32.12 55.64
C LEU H 85 -17.77 32.82 56.56
N GLN H 86 -16.61 33.13 56.01
CA GLN H 86 -15.52 33.78 56.73
C GLN H 86 -14.96 34.84 55.83
N SER H 87 -14.22 35.80 56.38
CA SER H 87 -13.61 36.91 55.65
C SER H 87 -12.61 36.44 54.58
N GLU H 88 -11.93 35.31 54.84
CA GLU H 88 -10.96 34.69 53.93
C GLU H 88 -11.62 34.21 52.65
N ASP H 89 -12.92 33.89 52.73
CA ASP H 89 -13.73 33.46 51.60
C ASP H 89 -13.97 34.56 50.57
N THR H 90 -13.64 35.84 50.90
CA THR H 90 -13.77 36.97 49.97
C THR H 90 -12.80 36.76 48.83
N ALA H 91 -13.37 36.64 47.63
CA ALA H 91 -12.64 36.37 46.41
C ALA H 91 -13.56 36.40 45.22
N VAL H 92 -12.98 36.28 44.02
CA VAL H 92 -13.72 36.17 42.76
C VAL H 92 -13.83 34.66 42.52
N TYR H 93 -15.06 34.15 42.52
CA TYR H 93 -15.34 32.74 42.32
C TYR H 93 -15.58 32.46 40.86
N TYR H 94 -14.85 31.48 40.35
CA TYR H 94 -14.90 31.05 38.95
C TYR H 94 -15.44 29.63 38.80
N CYS H 95 -16.31 29.46 37.82
CA CYS H 95 -16.85 28.19 37.40
C CYS H 95 -15.88 27.70 36.32
N ASN H 96 -15.54 26.42 36.34
CA ASN H 96 -14.57 25.86 35.41
C ASN H 96 -14.94 24.50 34.89
N VAL H 97 -14.71 24.27 33.58
CA VAL H 97 -14.88 22.98 32.89
C VAL H 97 -13.74 22.93 31.86
N GLY H 98 -12.71 22.14 32.15
CA GLY H 98 -11.54 21.98 31.31
C GLY H 98 -10.78 23.28 31.16
N ALA H 99 -10.80 23.87 29.95
CA ALA H 99 -10.16 25.14 29.64
C ALA H 99 -11.15 26.30 29.61
N SER H 100 -12.46 26.00 29.85
CA SER H 100 -13.51 27.02 29.88
C SER H 100 -13.69 27.61 31.28
N TRP H 101 -13.85 28.92 31.34
CA TRP H 101 -14.05 29.64 32.60
C TRP H 101 -15.27 30.54 32.56
N GLY H 102 -15.88 30.73 33.72
CA GLY H 102 -17.00 31.64 33.86
C GLY H 102 -16.39 33.02 33.98
N GLN H 103 -17.20 34.07 33.81
CA GLN H 103 -16.82 35.48 33.91
C GLN H 103 -16.20 35.86 35.29
N GLY H 104 -16.55 35.13 36.34
CA GLY H 104 -16.06 35.39 37.69
C GLY H 104 -17.08 36.23 38.43
N THR H 105 -17.55 35.73 39.58
CA THR H 105 -18.53 36.41 40.42
C THR H 105 -17.86 36.75 41.74
N GLN H 106 -17.88 38.05 42.10
CA GLN H 106 -17.31 38.54 43.35
C GLN H 106 -18.17 38.14 44.56
N VAL H 107 -17.53 37.55 45.57
CA VAL H 107 -18.17 37.17 46.83
C VAL H 107 -17.38 37.93 47.89
N THR H 108 -18.06 38.80 48.63
CA THR H 108 -17.45 39.62 49.69
C THR H 108 -18.14 39.33 50.99
N VAL H 109 -17.42 38.68 51.91
CA VAL H 109 -17.95 38.34 53.22
C VAL H 109 -17.65 39.49 54.16
N SER H 110 -18.70 40.04 54.77
CA SER H 110 -18.61 41.15 55.72
C SER H 110 -18.98 40.71 57.14
N SER H 111 -18.27 41.27 58.14
CA SER H 111 -18.49 40.99 59.56
C SER H 111 -18.59 42.30 60.38
N HIS H 112 -19.02 43.42 59.74
CA HIS H 112 -19.16 44.72 60.39
C HIS H 112 -20.16 44.69 61.56
N GLN I 1 -5.32 -13.67 33.90
CA GLN I 1 -6.02 -13.58 35.15
C GLN I 1 -6.19 -15.00 35.74
N VAL I 2 -5.08 -15.55 36.22
CA VAL I 2 -5.04 -16.88 36.83
C VAL I 2 -5.10 -16.67 38.32
N GLN I 3 -5.98 -17.41 38.99
CA GLN I 3 -6.14 -17.33 40.44
C GLN I 3 -5.42 -18.50 41.11
N LEU I 4 -4.67 -18.21 42.16
CA LEU I 4 -3.94 -19.21 42.93
C LEU I 4 -4.48 -19.26 44.34
N GLN I 5 -4.82 -20.48 44.79
CA GLN I 5 -5.35 -20.70 46.12
C GLN I 5 -4.47 -21.68 46.86
N GLU I 6 -3.85 -21.20 47.94
CA GLU I 6 -2.99 -22.04 48.77
C GLU I 6 -3.82 -22.74 49.84
N SER I 7 -3.38 -23.95 50.19
CA SER I 7 -3.98 -24.81 51.20
C SER I 7 -2.86 -25.45 52.02
N GLY I 8 -3.19 -25.72 53.28
CA GLY I 8 -2.28 -26.26 54.27
C GLY I 8 -1.63 -25.15 55.06
N GLY I 9 -0.67 -25.54 55.88
CA GLY I 9 0.04 -24.61 56.73
C GLY I 9 -0.38 -24.72 58.19
N GLY I 10 0.14 -23.81 59.00
CA GLY I 10 -0.13 -23.74 60.44
C GLY I 10 1.07 -24.13 61.27
N LEU I 11 0.81 -24.59 62.50
CA LEU I 11 1.83 -25.00 63.46
C LEU I 11 2.27 -26.44 63.21
N ALA I 12 3.57 -26.69 63.39
CA ALA I 12 4.17 -28.00 63.24
C ALA I 12 5.37 -28.11 64.16
N GLN I 13 5.57 -29.31 64.72
CA GLN I 13 6.67 -29.58 65.63
C GLN I 13 7.98 -29.67 64.88
N ALA I 14 9.06 -29.14 65.49
CA ALA I 14 10.41 -29.19 64.94
C ALA I 14 10.74 -30.66 64.71
N GLY I 15 11.19 -31.00 63.51
CA GLY I 15 11.50 -32.37 63.13
C GLY I 15 10.35 -33.10 62.47
N GLY I 16 9.17 -32.48 62.50
CA GLY I 16 7.97 -33.02 61.89
C GLY I 16 7.91 -32.75 60.40
N SER I 17 6.71 -32.81 59.84
CA SER I 17 6.51 -32.56 58.43
C SER I 17 5.22 -31.78 58.22
N MET I 18 5.00 -31.30 56.99
CA MET I 18 3.83 -30.53 56.57
C MET I 18 3.74 -30.55 55.06
N ARG I 19 2.51 -30.53 54.52
CA ARG I 19 2.25 -30.52 53.10
C ARG I 19 1.44 -29.29 52.68
N LEU I 20 2.02 -28.46 51.83
CA LEU I 20 1.34 -27.29 51.29
C LEU I 20 0.88 -27.64 49.91
N SER I 21 -0.25 -27.08 49.49
CA SER I 21 -0.79 -27.31 48.16
C SER I 21 -1.31 -25.98 47.58
N CYS I 22 -1.40 -25.93 46.26
CA CYS I 22 -1.86 -24.75 45.56
C CYS I 22 -2.57 -25.12 44.28
N ILE I 23 -3.83 -24.70 44.13
CA ILE I 23 -4.60 -24.95 42.92
C ILE I 23 -4.67 -23.65 42.11
N ALA I 24 -4.47 -23.75 40.78
CA ALA I 24 -4.55 -22.61 39.86
C ALA I 24 -5.80 -22.76 39.03
N SER I 25 -6.63 -21.71 39.02
CA SER I 25 -7.89 -21.71 38.28
C SER I 25 -7.94 -20.53 37.29
N GLY I 26 -8.65 -20.73 36.20
CA GLY I 26 -8.79 -19.71 35.17
C GLY I 26 -9.48 -20.26 33.96
N ARG I 27 -9.27 -19.60 32.81
CA ARG I 27 -9.96 -19.99 31.59
C ARG I 27 -9.02 -20.41 30.47
N ASN I 28 -8.46 -19.44 29.73
CA ASN I 28 -7.60 -19.73 28.57
C ASN I 28 -6.16 -19.47 28.88
N PHE I 29 -5.59 -20.36 29.69
CA PHE I 29 -4.20 -20.26 30.11
C PHE I 29 -3.46 -21.59 29.95
N PHE I 30 -2.14 -21.55 30.12
CA PHE I 30 -1.28 -22.72 30.13
C PHE I 30 -0.09 -22.41 31.02
N ILE I 31 0.08 -23.22 32.07
CA ILE I 31 1.15 -23.04 33.03
C ILE I 31 2.31 -23.94 32.67
N ASN I 32 3.53 -23.38 32.68
CA ASN I 32 4.74 -24.15 32.47
C ASN I 32 5.48 -24.31 33.79
N ILE I 33 5.69 -23.20 34.53
CA ILE I 33 6.43 -23.17 35.79
C ILE I 33 5.52 -22.81 36.96
N MET I 34 5.62 -23.58 38.05
CA MET I 34 4.91 -23.35 39.30
C MET I 34 5.99 -23.32 40.35
N ASN I 35 6.00 -22.25 41.13
CA ASN I 35 7.02 -22.02 42.15
C ASN I 35 6.45 -21.94 43.56
N TRP I 36 7.32 -22.12 44.56
CA TRP I 36 6.99 -21.95 45.97
C TRP I 36 8.00 -20.98 46.51
N TYR I 37 7.52 -19.89 47.08
CA TYR I 37 8.36 -18.87 47.69
C TYR I 37 8.07 -18.84 49.17
N ARG I 38 8.94 -18.21 49.96
CA ARG I 38 8.76 -18.04 51.39
C ARG I 38 9.46 -16.78 51.83
N GLN I 39 8.91 -16.13 52.84
CA GLN I 39 9.49 -14.92 53.36
C GLN I 39 9.50 -14.99 54.87
N ALA I 40 10.71 -15.02 55.44
CA ALA I 40 10.95 -15.04 56.88
C ALA I 40 10.46 -13.70 57.50
N PRO I 41 10.44 -13.52 58.84
CA PRO I 41 9.86 -12.29 59.37
C PRO I 41 10.70 -11.02 59.18
N GLY I 42 12.01 -11.19 59.03
CA GLY I 42 12.94 -10.10 58.82
C GLY I 42 13.87 -10.31 57.64
N LYS I 43 13.45 -11.16 56.69
CA LYS I 43 14.23 -11.47 55.49
C LYS I 43 13.43 -11.15 54.22
N GLN I 44 14.07 -11.34 53.06
CA GLN I 44 13.44 -11.11 51.76
C GLN I 44 12.83 -12.39 51.25
N ARG I 45 11.81 -12.25 50.37
CA ARG I 45 11.10 -13.37 49.76
C ARG I 45 12.09 -14.16 48.88
N GLU I 46 12.26 -15.44 49.20
CA GLU I 46 13.19 -16.30 48.48
C GLU I 46 12.47 -17.43 47.77
N LEU I 47 13.03 -17.89 46.65
CA LEU I 47 12.48 -19.01 45.91
C LEU I 47 12.87 -20.28 46.66
N VAL I 48 11.87 -21.07 47.08
CA VAL I 48 12.05 -22.32 47.82
C VAL I 48 12.21 -23.47 46.84
N ALA I 49 11.19 -23.72 46.03
CA ALA I 49 11.17 -24.82 45.09
C ALA I 49 10.50 -24.40 43.80
N GLN I 50 10.88 -25.06 42.72
CA GLN I 50 10.35 -24.80 41.39
C GLN I 50 10.24 -26.11 40.65
N ILE I 51 9.20 -26.24 39.83
CA ILE I 51 8.92 -27.42 39.03
C ILE I 51 8.42 -27.01 37.64
N THR I 52 8.98 -27.63 36.61
CA THR I 52 8.59 -27.36 35.24
C THR I 52 7.48 -28.33 34.85
N ARG I 53 6.88 -28.12 33.68
CA ARG I 53 5.84 -28.96 33.13
C ARG I 53 6.37 -30.38 32.87
N ALA I 54 7.67 -30.50 32.52
CA ALA I 54 8.35 -31.77 32.26
C ALA I 54 8.61 -32.56 33.56
N GLY I 55 8.54 -31.88 34.71
CA GLY I 55 8.69 -32.49 36.02
C GLY I 55 10.01 -32.24 36.73
N THR I 56 10.93 -31.53 36.06
CA THR I 56 12.26 -31.23 36.60
C THR I 56 12.13 -30.26 37.76
N THR I 57 12.74 -30.61 38.89
CA THR I 57 12.67 -29.82 40.11
C THR I 57 13.98 -29.14 40.44
N THR I 58 13.90 -28.00 41.15
CA THR I 58 15.03 -27.22 41.62
C THR I 58 14.63 -26.63 42.95
N TYR I 59 15.54 -26.67 43.93
CA TYR I 59 15.26 -26.19 45.27
C TYR I 59 16.33 -25.23 45.70
N ALA I 60 16.03 -24.44 46.73
CA ALA I 60 17.00 -23.56 47.37
C ALA I 60 17.89 -24.52 48.16
N ASP I 61 19.16 -24.15 48.40
CA ASP I 61 20.11 -24.98 49.13
C ASP I 61 19.66 -25.29 50.56
N SER I 62 19.00 -24.33 51.22
CA SER I 62 18.49 -24.44 52.59
C SER I 62 17.44 -25.55 52.79
N VAL I 63 16.76 -25.98 51.71
CA VAL I 63 15.68 -26.98 51.75
C VAL I 63 15.99 -28.25 50.94
N LYS I 64 17.10 -28.26 50.19
CA LYS I 64 17.47 -29.39 49.35
C LYS I 64 17.61 -30.66 50.19
N GLY I 65 16.94 -31.72 49.75
CA GLY I 65 16.94 -33.00 50.45
C GLY I 65 15.85 -33.14 51.48
N ARG I 66 15.33 -32.01 52.01
CA ARG I 66 14.26 -32.00 53.00
C ARG I 66 12.89 -31.78 52.35
N PHE I 67 12.78 -30.71 51.53
CA PHE I 67 11.53 -30.38 50.85
C PHE I 67 11.43 -31.13 49.54
N THR I 68 10.19 -31.34 49.08
CA THR I 68 9.91 -32.01 47.81
C THR I 68 8.73 -31.33 47.16
N ILE I 69 8.93 -30.88 45.90
CA ILE I 69 7.89 -30.26 45.09
C ILE I 69 7.32 -31.29 44.12
N SER I 70 6.00 -31.33 43.99
CA SER I 70 5.32 -32.21 43.05
C SER I 70 4.20 -31.42 42.41
N ARG I 71 3.61 -31.96 41.33
CA ARG I 71 2.56 -31.26 40.62
C ARG I 71 1.69 -32.21 39.84
N ASP I 72 0.40 -31.89 39.75
CA ASP I 72 -0.54 -32.56 38.87
C ASP I 72 -0.79 -31.53 37.78
N ASN I 73 -0.24 -31.77 36.57
CA ASN I 73 -0.36 -30.88 35.41
C ASN I 73 -1.78 -30.61 34.99
N ALA I 74 -2.57 -31.67 34.68
CA ALA I 74 -3.97 -31.57 34.26
C ALA I 74 -4.86 -30.77 35.23
N LYS I 75 -4.58 -30.87 36.55
CA LYS I 75 -5.35 -30.19 37.59
C LYS I 75 -4.75 -28.87 38.02
N ASN I 76 -3.62 -28.46 37.41
CA ASN I 76 -2.90 -27.21 37.71
C ASN I 76 -2.66 -27.04 39.20
N THR I 77 -2.22 -28.12 39.86
CA THR I 77 -1.99 -28.15 41.30
C THR I 77 -0.54 -28.47 41.59
N VAL I 78 0.06 -27.70 42.47
CA VAL I 78 1.44 -27.88 42.93
C VAL I 78 1.42 -28.20 44.43
N TYR I 79 2.28 -29.15 44.84
CA TYR I 79 2.42 -29.55 46.23
C TYR I 79 3.84 -29.30 46.71
N LEU I 80 3.96 -28.91 47.99
CA LEU I 80 5.23 -28.73 48.65
C LEU I 80 5.24 -29.60 49.92
N GLN I 81 6.00 -30.71 49.87
CA GLN I 81 6.16 -31.65 50.97
C GLN I 81 7.40 -31.26 51.78
N MET I 82 7.15 -30.63 52.92
CA MET I 82 8.20 -30.17 53.82
C MET I 82 8.42 -31.24 54.86
N SER I 83 9.64 -31.78 54.94
CA SER I 83 10.01 -32.80 55.92
C SER I 83 11.14 -32.27 56.79
N THR I 84 11.34 -32.87 57.99
CA THR I 84 12.40 -32.53 58.97
C THR I 84 12.46 -31.02 59.19
N LEU I 85 11.28 -30.43 59.49
CA LEU I 85 11.12 -29.01 59.71
C LEU I 85 12.06 -28.47 60.76
N GLN I 86 12.50 -27.25 60.55
CA GLN I 86 13.45 -26.56 61.43
C GLN I 86 12.85 -25.21 61.78
N SER I 87 13.42 -24.51 62.77
CA SER I 87 12.96 -23.19 63.19
C SER I 87 13.18 -22.11 62.11
N GLU I 88 14.13 -22.37 61.18
CA GLU I 88 14.48 -21.46 60.07
C GLU I 88 13.39 -21.48 59.02
N ASP I 89 12.65 -22.60 58.91
CA ASP I 89 11.55 -22.76 57.95
C ASP I 89 10.30 -21.97 58.31
N THR I 90 10.29 -21.30 59.48
CA THR I 90 9.17 -20.45 59.91
C THR I 90 9.08 -19.23 59.02
N ALA I 91 8.14 -19.26 58.07
CA ALA I 91 7.92 -18.20 57.10
C ALA I 91 6.57 -18.32 56.45
N VAL I 92 6.18 -17.27 55.69
CA VAL I 92 4.93 -17.26 54.92
C VAL I 92 5.28 -17.83 53.56
N TYR I 93 4.72 -18.99 53.23
CA TYR I 93 4.95 -19.68 51.98
C TYR I 93 3.96 -19.23 50.92
N TYR I 94 4.50 -18.75 49.79
CA TYR I 94 3.75 -18.25 48.66
C TYR I 94 3.80 -19.16 47.45
N CYS I 95 2.66 -19.32 46.80
CA CYS I 95 2.49 -20.07 45.57
C CYS I 95 2.61 -19.04 44.46
N ASN I 96 3.39 -19.37 43.43
CA ASN I 96 3.63 -18.43 42.35
C ASN I 96 3.56 -19.06 40.99
N VAL I 97 2.96 -18.35 40.02
CA VAL I 97 2.86 -18.73 38.62
C VAL I 97 2.96 -17.42 37.84
N GLY I 98 4.12 -17.17 37.21
CA GLY I 98 4.41 -15.96 36.46
C GLY I 98 4.30 -14.72 37.31
N ALA I 99 3.29 -13.89 37.04
CA ALA I 99 3.02 -12.66 37.81
C ALA I 99 1.98 -12.87 38.92
N SER I 100 1.34 -14.05 38.94
CA SER I 100 0.32 -14.39 39.92
C SER I 100 0.93 -14.94 41.20
N TRP I 101 0.29 -14.61 42.32
CA TRP I 101 0.71 -15.05 43.64
C TRP I 101 -0.48 -15.55 44.46
N GLY I 102 -0.18 -16.49 45.34
CA GLY I 102 -1.15 -17.03 46.28
C GLY I 102 -1.26 -16.02 47.40
N GLN I 103 -2.31 -16.13 48.23
CA GLN I 103 -2.57 -15.25 49.38
C GLN I 103 -1.44 -15.26 50.42
N GLY I 104 -0.73 -16.39 50.55
CA GLY I 104 0.34 -16.59 51.51
C GLY I 104 -0.17 -17.32 52.74
N THR I 105 0.41 -18.49 53.02
CA THR I 105 0.05 -19.32 54.18
C THR I 105 1.22 -19.36 55.15
N GLN I 106 0.92 -19.05 56.43
CA GLN I 106 1.92 -19.07 57.49
C GLN I 106 2.24 -20.50 57.90
N VAL I 107 3.54 -20.75 58.17
CA VAL I 107 4.06 -22.03 58.62
C VAL I 107 4.94 -21.72 59.82
N THR I 108 4.42 -21.98 61.04
CA THR I 108 5.15 -21.73 62.29
C THR I 108 5.72 -23.03 62.83
N VAL I 109 7.05 -23.16 62.77
CA VAL I 109 7.75 -24.33 63.30
C VAL I 109 8.23 -23.98 64.69
N SER I 110 7.69 -24.68 65.70
CA SER I 110 8.03 -24.46 67.10
C SER I 110 8.67 -25.69 67.75
N SER I 111 9.00 -25.59 69.04
CA SER I 111 9.61 -26.67 69.82
C SER I 111 8.62 -27.24 70.82
N GLN J 1 25.18 -27.15 9.35
CA GLN J 1 24.71 -28.52 9.37
C GLN J 1 25.38 -29.39 8.28
N VAL J 2 26.64 -29.08 7.94
CA VAL J 2 27.42 -29.84 6.97
C VAL J 2 28.36 -30.69 7.80
N GLN J 3 28.27 -32.00 7.62
CA GLN J 3 29.08 -32.96 8.36
C GLN J 3 30.40 -33.23 7.66
N LEU J 4 31.49 -33.15 8.42
CA LEU J 4 32.84 -33.39 7.92
C LEU J 4 33.40 -34.64 8.59
N GLN J 5 33.90 -35.58 7.77
CA GLN J 5 34.47 -36.83 8.24
C GLN J 5 35.91 -36.95 7.80
N GLU J 6 36.83 -36.91 8.76
CA GLU J 6 38.26 -37.02 8.46
C GLU J 6 38.68 -38.47 8.46
N SER J 7 39.72 -38.78 7.68
CA SER J 7 40.31 -40.10 7.54
C SER J 7 41.83 -39.98 7.61
N GLY J 8 42.48 -41.12 7.84
CA GLY J 8 43.93 -41.21 7.95
C GLY J 8 44.45 -40.77 9.30
N GLY J 9 45.74 -40.50 9.34
CA GLY J 9 46.43 -40.10 10.56
C GLY J 9 47.17 -41.26 11.19
N GLY J 10 47.81 -40.99 12.32
CA GLY J 10 48.59 -41.96 13.08
C GLY J 10 50.06 -41.62 13.15
N LEU J 11 50.88 -42.64 13.45
CA LEU J 11 52.32 -42.51 13.58
C LEU J 11 52.99 -42.40 12.21
N ALA J 12 54.09 -41.65 12.15
CA ALA J 12 54.88 -41.46 10.94
C ALA J 12 56.34 -41.20 11.29
N GLN J 13 57.26 -41.68 10.44
CA GLN J 13 58.69 -41.48 10.65
C GLN J 13 59.05 -40.10 10.13
N ALA J 14 59.90 -39.36 10.88
CA ALA J 14 60.35 -38.01 10.50
C ALA J 14 60.99 -38.05 9.12
N GLY J 15 60.32 -37.43 8.16
CA GLY J 15 60.77 -37.35 6.77
C GLY J 15 60.10 -38.30 5.78
N GLY J 16 59.08 -39.02 6.23
CA GLY J 16 58.33 -39.93 5.36
C GLY J 16 57.27 -39.18 4.58
N SER J 17 56.02 -39.66 4.65
CA SER J 17 54.82 -39.04 4.06
C SER J 17 53.55 -39.62 4.65
N MET J 18 52.52 -38.78 4.78
CA MET J 18 51.20 -39.16 5.26
C MET J 18 50.14 -38.36 4.53
N ARG J 19 49.01 -39.01 4.20
CA ARG J 19 47.92 -38.39 3.49
C ARG J 19 46.64 -38.40 4.32
N LEU J 20 46.03 -37.22 4.48
CA LEU J 20 44.76 -37.05 5.19
C LEU J 20 43.67 -36.73 4.19
N SER J 21 42.44 -37.13 4.48
CA SER J 21 41.31 -36.86 3.61
C SER J 21 40.12 -36.43 4.45
N CYS J 22 39.22 -35.66 3.83
CA CYS J 22 38.02 -35.18 4.48
C CYS J 22 36.88 -35.10 3.48
N ILE J 23 35.79 -35.84 3.75
CA ILE J 23 34.58 -35.85 2.92
C ILE J 23 33.48 -35.03 3.60
N ALA J 24 32.88 -34.10 2.86
CA ALA J 24 31.79 -33.27 3.39
C ALA J 24 30.46 -33.79 2.87
N SER J 25 29.49 -33.94 3.78
CA SER J 25 28.16 -34.43 3.44
C SER J 25 27.07 -33.52 4.01
N GLY J 26 25.93 -33.53 3.35
CA GLY J 26 24.78 -32.72 3.73
C GLY J 26 23.70 -32.80 2.68
N ARG J 27 22.77 -31.85 2.73
CA ARG J 27 21.64 -31.84 1.83
C ARG J 27 21.70 -30.76 0.76
N ASN J 28 21.38 -29.52 1.14
CA ASN J 28 21.33 -28.41 0.19
C ASN J 28 22.42 -27.42 0.47
N PHE J 29 23.65 -27.82 0.16
CA PHE J 29 24.82 -26.99 0.40
C PHE J 29 25.71 -26.88 -0.84
N PHE J 30 26.64 -25.92 -0.79
CA PHE J 30 27.65 -25.69 -1.81
C PHE J 30 28.88 -25.14 -1.11
N ILE J 31 30.01 -25.82 -1.31
CA ILE J 31 31.26 -25.44 -0.68
C ILE J 31 32.17 -24.75 -1.69
N ASN J 32 32.68 -23.58 -1.31
CA ASN J 32 33.63 -22.84 -2.11
C ASN J 32 35.05 -23.08 -1.56
N ILE J 33 35.26 -22.79 -0.26
CA ILE J 33 36.55 -22.91 0.42
C ILE J 33 36.56 -24.07 1.43
N MET J 34 37.61 -24.92 1.35
CA MET J 34 37.85 -26.03 2.27
C MET J 34 39.20 -25.79 2.85
N ASN J 35 39.31 -25.89 4.18
CA ASN J 35 40.54 -25.63 4.91
C ASN J 35 41.02 -26.83 5.71
N TRP J 36 42.30 -26.80 6.10
CA TRP J 36 42.93 -27.79 6.97
C TRP J 36 43.56 -27.00 8.08
N TYR J 37 43.14 -27.27 9.31
CA TYR J 37 43.67 -26.66 10.53
C TYR J 37 44.39 -27.73 11.33
N ARG J 38 45.34 -27.31 12.15
CA ARG J 38 46.05 -28.21 13.04
C ARG J 38 46.32 -27.52 14.36
N GLN J 39 46.36 -28.31 15.42
CA GLN J 39 46.63 -27.81 16.75
C GLN J 39 47.60 -28.76 17.46
N ALA J 40 48.84 -28.29 17.63
CA ALA J 40 49.92 -29.03 18.27
C ALA J 40 49.79 -28.87 19.79
N PRO J 41 50.30 -29.83 20.60
CA PRO J 41 50.20 -29.71 22.07
C PRO J 41 50.63 -28.35 22.62
N GLY J 42 49.74 -27.72 23.38
CA GLY J 42 49.95 -26.43 24.04
C GLY J 42 49.77 -25.18 23.20
N LYS J 43 50.21 -25.22 21.93
CA LYS J 43 50.12 -24.09 20.99
C LYS J 43 48.67 -23.77 20.58
N GLN J 44 48.50 -22.63 19.90
CA GLN J 44 47.20 -22.15 19.43
C GLN J 44 46.92 -22.78 18.05
N ARG J 45 45.63 -22.92 17.71
CA ARG J 45 45.16 -23.42 16.43
C ARG J 45 45.75 -22.56 15.30
N GLU J 46 46.08 -23.20 14.19
CA GLU J 46 46.64 -22.50 13.06
C GLU J 46 46.07 -23.04 11.77
N LEU J 47 46.03 -22.19 10.73
CA LEU J 47 45.56 -22.60 9.42
C LEU J 47 46.75 -23.17 8.68
N VAL J 48 46.58 -24.34 8.07
CA VAL J 48 47.63 -25.06 7.34
C VAL J 48 47.54 -24.83 5.84
N ALA J 49 46.47 -25.32 5.22
CA ALA J 49 46.25 -25.25 3.80
C ALA J 49 44.81 -24.88 3.50
N GLN J 50 44.63 -24.09 2.46
CA GLN J 50 43.34 -23.60 2.00
C GLN J 50 43.28 -23.71 0.49
N ILE J 51 42.20 -24.35 0.01
CA ILE J 51 41.91 -24.54 -1.41
C ILE J 51 40.53 -23.95 -1.76
N THR J 52 40.50 -23.06 -2.76
CA THR J 52 39.24 -22.50 -3.22
C THR J 52 38.63 -23.46 -4.24
N ARG J 53 37.38 -23.23 -4.64
CA ARG J 53 36.70 -24.05 -5.63
C ARG J 53 37.39 -23.90 -6.99
N ALA J 54 37.94 -22.69 -7.27
CA ALA J 54 38.65 -22.36 -8.51
C ALA J 54 40.09 -22.95 -8.60
N GLY J 55 40.57 -23.56 -7.53
CA GLY J 55 41.88 -24.21 -7.49
C GLY J 55 43.00 -23.45 -6.84
N THR J 56 42.77 -22.20 -6.37
CA THR J 56 43.82 -21.41 -5.71
C THR J 56 44.18 -22.08 -4.39
N THR J 57 45.45 -22.40 -4.22
CA THR J 57 45.94 -23.05 -3.00
C THR J 57 46.88 -22.13 -2.26
N THR J 58 46.73 -22.07 -0.94
CA THR J 58 47.57 -21.26 -0.06
C THR J 58 47.98 -22.11 1.13
N TYR J 59 49.16 -21.87 1.66
CA TYR J 59 49.70 -22.66 2.76
C TYR J 59 50.32 -21.76 3.80
N ALA J 60 50.50 -22.30 5.01
CA ALA J 60 51.21 -21.60 6.07
C ALA J 60 52.68 -21.76 5.73
N ASP J 61 53.52 -20.80 6.16
CA ASP J 61 54.96 -20.79 5.89
C ASP J 61 55.69 -22.02 6.42
N SER J 62 55.26 -22.53 7.59
CA SER J 62 55.84 -23.72 8.23
C SER J 62 55.71 -25.00 7.43
N VAL J 63 54.70 -25.08 6.52
CA VAL J 63 54.42 -26.28 5.71
C VAL J 63 54.59 -26.05 4.21
N LYS J 64 54.77 -24.79 3.80
CA LYS J 64 54.92 -24.42 2.39
C LYS J 64 56.13 -25.13 1.80
N GLY J 65 55.87 -25.96 0.81
CA GLY J 65 56.91 -26.74 0.15
C GLY J 65 57.00 -28.16 0.64
N ARG J 66 56.17 -28.52 1.62
CA ARG J 66 56.17 -29.88 2.17
C ARG J 66 54.79 -30.49 2.06
N PHE J 67 53.74 -29.68 2.34
CA PHE J 67 52.35 -30.13 2.28
C PHE J 67 51.70 -29.72 0.98
N THR J 68 50.75 -30.55 0.52
CA THR J 68 49.99 -30.29 -0.70
C THR J 68 48.52 -30.54 -0.45
N ILE J 69 47.69 -29.54 -0.75
CA ILE J 69 46.24 -29.62 -0.64
C ILE J 69 45.61 -29.79 -2.02
N SER J 70 44.84 -30.85 -2.18
CA SER J 70 44.10 -31.12 -3.41
C SER J 70 42.64 -31.33 -3.02
N ARG J 71 41.75 -31.39 -4.01
CA ARG J 71 40.33 -31.53 -3.74
C ARG J 71 39.57 -32.01 -4.95
N ASP J 72 38.56 -32.84 -4.71
CA ASP J 72 37.62 -33.26 -5.73
C ASP J 72 36.36 -32.46 -5.37
N ASN J 73 36.08 -31.41 -6.18
CA ASN J 73 34.96 -30.50 -5.98
C ASN J 73 33.61 -31.19 -6.00
N ALA J 74 33.33 -32.05 -7.00
CA ALA J 74 32.08 -32.80 -7.13
C ALA J 74 31.79 -33.65 -5.90
N LYS J 75 32.80 -34.36 -5.38
CA LYS J 75 32.65 -35.24 -4.23
C LYS J 75 32.80 -34.54 -2.89
N ASN J 76 33.07 -33.22 -2.87
CA ASN J 76 33.29 -32.42 -1.66
C ASN J 76 34.31 -33.08 -0.77
N THR J 77 35.38 -33.58 -1.41
CA THR J 77 36.46 -34.29 -0.74
C THR J 77 37.74 -33.49 -0.89
N VAL J 78 38.38 -33.17 0.25
CA VAL J 78 39.64 -32.46 0.31
C VAL J 78 40.74 -33.43 0.83
N TYR J 79 41.95 -33.28 0.30
CA TYR J 79 43.09 -34.09 0.72
C TYR J 79 44.21 -33.21 1.20
N LEU J 80 45.05 -33.78 2.08
CA LEU J 80 46.24 -33.12 2.58
C LEU J 80 47.41 -34.11 2.53
N GLN J 81 48.31 -33.93 1.55
CA GLN J 81 49.51 -34.75 1.37
C GLN J 81 50.65 -34.12 2.15
N MET J 82 51.01 -34.74 3.28
CA MET J 82 52.06 -34.25 4.16
C MET J 82 53.33 -35.01 3.88
N SER J 83 54.27 -34.37 3.16
CA SER J 83 55.56 -34.97 2.81
C SER J 83 56.64 -34.34 3.68
N THR J 84 57.77 -35.08 3.89
CA THR J 84 58.95 -34.66 4.66
C THR J 84 58.51 -34.15 6.03
N LEU J 85 57.77 -35.00 6.76
CA LEU J 85 57.19 -34.66 8.05
C LEU J 85 58.26 -34.38 9.08
N GLN J 86 58.29 -33.15 9.57
CA GLN J 86 59.22 -32.76 10.63
C GLN J 86 58.59 -33.26 11.94
N SER J 87 59.26 -33.08 13.08
CA SER J 87 58.71 -33.49 14.38
C SER J 87 57.68 -32.46 14.93
N GLU J 88 57.69 -31.23 14.35
CA GLU J 88 56.83 -30.11 14.74
C GLU J 88 55.41 -30.35 14.25
N ASP J 89 55.27 -31.18 13.19
CA ASP J 89 54.00 -31.55 12.59
C ASP J 89 53.09 -32.36 13.52
N THR J 90 53.61 -32.75 14.73
CA THR J 90 52.86 -33.46 15.77
C THR J 90 51.74 -32.54 16.18
N ALA J 91 50.51 -32.92 15.81
CA ALA J 91 49.30 -32.13 16.06
C ALA J 91 48.06 -32.90 15.67
N VAL J 92 46.89 -32.39 16.08
CA VAL J 92 45.58 -32.93 15.71
C VAL J 92 45.12 -32.05 14.57
N TYR J 93 44.92 -32.67 13.41
CA TYR J 93 44.50 -31.98 12.20
C TYR J 93 42.98 -32.00 12.06
N TYR J 94 42.39 -30.80 11.88
CA TYR J 94 40.98 -30.55 11.71
C TYR J 94 40.62 -30.13 10.30
N CYS J 95 39.51 -30.66 9.80
CA CYS J 95 38.96 -30.31 8.50
C CYS J 95 37.90 -29.23 8.75
N ASN J 96 37.95 -28.13 7.99
CA ASN J 96 37.03 -27.02 8.17
C ASN J 96 36.38 -26.54 6.88
N VAL J 97 35.08 -26.24 6.97
CA VAL J 97 34.27 -25.64 5.91
C VAL J 97 33.39 -24.64 6.64
N GLY J 98 33.65 -23.35 6.41
CA GLY J 98 32.92 -22.26 7.04
C GLY J 98 32.96 -22.36 8.55
N ALA J 99 31.81 -22.69 9.17
CA ALA J 99 31.69 -22.85 10.62
C ALA J 99 31.72 -24.31 11.07
N SER J 100 31.62 -25.27 10.13
CA SER J 100 31.66 -26.71 10.42
C SER J 100 33.10 -27.18 10.60
N TRP J 101 33.30 -28.20 11.45
CA TRP J 101 34.59 -28.78 11.74
C TRP J 101 34.53 -30.30 11.78
N GLY J 102 35.66 -30.93 11.55
CA GLY J 102 35.80 -32.36 11.63
C GLY J 102 36.15 -32.72 13.07
N GLN J 103 35.95 -34.02 13.44
CA GLN J 103 36.24 -34.56 14.78
C GLN J 103 37.72 -34.40 15.24
N GLY J 104 38.64 -34.36 14.27
CA GLY J 104 40.08 -34.24 14.50
C GLY J 104 40.76 -35.59 14.50
N THR J 105 41.87 -35.69 13.75
CA THR J 105 42.67 -36.90 13.65
C THR J 105 44.08 -36.58 14.11
N GLN J 106 44.62 -37.43 15.01
CA GLN J 106 45.97 -37.28 15.55
C GLN J 106 47.02 -37.69 14.53
N VAL J 107 48.09 -36.88 14.44
CA VAL J 107 49.22 -37.12 13.53
C VAL J 107 50.52 -36.91 14.32
N THR J 108 51.02 -37.99 14.95
CA THR J 108 52.28 -37.97 15.71
C THR J 108 53.40 -38.41 14.78
N VAL J 109 54.60 -37.87 15.03
CA VAL J 109 55.80 -38.13 14.26
C VAL J 109 57.03 -38.23 15.19
N SER J 110 57.73 -39.37 15.13
CA SER J 110 58.94 -39.60 15.92
C SER J 110 60.15 -38.91 15.26
N ABU K . 16.85 21.42 -9.59
CD ABU K . 15.82 22.42 -9.36
CB ABU K . 16.19 23.77 -9.94
CG ABU K . 15.22 24.88 -9.56
C ABU K . 15.42 25.52 -8.23
O ABU K . 14.96 26.74 -8.18
OXT ABU K . 15.93 24.98 -7.26
O1 MES L . 28.99 24.56 -3.00
C2 MES L . 28.82 23.86 -1.75
C3 MES L . 30.14 23.40 -1.19
N4 MES L . 30.86 22.54 -2.19
C5 MES L . 31.02 23.30 -3.48
C6 MES L . 29.66 23.76 -3.97
C7 MES L . 32.16 21.96 -1.70
C8 MES L . 32.60 20.72 -2.46
S MES L . 33.85 19.77 -1.65
O1S MES L . 35.10 20.03 -2.35
O2S MES L . 33.88 20.22 -0.26
O3S MES L . 33.44 18.37 -1.76
C1 GOL M . 26.33 -0.88 -8.67
O1 GOL M . 26.65 0.49 -8.84
C2 GOL M . 26.12 -1.50 -10.03
O2 GOL M . 27.26 -1.18 -10.82
C3 GOL M . 25.95 -2.99 -9.94
O3 GOL M . 25.80 -3.55 -11.23
CA CA N . 13.72 -10.44 -21.00
N ABU O . -4.17 26.07 11.57
CD ABU O . -5.30 26.27 12.47
CB ABU O . -4.91 26.22 13.93
CG ABU O . -6.08 26.41 14.88
C ABU O . -5.75 26.08 16.32
O ABU O . -4.82 26.57 16.92
OXT ABU O . -6.56 25.20 16.84
O1 MES P . 6.80 33.55 16.60
C2 MES P . 7.84 32.62 16.94
C3 MES P . 9.21 33.26 16.81
N4 MES P . 9.40 33.79 15.42
C5 MES P . 8.29 34.74 15.10
C6 MES P . 6.96 34.05 15.26
C7 MES P . 10.78 34.40 15.19
C8 MES P . 11.16 34.40 13.75
S MES P . 12.95 34.59 13.49
O1S MES P . 13.18 34.28 12.09
O2S MES P . 13.25 35.98 13.81
O3S MES P . 13.58 33.66 14.41
C1 GOL Q . 11.59 23.52 -8.95
O1 GOL Q . 10.98 24.63 -9.59
C2 GOL Q . 12.22 23.91 -7.64
O2 GOL Q . 11.24 24.55 -6.82
C3 GOL Q . 12.75 22.68 -6.92
O3 GOL Q . 14.16 22.69 -6.69
O1 PG4 R . 5.07 19.01 1.86
C1 PG4 R . 6.38 19.51 2.01
C2 PG4 R . 6.50 20.44 3.19
O2 PG4 R . 5.69 21.60 2.97
C3 PG4 R . 5.26 22.22 4.17
C4 PG4 R . 6.28 23.19 4.69
O3 PG4 R . 6.21 23.31 6.12
C5 PG4 R . 6.98 22.33 6.81
C6 PG4 R . 8.23 22.94 7.39
O4 PG4 R . 8.95 21.98 8.14
C7 PG4 R . 10.08 21.44 7.44
C8 PG4 R . 10.80 20.47 8.31
O5 PG4 R . 11.90 19.86 7.62
CA CA S . -0.08 16.71 -21.37
C2 UMQ T . -12.22 13.05 -31.10
C4 UMQ T . -10.81 14.51 -32.59
C5 UMQ T . -10.12 13.23 -33.10
C6 UMQ T . -8.66 13.44 -33.43
O2 UMQ T . -13.54 12.62 -30.78
O4 UMQ T . -10.83 15.51 -33.62
C1 UMQ T . -11.43 11.84 -31.63
C3 UMQ T . -12.22 14.20 -32.11
O1 UMQ T . -12.17 11.18 -32.64
O3 UMQ T . -12.82 15.34 -31.52
O5 UMQ T . -10.14 12.22 -32.08
O6 UMQ T . -7.96 13.66 -32.22
C1' UMQ T . -13.05 7.49 -33.98
C2' UMQ T . -12.45 7.48 -32.59
C3' UMQ T . -12.38 8.90 -32.06
C4' UMQ T . -11.74 9.87 -33.06
C5' UMQ T . -12.15 9.65 -34.52
C6' UMQ T . -11.16 10.27 -35.48
O1' UMQ T . -13.13 6.18 -34.45
O3' UMQ T . -11.63 8.91 -30.85
O5' UMQ T . -12.22 8.25 -34.84
O6' UMQ T . -11.65 10.40 -36.81
O2' UMQ T . -13.24 6.68 -31.72
CA UMQ T . -14.45 5.74 -34.71
CB UMQ T . -14.42 4.64 -35.74
CC UMQ T . -15.82 4.19 -36.18
CD UMQ T . -15.85 3.29 -37.42
CF UMQ T . -17.26 2.96 -37.89
CG UMQ T . -17.35 2.08 -39.13
CH UMQ T . -18.64 1.28 -39.22
CI UMQ T . -19.27 1.22 -40.61
CJ UMQ T . -20.29 0.11 -40.79
C2 UMQ U . -33.10 11.63 -6.21
C4 UMQ U . -33.12 14.13 -6.62
C5 UMQ U . -32.47 13.85 -7.99
C6 UMQ U . -31.53 14.95 -8.46
O2 UMQ U . -33.91 10.48 -5.95
O4 UMQ U . -33.95 15.29 -6.72
C1 UMQ U . -32.42 11.46 -7.56
C3 UMQ U . -33.92 12.92 -6.15
O1 UMQ U . -33.37 11.06 -8.54
O3 UMQ U . -34.33 13.12 -4.80
O5 UMQ U . -31.69 12.63 -7.93
O6 UMQ U . -30.65 15.39 -7.42
C1' UMQ U . -33.28 9.80 -12.43
C2' UMQ U . -31.90 10.02 -11.83
C3' UMQ U . -32.01 10.21 -10.32
C4' UMQ U . -33.07 11.24 -9.95
C5' UMQ U . -34.38 11.04 -10.73
C6' UMQ U . -35.36 12.20 -10.61
O1' UMQ U . -33.09 9.58 -13.80
O3' UMQ U . -30.73 10.62 -9.82
O5' UMQ U . -34.11 10.91 -12.14
O6' UMQ U . -35.66 12.54 -9.26
O2' UMQ U . -31.18 8.81 -12.10
CA UMQ U . -34.28 9.23 -14.51
CB UMQ U . -33.93 8.25 -15.59
CC UMQ U . -34.68 8.54 -16.88
CD UMQ U . -35.47 7.36 -17.43
CF UMQ U . -36.31 7.69 -18.65
CG UMQ U . -37.40 6.68 -18.94
CH UMQ U . -37.92 6.66 -20.36
CI UMQ U . -38.92 5.55 -20.65
CJ UMQ U . -39.23 5.35 -22.12
N ABU V . -5.68 1.53 28.05
CD ABU V . -4.89 0.47 28.66
CB ABU V . -5.64 -0.38 29.67
CG ABU V . -5.02 -1.77 29.89
C ABU V . -3.68 -1.87 30.57
O ABU V . -3.05 -0.73 30.74
OXT ABU V . -3.21 -2.94 30.91
O1 MES W . 2.06 10.15 36.42
C2 MES W . 3.24 10.41 35.66
C3 MES W . 3.85 11.76 36.01
N4 MES W . 2.83 12.84 35.81
C5 MES W . 1.59 12.53 36.59
C6 MES W . 1.07 11.16 36.20
C7 MES W . 3.38 14.21 36.14
C8 MES W . 2.74 15.32 35.31
S MES W . 3.88 16.71 35.06
O1S MES W . 3.26 17.52 34.02
O2S MES W . 3.95 17.40 36.33
O3S MES W . 5.14 16.13 34.65
C1 GOL X . -8.73 22.73 14.08
O1 GOL X . -8.82 23.27 12.76
C2 GOL X . -7.39 22.98 14.71
O2 GOL X . -7.27 22.18 15.89
C3 GOL X . -6.25 22.70 13.75
O3 GOL X . -4.94 22.83 14.34
O1 PG4 Y . -13.79 -3.80 29.42
C1 PG4 Y . -13.92 -4.42 28.14
C2 PG4 Y . -14.99 -3.78 27.31
O2 PG4 Y . -14.49 -2.58 26.72
C3 PG4 Y . -15.01 -2.34 25.42
C4 PG4 Y . -13.93 -2.41 24.39
O3 PG4 Y . -14.46 -2.09 23.11
C5 PG4 Y . -13.46 -2.09 22.10
C6 PG4 Y . -13.96 -1.34 20.91
O4 PG4 Y . -14.30 -2.20 19.82
C7 PG4 Y . -15.65 -2.05 19.38
C8 PG4 Y . -15.77 -0.91 18.41
O5 PG4 Y . -16.41 0.22 19.00
CA CA Z . -20.76 17.28 1.29
C2 UMQ AA . -29.77 -17.58 8.40
C4 UMQ AA . -31.57 -17.16 10.16
C5 UMQ AA . -32.13 -16.08 9.24
C6 UMQ AA . -32.78 -14.90 9.94
O2 UMQ AA . -29.21 -18.55 7.52
O4 UMQ AA . -32.63 -17.79 10.86
C1 UMQ AA . -30.42 -16.48 7.58
C3 UMQ AA . -30.78 -18.20 9.37
O1 UMQ AA . -31.25 -17.04 6.57
O3 UMQ AA . -30.09 -19.09 10.25
O5 UMQ AA . -31.09 -15.54 8.40
O6 UMQ AA . -31.80 -13.99 10.43
C1' UMQ AA . -33.18 -15.74 3.12
C2' UMQ AA . -31.97 -14.90 3.53
C3' UMQ AA . -31.16 -15.64 4.59
C4' UMQ AA . -32.03 -16.16 5.74
C5' UMQ AA . -33.29 -16.87 5.23
C6' UMQ AA . -34.32 -17.17 6.31
O1' UMQ AA . -33.95 -14.97 2.26
O3' UMQ AA . -30.16 -14.75 5.10
O5' UMQ AA . -33.96 -16.06 4.25
O6' UMQ AA . -34.76 -15.98 6.97
O2' UMQ AA . -31.16 -14.65 2.39
CA UMQ AA . -34.45 -15.71 1.13
CB UMQ AA . -35.52 -14.90 0.44
CC UMQ AA . -36.07 -15.59 -0.80
CD UMQ AA . -37.49 -15.18 -1.22
CF UMQ AA . -38.09 -16.08 -2.29
CG UMQ AA . -39.51 -15.70 -2.71
CH UMQ AA . -40.04 -16.47 -3.91
CI UMQ AA . -41.42 -16.02 -4.39
CJ UMQ AA . -41.83 -16.58 -5.74
N ABU BA . 14.23 -17.87 17.67
CD ABU BA . 14.85 -18.97 16.93
CB ABU BA . 16.36 -18.84 16.87
CG ABU BA . 17.03 -19.90 15.99
C ABU BA . 18.50 -19.67 15.76
O ABU BA . 18.89 -20.00 14.56
OXT ABU BA . 19.24 -19.19 16.59
O1 MES CA . 21.17 -12.51 28.59
C2 MES CA . 20.34 -12.98 29.65
C3 MES CA . 19.60 -11.86 30.32
N4 MES CA . 20.56 -10.85 30.85
C5 MES CA . 21.48 -10.38 29.75
C6 MES CA . 22.14 -11.57 29.08
C7 MES CA . 19.86 -9.69 31.53
C8 MES CA . 19.02 -10.11 32.73
S MES CA . 18.46 -8.73 33.69
O1S MES CA . 17.26 -8.23 33.04
O2S MES CA . 19.54 -7.75 33.68
O3S MES CA . 18.20 -9.24 35.02
C1 GOL DA . -5.53 -3.97 26.59
O1 GOL DA . -6.86 -4.44 26.77
C2 GOL DA . -4.55 -4.81 27.37
O2 GOL DA . -4.79 -4.61 28.76
C3 GOL DA . -3.12 -4.44 27.08
O3 GOL DA . -2.93 -3.03 27.08
O1 PG4 EA . 11.93 -0.54 21.14
C1 PG4 EA . 10.96 -1.57 21.37
C2 PG4 EA . 11.59 -2.82 21.90
O2 PG4 EA . 10.82 -3.95 21.50
C3 PG4 EA . 11.42 -5.18 21.88
C4 PG4 EA . 10.57 -6.35 21.46
O3 PG4 EA . 9.77 -6.84 22.54
C5 PG4 EA . 8.89 -7.93 22.20
C6 PG4 EA . 8.10 -7.63 20.97
O4 PG4 EA . 6.75 -8.07 21.03
C7 PG4 EA . 6.10 -8.01 19.77
C8 PG4 EA . 5.38 -6.69 19.59
O5 PG4 EA . 6.16 -5.57 20.01
CA CA FA . -18.86 -9.98 16.12
C ACT GA . 4.26 2.75 15.53
O ACT GA . 3.87 2.32 14.40
OXT ACT GA . 5.29 2.34 16.15
CH3 ACT GA . 3.40 3.84 16.20
N ABU HA . 27.95 -5.40 -5.70
CD ABU HA . 28.38 -4.94 -7.03
CB ABU HA . 29.16 -3.64 -6.96
CG ABU HA . 29.53 -3.08 -8.33
C ABU HA . 30.10 -1.69 -8.27
O ABU HA . 29.73 -0.91 -9.25
OXT ABU HA . 30.82 -1.32 -7.37
O1 MES IA . 37.59 -4.09 4.29
C2 MES IA . 37.02 -3.28 5.34
C3 MES IA . 37.64 -3.59 6.68
N4 MES IA . 37.49 -5.05 7.00
C5 MES IA . 38.08 -5.86 5.89
C6 MES IA . 37.44 -5.49 4.57
C7 MES IA . 37.99 -5.44 8.37
C8 MES IA . 37.24 -6.67 8.97
S MES IA . 37.24 -6.69 10.70
O1S MES IA . 36.83 -5.36 11.16
O2S MES IA . 36.28 -7.73 11.10
O3S MES IA . 38.60 -7.01 11.13
C1 GOL JA . 16.68 -18.46 12.41
O1 GOL JA . 18.08 -18.21 12.24
C2 GOL JA . 16.33 -19.84 11.89
O2 GOL JA . 17.11 -20.80 12.58
C3 GOL JA . 14.86 -20.18 12.04
O3 GOL JA . 14.54 -21.39 11.37
C1 GOL KA . 33.77 -1.71 -6.46
O1 GOL KA . 34.38 -0.77 -7.33
C2 GOL KA . 34.17 -1.49 -5.02
O2 GOL KA . 33.01 -1.51 -4.17
C3 GOL KA . 35.18 -2.50 -4.50
O3 GOL KA . 36.13 -2.87 -5.48
O1 PG4 LA . 19.07 -8.44 6.13
C1 PG4 LA . 19.12 -8.18 4.73
C2 PG4 LA . 20.18 -9.02 4.02
O2 PG4 LA . 21.38 -9.07 4.79
C3 PG4 LA . 22.18 -7.90 4.70
C4 PG4 LA . 23.17 -7.82 5.80
O3 PG4 LA . 23.58 -6.47 5.96
C5 PG4 LA . 23.96 -6.17 7.28
C6 PG4 LA . 24.31 -4.72 7.39
O4 PG4 LA . 23.17 -3.95 7.73
C7 PG4 LA . 23.35 -3.21 8.93
C8 PG4 LA . 22.33 -3.62 9.94
O5 PG4 LA . 22.21 -2.66 10.98
CA CA MA . 1.52 -26.31 2.91
C ACT NA . 11.75 -3.61 10.69
O ACT NA . 11.03 -3.66 9.65
OXT ACT NA . 12.94 -3.16 10.73
CH3 ACT NA . 11.16 -4.19 12.01
C2 UMQ OA . 3.58 -15.07 -32.94
C4 UMQ OA . 5.91 -15.83 -32.26
C5 UMQ OA . 5.24 -16.87 -31.35
C6 UMQ OA . 6.02 -17.25 -30.10
O2 UMQ OA . 2.66 -14.96 -34.02
O4 UMQ OA . 7.13 -16.34 -32.79
C1 UMQ OA . 3.03 -16.04 -31.89
C3 UMQ OA . 4.97 -15.48 -33.42
O1 UMQ OA . 2.51 -17.21 -32.50
O3 UMQ OA . 5.55 -14.42 -34.18
O5 UMQ OA . 3.98 -16.34 -30.88
O6 UMQ OA . 7.40 -17.49 -30.30
C1' UMQ OA . -0.73 -19.31 -31.45
C2' UMQ OA . -0.16 -18.58 -30.26
C3' UMQ OA . 0.89 -17.60 -30.74
C4' UMQ OA . 1.93 -18.24 -31.67
C5' UMQ OA . 1.41 -19.37 -32.57
C6' UMQ OA . 2.48 -20.42 -32.86
O1' UMQ OA . -1.82 -20.06 -31.01
O3' UMQ OA . 1.53 -17.05 -29.61
O5' UMQ OA . 0.29 -20.10 -32.03
O6' UMQ OA . 3.79 -19.86 -32.94
O2' UMQ OA . -1.21 -17.86 -29.63
CA UMQ OA . -2.44 -20.85 -32.01
CB UMQ OA . -3.91 -20.98 -31.71
CC UMQ OA . -4.48 -22.28 -32.23
CD UMQ OA . -5.85 -22.18 -32.85
CF UMQ OA . -6.35 -23.45 -33.53
CG UMQ OA . -7.50 -23.23 -34.49
CH UMQ OA . -8.14 -24.50 -35.00
CI UMQ OA . -9.37 -24.27 -35.89
CJ UMQ OA . -10.04 -25.56 -36.35
C2 UMQ PA . -8.37 -33.23 -7.68
C4 UMQ PA . -7.01 -35.29 -7.21
C5 UMQ PA . -8.21 -35.83 -6.40
C6 UMQ PA . -7.82 -36.68 -5.21
O2 UMQ PA . -8.88 -32.40 -8.71
O4 UMQ PA . -6.30 -36.36 -7.83
C1 UMQ PA . -9.50 -33.81 -6.83
C3 UMQ PA . -7.49 -34.33 -8.28
O1 UMQ PA . -10.51 -34.33 -7.66
O3 UMQ PA . -6.40 -33.73 -8.97
O5 UMQ PA . -9.01 -34.75 -5.88
O6 UMQ PA . -7.50 -35.88 -4.08
C1' UMQ PA . -14.31 -33.69 -9.01
C2' UMQ PA . -13.51 -32.42 -8.82
C3' UMQ PA . -12.05 -32.76 -8.60
C4' UMQ PA . -11.85 -33.80 -7.50
C5' UMQ PA . -12.83 -34.98 -7.62
C6' UMQ PA . -12.92 -35.85 -6.38
O1' UMQ PA . -15.65 -33.34 -9.20
O3' UMQ PA . -11.38 -31.57 -8.22
O5' UMQ PA . -14.17 -34.50 -7.86
O6' UMQ PA . -11.65 -36.34 -5.94
O2' UMQ PA . -13.64 -31.56 -9.96
CA UMQ PA . -16.18 -33.72 -10.47
CB UMQ PA . -17.62 -33.34 -10.58
CC UMQ PA . -18.58 -34.27 -9.83
CD UMQ PA . -20.01 -34.27 -10.36
CF UMQ PA . -20.28 -35.27 -11.48
CG UMQ PA . -21.71 -35.26 -12.01
CH UMQ PA . -21.88 -35.93 -13.36
CI UMQ PA . -23.19 -35.61 -14.07
CJ UMQ PA . -23.37 -36.30 -15.41
#